data_8WMU
#
_entry.id   8WMU
#
_cell.length_a   104.572
_cell.length_b   157.618
_cell.length_c   179.348
_cell.angle_alpha   90.000
_cell.angle_beta   90.000
_cell.angle_gamma   90.000
#
_symmetry.space_group_name_H-M   'P 21 21 21'
#
loop_
_entity.id
_entity.type
_entity.pdbx_description
1 polymer 'Detyrosinated tubulin alpha-1B chain'
2 polymer 'Tubulin beta chain'
3 polymer Stathmin-4
4 polymer 'Tubulin--tyrosine ligase'
5 non-polymer "GUANOSINE-5'-TRIPHOSPHATE"
6 non-polymer 'MAGNESIUM ION'
7 non-polymer 'CALCIUM ION'
8 non-polymer GLYCEROL
9 non-polymer DI(HYDROXYETHYL)ETHER
10 non-polymer "GUANOSINE-5'-DIPHOSPHATE"
11 non-polymer '2-(N-MORPHOLINO)-ETHANESULFONIC ACID'
12 non-polymer (5~{S},5~{a}~{S},8~{a}~{R},9~{R})-5-(quinolin-6-ylamino)-9-(3,4,5-trimethoxyphenyl)-5~{a},6,8~{a},9-tetrahydro-5~{H}-[2]benzofuro[6,5-f][1,3]benzodioxol-8-one
13 non-polymer 1,2-ETHANEDIOL
14 non-polymer 'PHOSPHOMETHYLPHOSPHONIC ACID ADENYLATE ESTER'
15 water water
#
loop_
_entity_poly.entity_id
_entity_poly.type
_entity_poly.pdbx_seq_one_letter_code
_entity_poly.pdbx_strand_id
1 'polypeptide(L)'
;MRECISIHVGQAGVQIGNACWELYCLEHGIQPDGQMPSDKTIGGGDDSFNTFFSETGAGKHVPRAVFVDLEPTVIDEVRT
GTYRQLFHPEQLITGKEDAANNYARGHYTIGKEIIDLVLDRIRKLADQCTGLQGFLVFHSFGGGTGSGFTSLLMERLSVD
YGKKSKLEFSIYPAPQVSTAVVEPYNSILTTHTTLEHSDCAFMVDNEAIYDICRRNLDIERPTYTNLNRLISQIVSSITA
SLRFDGALNVDLTEFQTNLVPYPRIHFPLATYAPVISAEKAYHEQLSVAEITNACFEPANQMVKCDPRHGKYMACCLLYR
GDVVPKDVNAAIATIKTKRSIQFVDWCPTGFKVGINYQPPTVVPGGDLAKVQRAVCMLSNTTAIAEAWARLDHKFDLMYA
KRAFVHWYVGEGMEEGEFSEAREDMAALEKDYEEVGVDSV
;
A,C
2 'polypeptide(L)'
;MREIVHIQAGQCGNQIGAKFWEVISDEHGIDPTGSYHGDSDLQLERINVYYNEATGNKYVPRAILVDLEPGTMDSVRSGP
FGQIFRPDNFVFGQSGAGNNWAKGHYTEGAELVDSVLDVVRKESESCDCLQGFQLTHSLGGGTGSGMGTLLISKIREEYP
DRIMNTFSVMPSPKVSDTVVEPYNATLSVHQLVENTDETYCIDNEALYDICFRTLKLTTPTYGDLNHLVSATMSGVTTCL
RFPGQLNADLRKLAVNMVPFPRLHFFMPGFAPLTSRGSQQYRALTVPELTQQMFDSKNMMAACDPRHGRYLTVAAIFRGR
MSMKEVDEQMLNVQNKNSSYFVEWIPNNVKTAVCDIPPRGLKMSATFIGNSTAIQELFKRISEQFTAMFRRKAFLHWYTG
EGMDEMEFTEAESNMNDLVSEYQQYQDATAD
;
B,D
3 'polypeptide(L)'
;MEVIELNKCTSGQSFEVILKPPSFDGVPEFNASLPRRRDPSLEEIQKKLEAAEERRKYQEAELLKHLAEKREHEREVIQK
AIEENNNFIKMAKEKLAQKMESNKENREAHLAAMLERLQEKDKHAEEVRKNKELKEEA
;
E
4 'polypeptide(L)'
;MYTFVVRDENSSVYAEVSRLLLATGQWKRLRKDNPRFNLMLGERNRLPFGRLGHEPGLVQLVNYYRGADKLCRKASLVKL
IKTSPELSESCTWFPESYVIYPTNLKTPVAPAQNGIRHLINNTRTDEREVFLAAYNRRREGREGNVWIAKSSAGAKGEGI
LISSEASELLDFIDEQGQVHVIQKYLEKPLLLEPGHRKFDIRSWVLVDHLYNIYLYREGVLRTSSEPYNSANFQDKTCHL
TNHCIQKEYSKNYGRYEEGNEMFFEEFNQYLMDALNTTLENSILLQIKHIIRSCLMCIEPAISTKHLHYQSFQLFGFDFM
VDEELKVWLIEVNGAPACAQKLYAELCQGIVDVAISSVFPLADTGQKTSQPTSIFIKLHH
;
F
#
# COMPACT_ATOMS: atom_id res chain seq x y z
N MET A 1 39.95 40.66 47.36
CA MET A 1 38.74 40.36 46.57
C MET A 1 39.02 39.21 45.59
N ARG A 2 38.17 38.18 45.67
CA ARG A 2 38.28 36.99 44.82
C ARG A 2 37.08 36.92 43.87
N GLU A 3 37.37 36.69 42.59
CA GLU A 3 36.39 36.72 41.51
C GLU A 3 35.60 35.42 41.37
N CYS A 4 34.35 35.54 40.91
CA CYS A 4 33.51 34.39 40.61
C CYS A 4 33.09 34.40 39.15
N ILE A 5 33.32 33.29 38.45
CA ILE A 5 32.93 33.16 37.04
C ILE A 5 31.63 32.36 36.94
N SER A 6 30.67 32.91 36.22
CA SER A 6 29.37 32.29 36.02
C SER A 6 29.35 31.63 34.65
N ILE A 7 28.87 30.38 34.61
CA ILE A 7 28.74 29.63 33.37
C ILE A 7 27.28 29.23 33.17
N HIS A 8 26.68 29.69 32.07
CA HIS A 8 25.30 29.37 31.73
C HIS A 8 25.26 28.43 30.52
N VAL A 9 24.66 27.26 30.70
CA VAL A 9 24.76 26.17 29.74
C VAL A 9 23.36 25.75 29.31
N GLY A 10 23.10 25.77 28.00
CA GLY A 10 21.83 25.31 27.49
C GLY A 10 20.74 26.35 27.65
N GLN A 11 19.54 26.01 27.18
CA GLN A 11 18.47 27.00 27.18
C GLN A 11 18.14 27.45 28.60
N ALA A 12 17.92 26.49 29.51
CA ALA A 12 17.51 26.85 30.86
C ALA A 12 18.58 27.70 31.55
N GLY A 13 19.84 27.29 31.42
CA GLY A 13 20.93 28.06 31.99
C GLY A 13 21.08 29.43 31.39
N VAL A 14 20.93 29.56 30.07
CA VAL A 14 21.14 30.86 29.43
C VAL A 14 20.01 31.82 29.76
N GLN A 15 18.76 31.36 29.70
CA GLN A 15 17.66 32.27 29.98
C GLN A 15 17.60 32.63 31.46
N ILE A 16 17.89 31.67 32.34
CA ILE A 16 17.99 31.98 33.76
C ILE A 16 19.18 32.89 34.00
N GLY A 17 20.30 32.64 33.29
CA GLY A 17 21.43 33.54 33.38
C GLY A 17 21.06 34.95 32.96
N ASN A 18 20.23 35.07 31.94
CA ASN A 18 19.75 36.38 31.51
C ASN A 18 18.95 37.07 32.59
N ALA A 19 18.06 36.32 33.25
CA ALA A 19 17.27 36.91 34.32
C ALA A 19 18.15 37.40 35.47
N CYS A 20 19.17 36.62 35.84
CA CYS A 20 20.02 36.95 36.97
C CYS A 20 20.82 38.22 36.72
N TRP A 21 21.45 38.34 35.54
CA TRP A 21 22.33 39.47 35.30
C TRP A 21 21.53 40.76 35.16
N GLU A 22 20.29 40.69 34.66
CA GLU A 22 19.39 41.84 34.72
C GLU A 22 19.16 42.26 36.17
N LEU A 23 18.91 41.28 37.05
CA LEU A 23 18.68 41.54 38.45
C LEU A 23 19.93 42.08 39.13
N TYR A 24 21.07 41.41 38.93
CA TYR A 24 22.34 41.92 39.46
C TYR A 24 22.56 43.38 39.06
N CYS A 25 22.34 43.70 37.78
CA CYS A 25 22.54 45.07 37.31
C CYS A 25 21.64 46.05 38.05
N LEU A 26 20.35 45.74 38.16
CA LEU A 26 19.46 46.61 38.91
C LEU A 26 19.87 46.70 40.37
N GLU A 27 20.39 45.61 40.93
CA GLU A 27 20.71 45.65 42.35
C GLU A 27 21.94 46.50 42.62
N HIS A 28 22.85 46.58 41.64
CA HIS A 28 24.11 47.28 41.79
C HIS A 28 24.09 48.63 41.11
N GLY A 29 22.97 49.02 40.53
CA GLY A 29 22.93 50.28 39.83
C GLY A 29 23.75 50.35 38.56
N ILE A 30 23.99 49.22 37.90
CA ILE A 30 24.70 49.18 36.62
C ILE A 30 23.67 49.30 35.50
N GLN A 31 23.88 50.24 34.58
CA GLN A 31 22.96 50.48 33.48
C GLN A 31 23.16 49.45 32.37
N PRO A 32 22.19 49.30 31.48
CA PRO A 32 22.31 48.30 30.40
C PRO A 32 23.56 48.48 29.55
N ASP A 33 24.12 49.68 29.49
CA ASP A 33 25.35 49.94 28.75
C ASP A 33 26.60 49.57 29.53
N GLY A 34 26.45 49.18 30.80
CA GLY A 34 27.56 48.78 31.62
C GLY A 34 28.12 49.88 32.49
N GLN A 35 27.53 51.07 32.48
CA GLN A 35 28.04 52.21 33.21
C GLN A 35 27.46 52.21 34.62
N MET A 36 28.32 52.50 35.61
CA MET A 36 27.92 52.49 37.01
C MET A 36 28.31 53.82 37.66
N PRO A 37 27.41 54.81 37.62
CA PRO A 37 27.71 56.13 38.21
C PRO A 37 28.31 56.08 39.61
N SER A 38 27.78 55.22 40.48
CA SER A 38 28.25 55.16 41.87
C SER A 38 29.70 54.72 41.99
N ASP A 39 30.25 54.02 40.98
CA ASP A 39 31.60 53.47 41.08
C ASP A 39 32.58 54.61 40.78
N LYS A 40 33.12 55.19 41.84
CA LYS A 40 34.06 56.29 41.69
C LYS A 40 35.47 55.83 41.28
N THR A 41 35.82 54.57 41.49
CA THR A 41 37.07 54.03 40.96
C THR A 41 36.80 53.58 39.52
N ILE A 42 37.28 54.37 38.55
CA ILE A 42 37.04 54.12 37.13
C ILE A 42 38.09 53.15 36.62
N GLY A 43 37.67 52.19 35.80
CA GLY A 43 38.64 51.29 35.22
C GLY A 43 39.18 50.23 36.15
N GLY A 44 38.71 50.18 37.39
CA GLY A 44 39.17 49.15 38.29
C GLY A 44 38.53 49.30 39.65
N GLY A 45 39.05 48.53 40.59
CA GLY A 45 38.59 48.52 41.96
C GLY A 45 38.59 47.10 42.48
N ASP A 46 38.53 46.97 43.81
CA ASP A 46 38.40 45.65 44.43
C ASP A 46 37.20 45.59 45.37
N ASP A 47 36.15 46.35 45.08
CA ASP A 47 34.92 46.30 45.85
C ASP A 47 34.28 44.91 45.79
N SER A 48 33.25 44.72 46.62
CA SER A 48 32.58 43.44 46.64
C SER A 48 31.82 43.16 45.34
N PHE A 49 31.28 44.18 44.68
CA PHE A 49 30.57 43.87 43.45
C PHE A 49 31.52 43.48 42.33
N ASN A 50 32.83 43.68 42.50
CA ASN A 50 33.82 43.29 41.51
C ASN A 50 34.07 41.79 41.52
N THR A 51 33.42 41.07 42.43
CA THR A 51 33.43 39.61 42.38
C THR A 51 32.73 39.12 41.11
N PHE A 52 31.75 39.87 40.63
CA PHE A 52 30.94 39.45 39.49
C PHE A 52 31.12 40.31 38.25
N PHE A 53 31.66 41.53 38.39
CA PHE A 53 31.83 42.44 37.27
C PHE A 53 33.27 42.91 37.21
N SER A 54 33.87 42.85 36.03
CA SER A 54 35.12 43.55 35.74
C SER A 54 34.82 44.94 35.17
N GLU A 55 35.88 45.76 35.02
CA GLU A 55 35.71 47.12 34.56
C GLU A 55 36.63 47.43 33.38
N THR A 56 36.11 48.22 32.43
CA THR A 56 36.91 48.76 31.34
C THR A 56 37.28 50.22 31.61
N GLY A 57 38.36 50.66 30.96
CA GLY A 57 38.82 52.02 31.10
C GLY A 57 37.73 53.03 30.78
N ALA A 58 36.76 52.62 29.97
CA ALA A 58 35.59 53.44 29.67
C ALA A 58 34.53 53.38 30.76
N GLY A 59 34.79 52.68 31.85
CA GLY A 59 33.83 52.64 32.94
C GLY A 59 32.75 51.59 32.78
N LYS A 60 32.94 50.64 31.87
CA LYS A 60 31.95 49.61 31.59
C LYS A 60 32.17 48.46 32.56
N HIS A 61 31.08 47.99 33.17
CA HIS A 61 31.12 46.89 34.13
C HIS A 61 30.63 45.62 33.44
N VAL A 62 31.51 44.63 33.33
CA VAL A 62 31.30 43.50 32.43
C VAL A 62 31.10 42.24 33.25
N PRO A 63 30.01 41.52 33.06
CA PRO A 63 29.82 40.27 33.81
C PRO A 63 30.95 39.29 33.54
N ARG A 64 31.42 38.64 34.61
CA ARG A 64 32.35 37.52 34.49
C ARG A 64 31.54 36.27 34.18
N ALA A 65 30.99 36.25 32.96
CA ALA A 65 29.98 35.27 32.59
C ALA A 65 30.30 34.68 31.22
N VAL A 66 29.97 33.40 31.08
CA VAL A 66 30.08 32.68 29.82
C VAL A 66 28.72 32.03 29.56
N PHE A 67 28.13 32.32 28.41
CA PHE A 67 26.89 31.69 27.97
C PHE A 67 27.25 30.72 26.87
N VAL A 68 26.91 29.45 27.05
CA VAL A 68 27.23 28.45 26.05
C VAL A 68 25.97 27.62 25.77
N ASP A 69 25.62 27.52 24.49
CA ASP A 69 24.53 26.69 24.01
C ASP A 69 24.95 26.08 22.68
N LEU A 70 24.58 24.82 22.47
CA LEU A 70 24.88 24.06 21.26
C LEU A 70 24.01 24.44 20.07
N GLU A 71 23.26 25.54 20.18
CA GLU A 71 22.29 25.97 19.19
C GLU A 71 22.20 27.48 19.35
N PRO A 72 21.90 28.23 18.31
CA PRO A 72 22.05 29.69 18.40
C PRO A 72 20.86 30.49 18.88
N THR A 73 19.63 29.95 18.82
CA THR A 73 18.48 30.84 18.88
C THR A 73 18.35 31.53 20.24
N VAL A 74 18.79 30.88 21.32
CA VAL A 74 18.64 31.44 22.66
C VAL A 74 19.72 32.49 22.96
N ILE A 75 20.99 32.16 22.70
CA ILE A 75 22.05 33.13 22.97
C ILE A 75 21.93 34.31 22.04
N ASP A 76 21.44 34.09 20.81
CA ASP A 76 21.20 35.19 19.88
C ASP A 76 20.28 36.24 20.49
N GLU A 77 19.35 35.82 21.36
CA GLU A 77 18.47 36.78 22.00
C GLU A 77 19.23 37.66 22.98
N VAL A 78 20.25 37.10 23.64
CA VAL A 78 21.13 37.92 24.47
C VAL A 78 21.88 38.94 23.61
N ARG A 79 22.42 38.49 22.46
CA ARG A 79 23.21 39.36 21.59
C ARG A 79 22.42 40.56 21.09
N THR A 80 21.11 40.42 20.93
CA THR A 80 20.29 41.52 20.45
C THR A 80 19.33 42.03 21.52
N GLY A 81 19.48 41.61 22.76
CA GLY A 81 18.55 41.99 23.81
C GLY A 81 18.88 43.34 24.39
N THR A 82 18.09 43.73 25.40
CA THR A 82 18.28 45.03 26.05
C THR A 82 19.63 45.12 26.76
N TYR A 83 20.24 43.99 27.10
CA TYR A 83 21.52 44.00 27.80
C TYR A 83 22.67 43.63 26.89
N ARG A 84 22.48 43.75 25.57
CA ARG A 84 23.51 43.33 24.63
C ARG A 84 24.84 44.04 24.89
N GLN A 85 24.82 45.33 25.21
CA GLN A 85 26.07 46.06 25.37
C GLN A 85 26.89 45.54 26.55
N LEU A 86 26.26 44.81 27.47
CA LEU A 86 26.93 44.36 28.68
C LEU A 86 27.95 43.27 28.40
N PHE A 87 27.67 42.39 27.43
CA PHE A 87 28.49 41.20 27.25
C PHE A 87 29.44 41.35 26.07
N HIS A 88 30.62 40.73 26.20
CA HIS A 88 31.58 40.62 25.12
C HIS A 88 31.14 39.55 24.14
N PRO A 89 31.38 39.74 22.86
CA PRO A 89 31.07 38.67 21.91
C PRO A 89 31.75 37.35 22.28
N GLU A 90 32.98 37.38 22.77
CA GLU A 90 33.68 36.14 23.09
C GLU A 90 33.05 35.38 24.27
N GLN A 91 32.20 36.04 25.07
CA GLN A 91 31.51 35.41 26.21
C GLN A 91 30.28 34.62 25.79
N LEU A 92 29.81 34.77 24.56
CA LEU A 92 28.62 34.08 24.06
C LEU A 92 29.06 33.07 23.01
N ILE A 93 28.84 31.79 23.29
CA ILE A 93 29.34 30.68 22.48
C ILE A 93 28.17 29.80 22.06
N THR A 94 27.98 29.63 20.74
CA THR A 94 26.90 28.83 20.19
C THR A 94 27.44 27.81 19.20
N GLY A 95 26.92 26.58 19.29
CA GLY A 95 27.10 25.59 18.24
C GLY A 95 26.12 25.83 17.10
N LYS A 96 25.94 24.80 16.27
CA LYS A 96 25.02 24.88 15.14
C LYS A 96 23.78 24.02 15.33
N GLU A 97 23.96 22.77 15.74
CA GLU A 97 22.86 21.85 15.97
C GLU A 97 22.97 21.37 17.41
N ASP A 98 21.82 21.30 18.11
CA ASP A 98 21.83 21.04 19.53
C ASP A 98 21.89 19.54 19.80
N ALA A 99 21.69 19.16 21.06
CA ALA A 99 21.82 17.77 21.49
C ALA A 99 20.52 16.99 21.44
N ALA A 100 19.46 17.56 20.86
CA ALA A 100 18.21 16.84 20.66
C ALA A 100 17.72 16.12 21.91
N ASN A 101 17.81 16.78 23.06
CA ASN A 101 17.36 16.26 24.35
C ASN A 101 18.03 14.95 24.73
N ASN A 102 19.28 14.74 24.27
CA ASN A 102 19.99 13.47 24.39
C ASN A 102 21.29 13.69 25.15
N TYR A 103 21.37 13.18 26.39
CA TYR A 103 22.59 13.35 27.17
C TYR A 103 23.84 12.93 26.40
N ALA A 104 23.76 11.79 25.69
CA ALA A 104 24.93 11.26 25.01
C ALA A 104 25.36 12.15 23.86
N ARG A 105 24.38 12.70 23.14
CA ARG A 105 24.71 13.63 22.05
C ARG A 105 25.38 14.89 22.59
N GLY A 106 24.95 15.35 23.76
CA GLY A 106 25.52 16.54 24.37
C GLY A 106 26.88 16.30 25.01
N HIS A 107 27.03 15.18 25.72
CA HIS A 107 28.29 14.84 26.38
C HIS A 107 29.36 14.35 25.41
N TYR A 108 28.98 13.48 24.48
CA TYR A 108 29.95 12.73 23.68
C TYR A 108 30.09 13.36 22.30
N THR A 109 29.08 13.13 21.45
CA THR A 109 29.16 13.51 20.05
C THR A 109 29.51 14.99 19.87
N ILE A 110 28.68 15.89 20.40
CA ILE A 110 28.87 17.33 20.20
C ILE A 110 29.77 17.98 21.25
N GLY A 111 29.83 17.42 22.47
CA GLY A 111 30.67 18.04 23.46
C GLY A 111 32.14 17.94 23.09
N LYS A 112 32.55 16.80 22.53
CA LYS A 112 33.92 16.67 22.08
C LYS A 112 34.27 17.76 21.05
N GLU A 113 33.31 18.22 20.26
CA GLU A 113 33.60 19.20 19.22
C GLU A 113 33.76 20.62 19.73
N ILE A 114 33.22 20.96 20.89
CA ILE A 114 33.20 22.36 21.33
C ILE A 114 33.85 22.58 22.70
N ILE A 115 34.22 21.52 23.42
CA ILE A 115 34.71 21.68 24.80
C ILE A 115 35.96 22.54 24.84
N ASP A 116 36.89 22.35 23.91
CA ASP A 116 38.12 23.15 23.94
C ASP A 116 37.82 24.62 23.69
N LEU A 117 36.86 24.92 22.80
CA LEU A 117 36.54 26.32 22.58
C LEU A 117 35.96 26.95 23.85
N VAL A 118 35.08 26.23 24.54
CA VAL A 118 34.48 26.78 25.76
C VAL A 118 35.55 26.97 26.82
N LEU A 119 36.39 25.96 27.01
CA LEU A 119 37.46 26.08 27.99
C LEU A 119 38.36 27.26 27.68
N ASP A 120 38.70 27.47 26.40
CA ASP A 120 39.52 28.63 26.06
C ASP A 120 38.84 29.93 26.47
N ARG A 121 37.58 30.13 26.09
CA ARG A 121 36.91 31.37 26.42
C ARG A 121 36.83 31.59 27.94
N ILE A 122 36.73 30.50 28.71
CA ILE A 122 36.76 30.61 30.17
C ILE A 122 38.14 31.03 30.65
N ARG A 123 39.19 30.48 30.03
CA ARG A 123 40.56 30.89 30.36
C ARG A 123 40.73 32.40 30.19
N LYS A 124 40.16 32.97 29.14
CA LYS A 124 40.26 34.43 28.95
C LYS A 124 39.61 35.19 30.12
N LEU A 125 38.60 34.59 30.77
CA LEU A 125 38.04 35.22 31.96
C LEU A 125 38.89 34.93 33.20
N ALA A 126 39.39 33.69 33.32
CA ALA A 126 40.26 33.35 34.45
C ALA A 126 41.54 34.20 34.46
N ASP A 127 42.14 34.40 33.27
CA ASP A 127 43.38 35.17 33.15
C ASP A 127 43.24 36.61 33.63
N GLN A 128 42.01 37.14 33.70
CA GLN A 128 41.76 38.49 34.22
C GLN A 128 41.47 38.49 35.72
N CYS A 129 41.66 37.37 36.40
CA CYS A 129 41.31 37.24 37.81
C CYS A 129 42.59 37.17 38.62
N THR A 130 42.72 38.09 39.59
CA THR A 130 43.88 38.05 40.48
C THR A 130 43.74 36.96 41.54
N GLY A 131 42.51 36.53 41.84
CA GLY A 131 42.29 35.41 42.73
C GLY A 131 40.94 34.75 42.48
N LEU A 132 40.84 33.97 41.40
CA LEU A 132 39.58 33.35 41.01
C LEU A 132 39.21 32.25 42.00
N GLN A 133 38.02 32.34 42.60
CA GLN A 133 37.62 31.36 43.60
C GLN A 133 36.88 30.19 43.01
N GLY A 134 36.22 30.34 41.87
CA GLY A 134 35.53 29.22 41.28
C GLY A 134 34.34 29.66 40.43
N PHE A 135 33.48 28.68 40.16
CA PHE A 135 32.43 28.82 39.17
C PHE A 135 31.05 28.58 39.76
N LEU A 136 30.09 29.30 39.20
CA LEU A 136 28.66 29.04 39.39
C LEU A 136 28.14 28.55 38.05
N VAL A 137 27.59 27.33 38.01
CA VAL A 137 27.17 26.70 36.77
C VAL A 137 25.66 26.54 36.77
N PHE A 138 25.00 27.16 35.79
CA PHE A 138 23.55 27.18 35.63
C PHE A 138 23.14 26.29 34.46
N HIS A 139 22.23 25.35 34.70
CA HIS A 139 21.88 24.39 33.66
C HIS A 139 20.66 23.58 34.07
N SER A 140 19.98 22.98 33.09
CA SER A 140 18.91 22.03 33.39
C SER A 140 19.45 20.60 33.55
N PHE A 141 18.79 19.84 34.41
CA PHE A 141 19.01 18.40 34.47
C PHE A 141 18.56 17.70 33.19
N GLY A 142 17.54 18.24 32.53
CA GLY A 142 16.81 17.46 31.54
C GLY A 142 17.21 17.66 30.09
N GLY A 143 17.76 18.83 29.75
CA GLY A 143 18.15 19.07 28.39
C GLY A 143 19.37 18.28 27.97
N GLY A 144 19.52 18.10 26.65
CA GLY A 144 20.68 17.41 26.11
C GLY A 144 21.99 18.17 26.35
N THR A 145 21.98 19.48 26.07
CA THR A 145 23.13 20.31 26.41
C THR A 145 23.24 20.47 27.92
N GLY A 146 22.14 20.85 28.58
CA GLY A 146 22.19 21.14 29.99
C GLY A 146 22.70 19.98 30.83
N SER A 147 22.40 18.75 30.43
CA SER A 147 22.89 17.62 31.19
C SER A 147 24.24 17.13 30.68
N GLY A 148 24.35 16.91 29.37
CA GLY A 148 25.49 16.22 28.80
C GLY A 148 26.70 17.09 28.65
N PHE A 149 26.55 18.29 28.08
CA PHE A 149 27.72 19.15 28.00
C PHE A 149 28.13 19.67 29.37
N THR A 150 27.18 19.90 30.27
CA THR A 150 27.52 20.39 31.59
C THR A 150 28.45 19.40 32.29
N SER A 151 28.11 18.12 32.27
CA SER A 151 28.94 17.18 33.00
C SER A 151 30.31 17.02 32.35
N LEU A 152 30.41 17.17 31.03
CA LEU A 152 31.73 17.19 30.42
C LEU A 152 32.54 18.41 30.87
N LEU A 153 31.91 19.58 30.88
CA LEU A 153 32.58 20.80 31.35
C LEU A 153 32.99 20.67 32.81
N MET A 154 32.09 20.13 33.64
CA MET A 154 32.40 19.91 35.05
C MET A 154 33.66 19.05 35.20
N GLU A 155 33.73 17.93 34.47
CA GLU A 155 34.93 17.09 34.53
C GLU A 155 36.15 17.88 34.12
N ARG A 156 36.07 18.64 33.03
CA ARG A 156 37.21 19.41 32.56
C ARG A 156 37.58 20.54 33.51
N LEU A 157 36.61 21.17 34.19
CA LEU A 157 36.96 22.24 35.13
C LEU A 157 37.74 21.69 36.33
N SER A 158 37.36 20.50 36.82
CA SER A 158 38.09 19.86 37.91
C SER A 158 39.53 19.57 37.53
N VAL A 159 39.78 19.30 36.23
CA VAL A 159 41.13 19.05 35.77
C VAL A 159 41.90 20.38 35.63
N ASP A 160 41.33 21.35 34.93
CA ASP A 160 42.02 22.59 34.62
C ASP A 160 42.06 23.58 35.77
N TYR A 161 41.22 23.43 36.80
CA TYR A 161 41.12 24.36 37.93
C TYR A 161 40.89 23.59 39.22
N GLY A 162 41.74 22.58 39.46
CA GLY A 162 41.48 21.62 40.52
C GLY A 162 41.19 22.21 41.88
N LYS A 163 41.92 23.26 42.25
CA LYS A 163 41.79 23.83 43.59
C LYS A 163 40.62 24.79 43.71
N LYS A 164 39.75 24.85 42.71
CA LYS A 164 38.66 25.81 42.61
C LYS A 164 37.29 25.19 42.84
N SER A 165 36.43 25.97 43.49
CA SER A 165 35.11 25.56 43.91
C SER A 165 34.10 25.68 42.77
N LYS A 166 33.15 24.77 42.76
CA LYS A 166 32.14 24.69 41.71
C LYS A 166 30.78 24.52 42.38
N LEU A 167 29.90 25.50 42.20
CA LEU A 167 28.52 25.48 42.66
C LEU A 167 27.55 25.31 41.48
N GLU A 168 26.49 24.53 41.66
CA GLU A 168 25.47 24.36 40.63
C GLU A 168 24.15 24.99 41.06
N PHE A 169 23.44 25.54 40.08
CA PHE A 169 21.99 25.77 40.11
C PHE A 169 21.39 24.90 39.01
N SER A 170 20.62 23.90 39.39
CA SER A 170 20.13 22.89 38.45
C SER A 170 18.62 22.92 38.38
N ILE A 171 18.08 23.06 37.17
CA ILE A 171 16.62 22.97 36.95
C ILE A 171 16.24 21.50 36.84
N TYR A 172 15.46 21.04 37.80
CA TYR A 172 14.95 19.70 38.01
C TYR A 172 13.63 19.54 37.24
N PRO A 173 13.42 18.43 36.52
CA PRO A 173 12.37 18.40 35.51
C PRO A 173 10.98 18.20 36.08
N ALA A 174 10.02 18.93 35.50
CA ALA A 174 8.64 18.83 35.90
C ALA A 174 7.75 18.84 34.66
N PRO A 175 6.84 17.88 34.54
CA PRO A 175 5.98 17.83 33.34
C PRO A 175 5.10 19.05 33.18
N GLN A 176 4.81 19.76 34.27
CA GLN A 176 3.99 20.96 34.21
C GLN A 176 4.57 22.03 33.29
N VAL A 177 5.87 22.01 33.03
CA VAL A 177 6.48 23.13 32.32
C VAL A 177 6.93 22.76 30.91
N SER A 178 7.24 21.49 30.65
CA SER A 178 7.82 21.14 29.37
C SER A 178 8.07 19.65 29.27
N THR A 179 9.31 19.27 29.53
CA THR A 179 9.77 17.89 29.66
C THR A 179 9.83 17.09 28.36
N ALA A 180 11.04 16.74 27.94
CA ALA A 180 11.22 15.67 26.97
C ALA A 180 10.91 14.36 27.67
N VAL A 181 10.46 13.37 26.90
CA VAL A 181 10.10 12.12 27.54
C VAL A 181 11.31 11.48 28.24
N VAL A 182 12.52 11.80 27.81
CA VAL A 182 13.73 11.14 28.29
C VAL A 182 14.42 11.91 29.41
N GLU A 183 13.79 12.97 29.93
CA GLU A 183 14.43 13.80 30.93
C GLU A 183 14.83 13.04 32.19
N PRO A 184 14.09 12.02 32.66
CA PRO A 184 14.67 11.17 33.73
C PRO A 184 16.02 10.56 33.36
N TYR A 185 16.18 10.04 32.14
CA TYR A 185 17.48 9.49 31.74
C TYR A 185 18.57 10.54 31.88
N ASN A 186 18.38 11.69 31.24
CA ASN A 186 19.38 12.75 31.27
C ASN A 186 19.65 13.22 32.69
N SER A 187 18.60 13.37 33.49
CA SER A 187 18.79 13.82 34.86
C SER A 187 19.79 12.93 35.61
N ILE A 188 19.58 11.62 35.54
CA ILE A 188 20.41 10.68 36.29
C ILE A 188 21.79 10.53 35.68
N LEU A 189 21.89 10.50 34.35
CA LEU A 189 23.19 10.43 33.73
C LEU A 189 24.08 11.59 34.16
N THR A 190 23.52 12.81 34.22
CA THR A 190 24.34 13.97 34.52
C THR A 190 24.67 14.07 36.00
N THR A 191 23.73 13.66 36.86
CA THR A 191 24.03 13.63 38.28
C THR A 191 25.15 12.64 38.58
N HIS A 192 25.07 11.45 38.00
CA HIS A 192 26.12 10.47 38.27
C HIS A 192 27.48 10.98 37.82
N THR A 193 27.55 11.61 36.65
CA THR A 193 28.84 12.06 36.15
C THR A 193 29.31 13.32 36.87
N THR A 194 28.40 14.15 37.43
CA THR A 194 28.79 15.43 38.02
C THR A 194 29.00 15.37 39.52
N LEU A 195 28.51 14.31 40.19
CA LEU A 195 28.56 14.20 41.64
C LEU A 195 29.97 14.43 42.20
N GLU A 196 30.98 13.79 41.58
CA GLU A 196 32.37 13.93 42.03
C GLU A 196 32.87 15.35 41.90
N HIS A 197 32.28 16.16 41.03
CA HIS A 197 32.92 17.40 40.60
C HIS A 197 32.22 18.65 41.07
N SER A 198 31.20 18.54 41.92
CA SER A 198 30.43 19.70 42.32
C SER A 198 30.50 19.85 43.83
N ASP A 199 30.76 21.06 44.29
CA ASP A 199 30.90 21.20 45.74
C ASP A 199 29.56 21.42 46.46
N CYS A 200 28.64 22.13 45.81
CA CYS A 200 27.33 22.45 46.35
C CYS A 200 26.39 22.68 45.17
N ALA A 201 25.20 22.11 45.22
CA ALA A 201 24.25 22.22 44.12
C ALA A 201 22.88 22.58 44.66
N PHE A 202 22.31 23.64 44.13
CA PHE A 202 20.95 24.09 44.47
C PHE A 202 19.99 23.61 43.39
N MET A 203 19.19 22.60 43.70
CA MET A 203 18.18 22.14 42.78
C MET A 203 16.96 23.06 42.84
N VAL A 204 16.43 23.41 41.68
CA VAL A 204 15.18 24.14 41.60
C VAL A 204 14.19 23.27 40.84
N ASP A 205 13.14 22.80 41.52
CA ASP A 205 12.11 21.97 40.87
C ASP A 205 11.11 22.87 40.14
N ASN A 206 11.05 22.71 38.81
CA ASN A 206 10.15 23.53 38.01
C ASN A 206 8.70 23.42 38.48
N GLU A 207 8.33 22.33 39.16
CA GLU A 207 6.98 22.19 39.67
C GLU A 207 6.75 23.13 40.84
N ALA A 208 7.74 23.29 41.70
CA ALA A 208 7.66 24.25 42.79
C ALA A 208 7.53 25.67 42.26
N ILE A 209 8.35 26.02 41.26
CA ILE A 209 8.30 27.39 40.76
C ILE A 209 6.97 27.67 40.06
N TYR A 210 6.50 26.72 39.24
CA TYR A 210 5.22 26.83 38.56
C TYR A 210 4.09 27.07 39.54
N ASP A 211 4.00 26.24 40.57
CA ASP A 211 2.93 26.35 41.55
C ASP A 211 3.00 27.68 42.32
N ILE A 212 4.19 28.08 42.75
CA ILE A 212 4.30 29.38 43.41
C ILE A 212 3.84 30.48 42.47
N CYS A 213 4.09 30.33 41.17
CA CYS A 213 3.67 31.37 40.23
C CYS A 213 2.16 31.40 40.08
N ARG A 214 1.51 30.23 40.03
CA ARG A 214 0.05 30.21 39.97
C ARG A 214 -0.57 30.67 41.28
N ARG A 215 -0.12 30.08 42.38
CA ARG A 215 -0.78 30.28 43.66
C ARG A 215 -0.52 31.68 44.24
N ASN A 216 0.74 32.17 44.19
CA ASN A 216 1.10 33.42 44.85
C ASN A 216 1.16 34.62 43.93
N LEU A 217 1.22 34.42 42.62
CA LEU A 217 1.22 35.52 41.68
C LEU A 217 -0.01 35.53 40.82
N ASP A 218 -0.89 34.54 40.95
CA ASP A 218 -2.12 34.45 40.16
C ASP A 218 -1.81 34.61 38.67
N ILE A 219 -0.82 33.87 38.23
CA ILE A 219 -0.56 33.68 36.81
C ILE A 219 -1.17 32.35 36.43
N GLU A 220 -2.09 32.38 35.45
CA GLU A 220 -2.86 31.18 35.11
C GLU A 220 -1.96 30.13 34.47
N ARG A 221 -1.24 30.52 33.41
CA ARG A 221 -0.30 29.66 32.69
C ARG A 221 1.06 30.34 32.68
N PRO A 222 1.90 30.07 33.68
CA PRO A 222 3.19 30.75 33.78
C PRO A 222 4.10 30.43 32.60
N THR A 223 4.88 31.45 32.21
CA THR A 223 5.85 31.32 31.13
C THR A 223 7.26 31.18 31.71
N TYR A 224 8.22 30.91 30.82
CA TYR A 224 9.60 30.90 31.24
C TYR A 224 10.00 32.24 31.87
N THR A 225 9.51 33.36 31.32
CA THR A 225 9.89 34.64 31.91
C THR A 225 9.36 34.77 33.32
N ASN A 226 8.11 34.36 33.55
CA ASN A 226 7.60 34.30 34.91
C ASN A 226 8.48 33.43 35.78
N LEU A 227 8.74 32.21 35.32
CA LEU A 227 9.53 31.29 36.11
C LEU A 227 10.92 31.85 36.41
N ASN A 228 11.58 32.44 35.40
CA ASN A 228 12.98 32.79 35.56
C ASN A 228 13.16 34.01 36.47
N ARG A 229 12.27 34.99 36.33
CA ARG A 229 12.33 36.14 37.23
C ARG A 229 12.17 35.71 38.69
N LEU A 230 11.26 34.79 38.96
CA LEU A 230 11.17 34.27 40.32
C LEU A 230 12.45 33.51 40.69
N ILE A 231 12.91 32.63 39.79
CA ILE A 231 14.13 31.86 40.08
C ILE A 231 15.32 32.79 40.32
N SER A 232 15.45 33.83 39.50
CA SER A 232 16.59 34.71 39.65
C SER A 232 16.53 35.50 40.96
N GLN A 233 15.35 35.83 41.45
CA GLN A 233 15.26 36.38 42.81
C GLN A 233 15.91 35.46 43.82
N ILE A 234 15.55 34.16 43.78
CA ILE A 234 16.14 33.20 44.72
C ILE A 234 17.63 33.09 44.49
N VAL A 235 18.06 33.04 43.23
CA VAL A 235 19.49 32.98 42.95
C VAL A 235 20.19 34.22 43.52
N SER A 236 19.58 35.40 43.35
CA SER A 236 20.16 36.61 43.92
C SER A 236 20.30 36.50 45.44
N SER A 237 19.26 35.98 46.11
CA SER A 237 19.35 35.77 47.54
C SER A 237 20.57 34.97 47.89
N ILE A 238 20.83 33.92 47.11
CA ILE A 238 21.91 33.02 47.42
C ILE A 238 23.26 33.65 47.10
N THR A 239 23.37 34.36 45.98
CA THR A 239 24.66 34.90 45.60
C THR A 239 24.95 36.27 46.21
N ALA A 240 24.02 36.85 46.97
CA ALA A 240 24.19 38.24 47.40
C ALA A 240 25.43 38.42 48.27
N SER A 241 25.70 37.45 49.15
CA SER A 241 26.84 37.52 50.07
C SER A 241 28.19 37.55 49.36
N LEU A 242 28.27 37.08 48.13
CA LEU A 242 29.50 37.22 47.36
C LEU A 242 29.63 38.60 46.74
N ARG A 243 28.52 39.31 46.56
CA ARG A 243 28.49 40.55 45.82
C ARG A 243 28.38 41.78 46.72
N PHE A 244 28.20 41.57 48.02
CA PHE A 244 28.02 42.66 48.97
C PHE A 244 28.90 42.45 50.21
N ASP A 245 29.19 43.56 50.88
CA ASP A 245 29.89 43.48 52.15
C ASP A 245 29.10 42.61 53.13
N GLY A 246 29.80 41.74 53.83
CA GLY A 246 29.17 40.84 54.78
C GLY A 246 30.19 39.89 55.35
N ALA A 247 29.73 39.04 56.26
CA ALA A 247 30.57 38.06 56.94
C ALA A 247 30.17 36.62 56.68
N LEU A 248 28.92 36.37 56.27
CA LEU A 248 28.43 35.01 56.06
C LEU A 248 28.42 34.66 54.57
N ASN A 249 29.04 33.53 54.23
CA ASN A 249 29.09 33.03 52.85
C ASN A 249 29.72 34.05 51.89
N VAL A 250 30.95 34.47 52.20
CA VAL A 250 31.59 35.51 51.39
C VAL A 250 32.51 34.94 50.33
N ASP A 251 32.79 33.64 50.37
CA ASP A 251 33.48 32.96 49.29
C ASP A 251 32.83 31.60 49.11
N LEU A 252 33.00 31.05 47.91
CA LEU A 252 32.33 29.79 47.58
C LEU A 252 32.65 28.67 48.57
N THR A 253 33.86 28.65 49.13
CA THR A 253 34.21 27.58 50.06
C THR A 253 33.31 27.56 51.29
N GLU A 254 32.84 28.72 51.70
CA GLU A 254 32.00 28.79 52.88
C GLU A 254 30.65 28.11 52.66
N PHE A 255 30.12 28.10 51.43
CA PHE A 255 28.88 27.38 51.17
C PHE A 255 29.03 25.90 51.53
N GLN A 256 30.15 25.31 51.14
CA GLN A 256 30.40 23.91 51.48
C GLN A 256 30.59 23.76 52.98
N THR A 257 31.43 24.62 53.59
CA THR A 257 31.63 24.59 55.05
C THR A 257 30.33 24.79 55.82
N ASN A 258 29.44 25.65 55.36
CA ASN A 258 28.25 25.85 56.15
C ASN A 258 27.12 24.85 55.86
N LEU A 259 27.02 24.36 54.61
CA LEU A 259 25.87 23.52 54.22
C LEU A 259 26.19 22.06 53.94
N VAL A 260 27.45 21.70 53.68
CA VAL A 260 27.75 20.34 53.21
C VAL A 260 28.80 19.64 54.07
N PRO A 261 28.42 19.03 55.20
CA PRO A 261 29.43 18.31 56.00
C PRO A 261 29.85 17.00 55.36
N TYR A 262 28.93 16.34 54.67
CA TYR A 262 29.17 15.05 54.05
C TYR A 262 29.17 15.29 52.54
N PRO A 263 30.32 15.08 51.87
CA PRO A 263 30.51 15.59 50.49
C PRO A 263 29.49 15.15 49.45
N ARG A 264 29.00 13.90 49.49
CA ARG A 264 28.07 13.51 48.43
C ARG A 264 26.74 14.20 48.57
N ILE A 265 26.29 14.38 49.82
CA ILE A 265 24.99 14.94 50.16
C ILE A 265 25.08 16.46 50.11
N HIS A 266 25.22 17.03 48.92
CA HIS A 266 25.56 18.44 48.76
C HIS A 266 24.46 19.24 48.04
N PHE A 267 23.21 18.90 48.30
CA PHE A 267 22.07 19.57 47.69
C PHE A 267 21.24 20.23 48.78
N PRO A 268 21.53 21.47 49.15
CA PRO A 268 20.70 22.13 50.14
C PRO A 268 19.31 22.43 49.57
N LEU A 269 18.30 22.36 50.42
CA LEU A 269 16.97 22.81 50.04
C LEU A 269 16.83 24.32 50.28
N ALA A 270 16.30 25.03 49.28
CA ALA A 270 16.09 26.46 49.35
C ALA A 270 14.62 26.75 49.54
N THR A 271 14.30 27.63 50.48
CA THR A 271 12.93 28.07 50.72
C THR A 271 12.93 29.58 50.71
N TYR A 272 11.97 30.19 50.01
CA TYR A 272 11.98 31.64 49.81
C TYR A 272 10.63 32.21 50.23
N ALA A 273 10.66 33.39 50.85
CA ALA A 273 9.43 34.08 51.26
C ALA A 273 9.74 35.53 51.54
N PRO A 274 8.84 36.47 51.22
CA PRO A 274 7.48 36.30 50.69
C PRO A 274 7.42 36.51 49.19
N VAL A 275 6.50 35.86 48.50
CA VAL A 275 6.27 36.09 47.09
C VAL A 275 4.87 36.65 46.96
N ILE A 276 4.76 37.90 46.49
CA ILE A 276 3.52 38.65 46.52
C ILE A 276 3.26 39.20 45.13
N SER A 277 2.00 39.06 44.68
CA SER A 277 1.63 39.55 43.36
C SER A 277 1.71 41.06 43.32
N ALA A 278 2.33 41.58 42.25
CA ALA A 278 2.48 43.03 42.09
C ALA A 278 1.14 43.72 41.86
N GLU A 279 0.22 43.05 41.17
CA GLU A 279 -1.08 43.62 40.89
C GLU A 279 -2.03 43.50 42.08
N LYS A 280 -1.70 42.66 43.06
CA LYS A 280 -2.52 42.49 44.26
C LYS A 280 -2.19 43.61 45.25
N GLU A 284 0.17 44.64 52.50
CA GLU A 284 0.16 43.75 53.66
C GLU A 284 1.58 43.27 53.97
N GLN A 285 2.27 43.98 54.87
CA GLN A 285 3.72 43.79 55.04
C GLN A 285 4.00 42.72 56.10
N LEU A 286 4.56 41.59 55.65
CA LEU A 286 4.83 40.48 56.54
C LEU A 286 6.00 40.78 57.47
N SER A 287 5.95 40.17 58.65
CA SER A 287 6.92 40.41 59.70
C SER A 287 8.09 39.43 59.59
N VAL A 288 9.14 39.71 60.37
CA VAL A 288 10.26 38.78 60.46
C VAL A 288 9.75 37.40 60.89
N ALA A 289 8.84 37.36 61.88
CA ALA A 289 8.34 36.06 62.34
C ALA A 289 7.51 35.37 61.28
N GLU A 290 6.74 36.14 60.50
CA GLU A 290 5.88 35.55 59.49
C GLU A 290 6.71 34.99 58.32
N ILE A 291 7.67 35.77 57.81
CA ILE A 291 8.47 35.29 56.69
C ILE A 291 9.40 34.16 57.15
N THR A 292 9.83 34.19 58.40
CA THR A 292 10.64 33.09 58.91
C THR A 292 9.82 31.82 59.06
N ASN A 293 8.60 31.93 59.58
CA ASN A 293 7.75 30.75 59.67
C ASN A 293 7.44 30.19 58.29
N ALA A 294 7.32 31.05 57.27
CA ALA A 294 7.04 30.60 55.92
C ALA A 294 8.16 29.74 55.36
N CYS A 295 9.38 29.89 55.88
CA CYS A 295 10.50 29.06 55.46
C CYS A 295 10.28 27.61 55.80
N PHE A 296 9.27 27.29 56.59
CA PHE A 296 8.98 25.92 56.98
C PHE A 296 7.66 25.45 56.40
N GLU A 297 6.99 26.27 55.56
CA GLU A 297 5.82 25.76 54.84
C GLU A 297 6.28 25.11 53.53
N PRO A 298 5.89 23.85 53.26
CA PRO A 298 6.43 23.17 52.07
C PRO A 298 6.07 23.87 50.75
N ALA A 299 5.04 24.71 50.75
CA ALA A 299 4.65 25.44 49.55
C ALA A 299 5.62 26.56 49.17
N ASN A 300 6.57 26.91 50.03
CA ASN A 300 7.57 27.92 49.64
C ASN A 300 8.92 27.32 49.27
N GLN A 301 9.08 26.01 49.27
CA GLN A 301 10.34 25.36 48.93
C GLN A 301 10.60 25.37 47.42
N MET A 302 11.88 25.33 47.06
CA MET A 302 12.28 25.21 45.67
C MET A 302 12.17 23.79 45.17
N VAL A 303 12.00 22.82 46.07
CA VAL A 303 11.74 21.43 45.74
C VAL A 303 10.65 20.94 46.68
N LYS A 304 9.59 20.38 46.12
CA LYS A 304 8.48 19.89 46.92
C LYS A 304 8.88 18.61 47.66
N CYS A 305 8.74 18.63 48.98
CA CYS A 305 9.09 17.50 49.85
C CYS A 305 8.66 17.90 51.26
N ASP A 306 8.78 16.96 52.20
CA ASP A 306 8.37 17.24 53.57
C ASP A 306 9.55 17.19 54.52
N PRO A 307 10.10 18.34 54.91
CA PRO A 307 11.26 18.33 55.82
C PRO A 307 10.94 17.77 57.18
N ARG A 308 9.66 17.73 57.58
CA ARG A 308 9.26 17.13 58.85
C ARG A 308 9.61 15.66 58.92
N HIS A 309 9.79 15.02 57.77
CA HIS A 309 10.10 13.60 57.71
C HIS A 309 11.54 13.33 57.35
N GLY A 310 12.44 14.25 57.65
CA GLY A 310 13.86 14.02 57.47
C GLY A 310 14.67 14.65 58.60
N LYS A 311 15.99 14.74 58.42
CA LYS A 311 16.83 15.37 59.44
C LYS A 311 17.65 16.48 58.83
N TYR A 312 17.96 17.47 59.65
CA TYR A 312 18.73 18.62 59.21
C TYR A 312 20.21 18.42 59.49
N MET A 313 21.05 18.90 58.58
CA MET A 313 22.48 18.89 58.81
C MET A 313 23.08 20.27 58.91
N ALA A 314 22.38 21.28 58.42
CA ALA A 314 22.88 22.64 58.42
C ALA A 314 21.74 23.54 58.00
N CYS A 315 21.81 24.78 58.44
CA CYS A 315 20.68 25.65 58.17
C CYS A 315 21.12 27.11 58.21
N CYS A 316 20.96 27.81 57.09
CA CYS A 316 21.29 29.23 56.98
C CYS A 316 20.05 30.00 56.64
N LEU A 317 19.89 31.16 57.28
CA LEU A 317 18.83 32.10 56.96
C LEU A 317 19.48 33.35 56.38
N LEU A 318 19.09 33.70 55.14
CA LEU A 318 19.64 34.86 54.44
C LEU A 318 18.55 35.92 54.32
N TYR A 319 18.63 36.95 55.14
CA TYR A 319 17.62 37.99 55.13
C TYR A 319 18.02 39.14 54.21
N ARG A 320 17.01 39.81 53.66
CA ARG A 320 17.19 41.04 52.92
C ARG A 320 16.08 42.00 53.28
N GLY A 321 16.47 43.22 53.65
CA GLY A 321 15.52 44.27 53.98
C GLY A 321 15.54 44.71 55.43
N ASP A 322 14.38 45.12 55.91
CA ASP A 322 14.28 45.70 57.26
C ASP A 322 14.20 44.55 58.28
N VAL A 323 15.37 44.09 58.70
CA VAL A 323 15.49 42.98 59.64
C VAL A 323 16.62 43.27 60.63
N VAL A 324 16.39 42.99 61.91
CA VAL A 324 17.46 43.12 62.89
C VAL A 324 17.54 41.83 63.69
N PRO A 325 18.71 41.53 64.25
CA PRO A 325 18.90 40.23 64.90
C PRO A 325 17.85 39.92 65.97
N LYS A 326 17.44 40.93 66.74
CA LYS A 326 16.48 40.72 67.81
C LYS A 326 15.22 40.02 67.28
N ASP A 327 14.74 40.47 66.12
CA ASP A 327 13.50 39.92 65.57
C ASP A 327 13.69 38.51 65.03
N VAL A 328 14.85 38.23 64.44
CA VAL A 328 15.20 36.88 64.00
C VAL A 328 15.16 35.90 65.17
N ASN A 329 15.87 36.23 66.26
CA ASN A 329 16.00 35.30 67.38
C ASN A 329 14.66 35.03 68.05
N ALA A 330 13.83 36.07 68.17
CA ALA A 330 12.49 35.87 68.69
C ALA A 330 11.69 34.93 67.79
N ALA A 331 11.67 35.22 66.49
CA ALA A 331 10.95 34.34 65.57
C ALA A 331 11.45 32.91 65.68
N ILE A 332 12.78 32.70 65.79
CA ILE A 332 13.34 31.35 65.90
C ILE A 332 12.89 30.68 67.19
N ALA A 333 12.85 31.43 68.29
CA ALA A 333 12.37 30.85 69.53
C ALA A 333 10.93 30.39 69.40
N THR A 334 10.08 31.23 68.79
CA THR A 334 8.69 30.86 68.56
C THR A 334 8.58 29.61 67.69
N ILE A 335 9.26 29.62 66.54
CA ILE A 335 9.09 28.54 65.57
C ILE A 335 9.55 27.21 66.16
N LYS A 336 10.67 27.21 66.90
CA LYS A 336 11.25 25.95 67.36
C LYS A 336 10.35 25.22 68.34
N THR A 337 9.45 25.92 69.02
CA THR A 337 8.52 25.27 69.93
C THR A 337 7.19 24.94 69.26
N LYS A 338 7.10 25.01 67.93
CA LYS A 338 5.86 24.72 67.22
C LYS A 338 6.07 23.89 65.97
N ARG A 339 7.30 23.65 65.53
CA ARG A 339 7.57 22.97 64.27
C ARG A 339 8.47 21.77 64.52
N SER A 340 8.38 20.82 63.59
CA SER A 340 9.10 19.55 63.67
C SER A 340 10.47 19.70 62.99
N ILE A 341 11.41 20.32 63.72
CA ILE A 341 12.75 20.57 63.21
C ILE A 341 13.72 19.73 64.04
N GLN A 342 14.20 18.63 63.47
CA GLN A 342 15.11 17.71 64.16
C GLN A 342 16.40 17.62 63.36
N PHE A 343 17.53 17.87 64.02
CA PHE A 343 18.83 17.81 63.38
C PHE A 343 19.45 16.43 63.60
N VAL A 344 20.46 16.11 62.79
CA VAL A 344 21.18 14.87 63.01
C VAL A 344 21.91 14.95 64.33
N ASP A 345 22.10 13.80 64.97
CA ASP A 345 22.68 13.79 66.30
C ASP A 345 24.15 14.25 66.31
N TRP A 346 24.80 14.31 65.13
CA TRP A 346 26.22 14.66 65.05
C TRP A 346 26.45 16.10 64.55
N CYS A 347 25.43 16.96 64.60
CA CYS A 347 25.56 18.35 64.15
C CYS A 347 24.83 19.25 65.13
N PRO A 348 25.37 20.44 65.40
CA PRO A 348 24.71 21.35 66.32
C PRO A 348 23.40 21.87 65.74
N THR A 349 22.39 21.98 66.60
CA THR A 349 21.07 22.46 66.19
C THR A 349 21.10 23.99 66.22
N GLY A 350 21.48 24.59 65.09
CA GLY A 350 21.65 26.03 65.05
C GLY A 350 21.41 26.63 63.68
N PHE A 351 21.16 27.92 63.68
CA PHE A 351 21.01 28.70 62.46
C PHE A 351 22.17 29.68 62.28
N LYS A 352 22.76 29.69 61.10
CA LYS A 352 23.64 30.80 60.73
C LYS A 352 22.79 31.82 60.00
N VAL A 353 22.83 33.06 60.46
CA VAL A 353 21.92 34.09 59.96
C VAL A 353 22.74 35.16 59.25
N GLY A 354 22.27 35.59 58.09
CA GLY A 354 22.83 36.74 57.41
C GLY A 354 21.76 37.76 57.07
N ILE A 355 22.09 39.03 57.27
CA ILE A 355 21.18 40.12 57.00
C ILE A 355 21.88 41.10 56.07
N ASN A 356 21.25 41.40 54.95
CA ASN A 356 21.61 42.53 54.10
C ASN A 356 20.48 43.54 54.13
N TYR A 357 20.82 44.79 54.44
CA TYR A 357 19.77 45.77 54.73
C TYR A 357 19.01 46.19 53.48
N GLN A 358 19.62 46.10 52.30
CA GLN A 358 18.94 46.53 51.07
C GLN A 358 17.74 45.63 50.78
N PRO A 359 16.52 46.17 50.66
CA PRO A 359 15.37 45.30 50.41
C PRO A 359 15.51 44.64 49.04
N PRO A 360 14.90 43.48 48.84
CA PRO A 360 15.03 42.82 47.54
C PRO A 360 14.70 43.80 46.42
N THR A 361 15.34 43.63 45.30
CA THR A 361 15.02 44.43 44.14
C THR A 361 14.07 43.64 43.26
N VAL A 362 13.17 44.34 42.60
CA VAL A 362 12.32 43.70 41.63
C VAL A 362 12.53 44.37 40.28
N VAL A 363 12.19 43.63 39.24
CA VAL A 363 12.28 44.11 37.88
C VAL A 363 11.07 45.01 37.68
N PRO A 364 11.25 46.27 37.30
CA PRO A 364 10.10 47.13 37.01
C PRO A 364 9.14 46.48 36.02
N GLY A 365 7.85 46.52 36.33
CA GLY A 365 6.87 45.87 35.49
C GLY A 365 6.83 44.36 35.55
N GLY A 366 7.61 43.72 36.41
CA GLY A 366 7.48 42.31 36.63
C GLY A 366 6.22 41.99 37.42
N ASP A 367 6.10 40.71 37.77
CA ASP A 367 4.97 40.19 38.54
C ASP A 367 5.17 40.27 40.05
N LEU A 368 6.38 40.50 40.48
CA LEU A 368 6.63 40.46 41.90
C LEU A 368 6.57 41.83 42.48
N ALA A 369 6.13 41.89 43.71
CA ALA A 369 6.00 43.16 44.38
C ALA A 369 7.15 43.49 45.28
N LYS A 370 7.46 44.77 45.40
CA LYS A 370 8.49 45.19 46.31
C LYS A 370 8.03 44.94 47.71
N VAL A 371 8.90 44.37 48.51
CA VAL A 371 8.56 44.05 49.88
C VAL A 371 9.59 44.68 50.79
N GLN A 372 9.24 44.82 52.06
CA GLN A 372 10.13 45.52 52.97
C GLN A 372 11.15 44.55 53.55
N ARG A 373 10.87 43.26 53.55
CA ARG A 373 11.84 42.28 53.99
C ARG A 373 11.52 40.93 53.35
N ALA A 374 12.54 40.09 53.23
CA ALA A 374 12.40 38.77 52.62
C ALA A 374 13.51 37.88 53.16
N VAL A 375 13.32 36.58 53.02
CA VAL A 375 14.29 35.64 53.56
C VAL A 375 14.38 34.45 52.63
N CYS A 376 15.60 33.95 52.46
CA CYS A 376 15.86 32.66 51.82
C CYS A 376 16.49 31.75 52.86
N MET A 377 15.83 30.62 53.14
CA MET A 377 16.43 29.59 53.96
C MET A 377 17.13 28.56 53.06
N LEU A 378 18.39 28.26 53.39
CA LEU A 378 19.13 27.15 52.78
C LEU A 378 19.33 26.10 53.85
N SER A 379 18.66 24.96 53.72
CA SER A 379 18.88 23.91 54.70
C SER A 379 19.23 22.63 53.97
N ASN A 380 20.16 21.87 54.55
CA ASN A 380 20.55 20.56 54.03
C ASN A 380 19.78 19.54 54.85
N THR A 381 18.62 19.19 54.34
CA THR A 381 17.73 18.18 54.91
C THR A 381 17.76 16.90 54.08
N THR A 382 17.70 15.75 54.77
CA THR A 382 17.60 14.49 54.04
C THR A 382 16.28 14.36 53.31
N ALA A 383 15.29 15.20 53.65
CA ALA A 383 13.99 15.14 53.02
C ALA A 383 14.08 15.38 51.51
N ILE A 384 15.13 16.05 51.04
CA ILE A 384 15.25 16.31 49.61
C ILE A 384 15.43 15.01 48.85
N ALA A 385 15.83 13.94 49.52
CA ALA A 385 15.97 12.67 48.85
C ALA A 385 14.68 12.22 48.22
N GLU A 386 13.53 12.69 48.71
CA GLU A 386 12.26 12.40 48.05
C GLU A 386 12.35 12.72 46.56
N ALA A 387 13.00 13.84 46.22
CA ALA A 387 13.08 14.25 44.83
C ALA A 387 13.96 13.30 44.01
N TRP A 388 15.01 12.75 44.63
CA TRP A 388 15.84 11.75 43.94
C TRP A 388 15.06 10.47 43.71
N ALA A 389 14.27 10.05 44.71
CA ALA A 389 13.49 8.83 44.58
C ALA A 389 12.45 8.94 43.47
N ARG A 390 11.69 10.04 43.43
CA ARG A 390 10.74 10.27 42.33
C ARG A 390 11.41 10.12 40.98
N LEU A 391 12.54 10.80 40.82
CA LEU A 391 13.27 10.75 39.56
C LEU A 391 13.74 9.34 39.29
N ASP A 392 14.34 8.70 40.30
CA ASP A 392 14.87 7.35 40.14
C ASP A 392 13.77 6.37 39.73
N HIS A 393 12.55 6.58 40.22
CA HIS A 393 11.46 5.68 39.88
C HIS A 393 11.08 5.78 38.40
N LYS A 394 11.00 7.01 37.88
CA LYS A 394 10.70 7.20 36.46
C LYS A 394 11.78 6.58 35.58
N PHE A 395 13.05 6.82 35.90
CA PHE A 395 14.15 6.08 35.28
C PHE A 395 13.86 4.57 35.24
N ASP A 396 13.45 4.00 36.37
CA ASP A 396 13.28 2.55 36.47
C ASP A 396 12.23 2.05 35.51
N LEU A 397 11.09 2.74 35.43
CA LEU A 397 10.01 2.33 34.54
C LEU A 397 10.48 2.25 33.09
N MET A 398 11.19 3.28 32.61
CA MET A 398 11.64 3.26 31.23
C MET A 398 12.79 2.27 31.02
N TYR A 399 13.72 2.21 31.96
CA TYR A 399 14.90 1.38 31.73
C TYR A 399 14.57 -0.11 31.72
N ALA A 400 13.51 -0.52 32.43
CA ALA A 400 13.15 -1.94 32.48
C ALA A 400 12.76 -2.49 31.11
N LYS A 401 12.19 -1.65 30.23
CA LYS A 401 11.94 -2.01 28.84
C LYS A 401 13.00 -1.46 27.91
N ARG A 402 14.06 -0.84 28.46
CA ARG A 402 15.10 -0.19 27.66
C ARG A 402 14.52 0.81 26.66
N ALA A 403 13.36 1.39 26.98
CA ALA A 403 12.79 2.36 26.06
C ALA A 403 13.74 3.53 25.87
N PHE A 404 13.89 3.94 24.61
CA PHE A 404 14.69 5.08 24.16
C PHE A 404 16.20 4.88 24.30
N VAL A 405 16.63 3.78 24.93
CA VAL A 405 18.06 3.56 25.14
C VAL A 405 18.86 3.61 23.83
N HIS A 406 18.23 3.21 22.73
CA HIS A 406 18.97 3.12 21.47
C HIS A 406 19.47 4.48 21.01
N TRP A 407 18.78 5.57 21.33
CA TRP A 407 19.29 6.88 20.93
C TRP A 407 20.60 7.23 21.62
N TYR A 408 20.87 6.65 22.78
CA TYR A 408 22.09 6.99 23.51
C TYR A 408 23.24 6.11 23.04
N VAL A 409 22.98 4.81 23.02
CA VAL A 409 23.92 3.87 22.40
C VAL A 409 24.28 4.32 21.00
N GLY A 410 23.29 4.80 20.24
CA GLY A 410 23.55 5.33 18.91
C GLY A 410 24.55 6.46 18.86
N GLU A 411 24.84 7.10 20.00
CA GLU A 411 25.78 8.21 19.98
C GLU A 411 27.15 7.85 20.51
N GLY A 412 27.38 6.58 20.86
CA GLY A 412 28.68 6.17 21.32
C GLY A 412 28.69 5.75 22.77
N MET A 413 27.56 5.91 23.45
CA MET A 413 27.47 5.55 24.84
C MET A 413 27.29 4.04 24.97
N GLU A 414 27.64 3.51 26.13
CA GLU A 414 27.43 2.10 26.39
C GLU A 414 26.25 1.95 27.33
N GLU A 415 25.42 0.95 27.07
CA GLU A 415 24.29 0.68 27.93
C GLU A 415 24.71 0.57 29.38
N GLY A 416 25.98 0.23 29.64
CA GLY A 416 26.45 0.11 31.00
C GLY A 416 26.52 1.43 31.75
N GLU A 417 26.71 2.54 31.02
CA GLU A 417 26.67 3.83 31.71
C GLU A 417 25.33 4.06 32.38
N PHE A 418 24.24 3.58 31.79
CA PHE A 418 22.94 3.73 32.42
C PHE A 418 22.92 3.07 33.80
N SER A 419 23.36 1.82 33.88
CA SER A 419 23.20 1.10 35.13
C SER A 419 24.24 1.55 36.15
N GLU A 420 25.44 1.94 35.68
CA GLU A 420 26.38 2.57 36.60
C GLU A 420 25.78 3.81 37.22
N ALA A 421 25.21 4.67 36.37
CA ALA A 421 24.55 5.87 36.83
C ALA A 421 23.48 5.54 37.86
N ARG A 422 22.59 4.59 37.52
CA ARG A 422 21.48 4.27 38.42
C ARG A 422 21.98 3.73 39.74
N GLU A 423 23.02 2.89 39.71
CA GLU A 423 23.55 2.33 40.95
C GLU A 423 24.12 3.42 41.84
N ASP A 424 24.77 4.42 41.25
CA ASP A 424 25.25 5.57 42.02
C ASP A 424 24.10 6.25 42.77
N MET A 425 22.99 6.54 42.06
CA MET A 425 21.82 7.13 42.72
C MET A 425 21.20 6.18 43.73
N ALA A 426 21.29 4.88 43.50
CA ALA A 426 20.82 3.95 44.53
C ALA A 426 21.66 4.10 45.79
N ALA A 427 22.97 4.28 45.62
CA ALA A 427 23.85 4.54 46.75
C ALA A 427 23.56 5.91 47.36
N LEU A 428 23.30 6.91 46.50
CA LEU A 428 22.97 8.23 47.02
C LEU A 428 21.72 8.18 47.87
N GLU A 429 20.69 7.46 47.39
CA GLU A 429 19.45 7.36 48.17
C GLU A 429 19.72 6.71 49.52
N LYS A 430 20.70 5.81 49.59
CA LYS A 430 20.98 5.11 50.82
C LYS A 430 21.74 5.99 51.81
N ASP A 431 22.73 6.76 51.33
CA ASP A 431 23.36 7.78 52.15
C ASP A 431 22.33 8.64 52.84
N TYR A 432 21.28 9.04 52.13
CA TYR A 432 20.26 9.83 52.79
C TYR A 432 19.50 9.01 53.83
N GLU A 433 19.22 7.74 53.52
CA GLU A 433 18.46 6.89 54.44
C GLU A 433 19.20 6.71 55.75
N GLU A 434 20.52 6.58 55.70
CA GLU A 434 21.30 6.39 56.92
C GLU A 434 21.33 7.67 57.76
N VAL A 435 21.71 8.79 57.14
CA VAL A 435 21.79 10.05 57.86
C VAL A 435 20.41 10.50 58.34
N GLY A 436 19.34 10.07 57.67
CA GLY A 436 18.01 10.56 57.97
C GLY A 436 17.12 9.75 58.90
N VAL A 437 17.46 8.48 59.15
CA VAL A 437 16.77 7.67 60.17
C VAL A 437 17.68 6.55 60.65
N MET B 1 19.71 23.00 14.28
CA MET B 1 19.54 22.76 12.85
C MET B 1 18.26 23.39 12.32
N ARG B 2 18.30 23.85 11.07
CA ARG B 2 17.20 24.60 10.49
C ARG B 2 16.54 23.87 9.32
N GLU B 3 17.29 23.59 8.26
CA GLU B 3 16.69 23.34 6.96
C GLU B 3 16.15 21.92 6.83
N ILE B 4 14.97 21.81 6.21
CA ILE B 4 14.38 20.55 5.77
C ILE B 4 14.37 20.50 4.23
N VAL B 5 14.69 19.34 3.68
CA VAL B 5 14.66 19.13 2.24
C VAL B 5 13.47 18.25 1.93
N HIS B 6 12.58 18.73 1.06
CA HIS B 6 11.30 18.07 0.81
C HIS B 6 11.32 17.40 -0.56
N ILE B 7 10.89 16.15 -0.59
CA ILE B 7 10.85 15.35 -1.82
C ILE B 7 9.44 14.81 -2.00
N GLN B 8 8.85 15.04 -3.16
CA GLN B 8 7.57 14.40 -3.47
C GLN B 8 7.72 13.51 -4.70
N ALA B 9 7.23 12.26 -4.61
CA ALA B 9 7.51 11.28 -5.64
C ALA B 9 6.27 10.53 -6.08
N GLY B 10 6.02 10.52 -7.37
CA GLY B 10 4.92 9.75 -7.91
C GLY B 10 3.65 10.57 -7.96
N GLN B 11 2.59 9.91 -8.43
CA GLN B 11 1.32 10.61 -8.61
C GLN B 11 0.81 11.14 -7.27
N CYS B 12 0.55 10.24 -6.33
CA CYS B 12 0.01 10.66 -5.04
C CYS B 12 0.98 11.57 -4.32
N GLY B 13 2.27 11.25 -4.37
CA GLY B 13 3.26 12.06 -3.68
C GLY B 13 3.25 13.49 -4.16
N ASN B 14 3.15 13.70 -5.47
CA ASN B 14 3.18 15.07 -5.97
C ASN B 14 1.85 15.77 -5.73
N GLN B 15 0.74 15.04 -5.69
CA GLN B 15 -0.53 15.71 -5.44
C GLN B 15 -0.65 16.13 -3.97
N ILE B 16 -0.41 15.23 -3.02
CA ILE B 16 -0.46 15.69 -1.64
C ILE B 16 0.71 16.64 -1.39
N GLY B 17 1.83 16.46 -2.08
CA GLY B 17 2.92 17.40 -1.95
C GLY B 17 2.56 18.80 -2.41
N ALA B 18 1.86 18.91 -3.54
CA ALA B 18 1.48 20.23 -4.03
C ALA B 18 0.48 20.91 -3.11
N LYS B 19 -0.48 20.17 -2.60
CA LYS B 19 -1.44 20.74 -1.67
C LYS B 19 -0.75 21.23 -0.40
N PHE B 20 0.28 20.51 0.05
CA PHE B 20 0.98 20.90 1.25
C PHE B 20 1.67 22.25 1.06
N TRP B 21 2.34 22.43 -0.07
CA TRP B 21 3.01 23.71 -0.28
C TRP B 21 1.98 24.81 -0.48
N GLU B 22 0.82 24.48 -1.04
CA GLU B 22 -0.24 25.46 -1.16
C GLU B 22 -0.71 25.94 0.20
N VAL B 23 -1.00 25.00 1.11
CA VAL B 23 -1.53 25.34 2.42
C VAL B 23 -0.50 26.13 3.22
N ILE B 24 0.73 25.60 3.35
CA ILE B 24 1.66 26.30 4.21
C ILE B 24 2.21 27.55 3.55
N SER B 25 2.16 27.69 2.24
CA SER B 25 2.56 28.97 1.66
C SER B 25 1.58 30.06 2.06
N ASP B 26 0.28 29.75 2.04
CA ASP B 26 -0.71 30.69 2.53
C ASP B 26 -0.47 31.03 4.00
N GLU B 27 -0.22 30.01 4.83
CA GLU B 27 -0.02 30.24 6.25
C GLU B 27 1.16 31.16 6.51
N HIS B 28 2.23 31.01 5.74
CA HIS B 28 3.40 31.85 5.94
C HIS B 28 3.35 33.12 5.11
N GLY B 29 2.23 33.38 4.45
CA GLY B 29 2.07 34.60 3.71
C GLY B 29 2.93 34.70 2.46
N ILE B 30 3.07 33.63 1.69
CA ILE B 30 3.86 33.63 0.48
C ILE B 30 2.90 33.45 -0.69
N ASP B 31 2.95 34.38 -1.64
CA ASP B 31 2.01 34.35 -2.74
C ASP B 31 2.41 33.27 -3.74
N PRO B 32 1.56 32.97 -4.71
CA PRO B 32 1.95 32.02 -5.76
C PRO B 32 3.21 32.42 -6.51
N THR B 33 3.62 33.69 -6.45
CA THR B 33 4.82 34.15 -7.14
C THR B 33 6.08 34.04 -6.29
N GLY B 34 5.96 33.70 -5.00
CA GLY B 34 7.08 33.61 -4.10
C GLY B 34 7.36 34.87 -3.28
N SER B 35 6.45 35.83 -3.28
CA SER B 35 6.65 37.12 -2.62
C SER B 35 5.87 37.13 -1.31
N TYR B 36 6.51 37.63 -0.26
CA TYR B 36 5.90 37.66 1.07
C TYR B 36 4.91 38.81 1.17
N HIS B 37 3.67 38.50 1.55
CA HIS B 37 2.61 39.51 1.75
C HIS B 37 1.84 39.27 3.04
N GLY B 38 2.52 38.87 4.11
CA GLY B 38 1.84 38.65 5.37
C GLY B 38 2.02 39.82 6.30
N ASP B 39 1.33 39.75 7.43
CA ASP B 39 1.25 40.85 8.37
C ASP B 39 1.91 40.57 9.71
N SER B 40 2.14 39.30 10.05
CA SER B 40 2.71 38.92 11.33
C SER B 40 4.16 38.50 11.17
N ASP B 41 5.00 38.95 12.09
CA ASP B 41 6.40 38.52 12.08
C ASP B 41 6.56 37.05 12.42
N LEU B 42 5.63 36.47 13.19
CA LEU B 42 5.71 35.03 13.47
C LEU B 42 5.70 34.20 12.17
N GLN B 43 5.33 34.82 11.04
CA GLN B 43 5.28 34.13 9.76
C GLN B 43 6.67 33.93 9.16
N LEU B 44 7.60 34.83 9.45
CA LEU B 44 8.92 34.81 8.85
C LEU B 44 9.98 34.22 9.75
N GLU B 45 9.69 34.03 11.04
CA GLU B 45 10.77 33.70 11.98
C GLU B 45 11.47 32.40 11.60
N ARG B 46 10.71 31.37 11.26
CA ARG B 46 11.34 30.10 10.91
C ARG B 46 11.05 29.68 9.47
N ILE B 47 10.83 30.64 8.57
CA ILE B 47 10.52 30.31 7.19
C ILE B 47 11.68 29.58 6.52
N ASN B 48 12.90 29.71 7.05
CA ASN B 48 14.07 29.07 6.47
C ASN B 48 13.97 27.55 6.50
N VAL B 49 13.16 27.00 7.40
CA VAL B 49 13.01 25.56 7.53
C VAL B 49 12.53 24.94 6.22
N TYR B 50 11.61 25.60 5.54
CA TYR B 50 11.02 25.06 4.33
C TYR B 50 11.22 25.92 3.09
N TYR B 51 11.81 27.11 3.21
CA TYR B 51 11.94 28.00 2.06
C TYR B 51 13.35 28.53 1.93
N ASN B 52 13.84 28.54 0.70
CA ASN B 52 15.03 29.30 0.34
C ASN B 52 14.63 30.71 -0.08
N GLU B 53 15.52 31.66 0.18
CA GLU B 53 15.24 33.04 -0.16
C GLU B 53 15.98 33.48 -1.41
N ASN B 57 13.54 39.57 -3.07
CA ASN B 57 13.26 38.91 -1.79
C ASN B 57 12.09 37.93 -1.89
N LYS B 58 12.28 36.94 -2.77
CA LYS B 58 11.32 35.88 -3.04
C LYS B 58 11.73 34.60 -2.31
N TYR B 59 10.73 33.82 -1.93
CA TYR B 59 10.95 32.60 -1.16
C TYR B 59 10.63 31.40 -2.05
N VAL B 60 11.58 30.49 -2.19
CA VAL B 60 11.42 29.31 -3.03
C VAL B 60 11.35 28.10 -2.12
N PRO B 61 10.28 27.32 -2.17
CA PRO B 61 10.19 26.06 -1.42
C PRO B 61 11.39 25.16 -1.68
N ARG B 62 11.97 24.62 -0.61
CA ARG B 62 13.04 23.63 -0.72
C ARG B 62 12.40 22.26 -1.03
N ALA B 63 11.89 22.15 -2.26
CA ALA B 63 11.11 21.00 -2.67
C ALA B 63 11.69 20.41 -3.95
N ILE B 64 11.65 19.10 -4.04
CA ILE B 64 12.14 18.37 -5.20
C ILE B 64 11.03 17.46 -5.67
N LEU B 65 10.63 17.61 -6.92
CA LEU B 65 9.50 16.91 -7.51
C LEU B 65 10.01 15.78 -8.40
N VAL B 66 9.52 14.57 -8.19
CA VAL B 66 10.08 13.39 -8.83
C VAL B 66 8.94 12.52 -9.35
N ASP B 67 9.02 12.14 -10.62
CA ASP B 67 8.09 11.16 -11.18
C ASP B 67 8.72 10.48 -12.39
N LEU B 68 8.30 9.24 -12.65
CA LEU B 68 8.66 8.52 -13.86
C LEU B 68 7.74 8.83 -15.03
N GLU B 69 6.79 9.75 -14.85
CA GLU B 69 5.74 10.08 -15.79
C GLU B 69 5.60 11.60 -15.74
N PRO B 70 5.51 12.28 -16.88
CA PRO B 70 5.45 13.73 -16.84
C PRO B 70 4.10 14.29 -16.40
N GLY B 71 3.02 13.51 -16.48
CA GLY B 71 1.67 14.00 -16.22
C GLY B 71 1.44 14.84 -14.96
N THR B 72 1.47 14.23 -13.78
CA THR B 72 1.15 14.94 -12.55
C THR B 72 2.01 16.19 -12.35
N MET B 73 3.33 16.08 -12.50
CA MET B 73 4.19 17.24 -12.42
C MET B 73 3.79 18.35 -13.39
N ASP B 74 3.40 17.99 -14.62
CA ASP B 74 2.94 19.01 -15.57
C ASP B 74 1.73 19.75 -15.04
N SER B 75 0.77 19.02 -14.46
CA SER B 75 -0.34 19.66 -13.78
C SER B 75 0.14 20.66 -12.73
N VAL B 76 1.19 20.31 -11.97
CA VAL B 76 1.70 21.25 -10.97
C VAL B 76 2.23 22.51 -11.64
N ARG B 77 3.05 22.37 -12.69
CA ARG B 77 3.64 23.56 -13.31
C ARG B 77 2.56 24.45 -13.91
N SER B 78 1.39 23.88 -14.24
CA SER B 78 0.28 24.62 -14.84
C SER B 78 -0.80 25.01 -13.87
N GLY B 79 -0.60 24.66 -12.62
CA GLY B 79 -1.55 25.06 -11.63
C GLY B 79 -1.30 26.43 -11.08
N PRO B 80 -1.75 26.66 -9.85
CA PRO B 80 -1.65 28.00 -9.27
C PRO B 80 -0.27 28.29 -8.73
N PHE B 81 0.27 27.36 -7.98
CA PHE B 81 1.55 27.59 -7.37
C PHE B 81 2.68 27.00 -8.20
N GLY B 82 2.36 26.40 -9.32
CA GLY B 82 3.45 25.76 -10.08
C GLY B 82 4.62 26.66 -10.38
N GLN B 83 4.36 27.96 -10.45
CA GLN B 83 5.43 28.90 -10.66
C GLN B 83 6.22 29.19 -9.38
N ILE B 84 5.87 28.58 -8.24
CA ILE B 84 6.66 28.80 -7.03
C ILE B 84 7.81 27.82 -6.94
N PHE B 85 7.73 26.65 -7.57
CA PHE B 85 8.82 25.71 -7.40
C PHE B 85 10.00 26.08 -8.29
N ARG B 86 11.18 25.72 -7.83
CA ARG B 86 12.39 26.02 -8.57
C ARG B 86 12.40 25.11 -9.80
N PRO B 87 12.45 25.66 -11.02
CA PRO B 87 12.27 24.81 -12.22
C PRO B 87 13.25 23.66 -12.32
N ASP B 88 14.51 23.85 -11.90
CA ASP B 88 15.48 22.76 -11.96
C ASP B 88 15.17 21.63 -10.99
N ASN B 89 14.23 21.82 -10.07
CA ASN B 89 13.89 20.79 -9.10
C ASN B 89 12.78 19.88 -9.60
N PHE B 90 12.38 19.99 -10.88
CA PHE B 90 11.50 19.02 -11.51
C PHE B 90 12.38 17.96 -12.18
N VAL B 91 12.22 16.70 -11.78
CA VAL B 91 13.00 15.60 -12.31
C VAL B 91 12.02 14.50 -12.71
N PHE B 92 11.79 14.33 -14.01
CA PHE B 92 10.81 13.36 -14.48
C PHE B 92 11.37 12.45 -15.58
N GLY B 93 10.86 11.23 -15.64
CA GLY B 93 11.06 10.36 -16.77
C GLY B 93 9.83 10.34 -17.66
N GLN B 94 9.75 9.33 -18.51
CA GLN B 94 8.69 9.24 -19.52
C GLN B 94 7.94 7.92 -19.53
N SER B 95 8.51 6.86 -19.02
CA SER B 95 7.92 5.55 -19.18
C SER B 95 7.00 5.17 -18.04
N GLY B 96 7.09 5.83 -16.90
CA GLY B 96 6.23 5.46 -15.81
C GLY B 96 6.65 4.14 -15.20
N ALA B 97 5.99 3.76 -14.10
CA ALA B 97 6.32 2.56 -13.34
C ALA B 97 5.24 1.51 -13.37
N GLY B 98 4.17 1.71 -14.13
CA GLY B 98 3.13 0.70 -14.25
C GLY B 98 2.59 0.19 -12.93
N ASN B 99 2.49 1.04 -11.91
CA ASN B 99 2.05 0.59 -10.59
C ASN B 99 2.85 -0.62 -10.11
N ASN B 100 4.12 -0.69 -10.51
CA ASN B 100 4.97 -1.85 -10.28
C ASN B 100 6.13 -1.48 -9.35
N TRP B 101 6.13 -2.00 -8.11
CA TRP B 101 7.22 -1.64 -7.20
C TRP B 101 8.59 -1.94 -7.81
N ALA B 102 8.74 -3.10 -8.46
CA ALA B 102 10.05 -3.45 -9.00
C ALA B 102 10.53 -2.47 -10.06
N LYS B 103 9.62 -1.90 -10.85
CA LYS B 103 10.06 -0.93 -11.85
C LYS B 103 10.55 0.34 -11.18
N GLY B 104 9.85 0.79 -10.14
CA GLY B 104 10.26 2.01 -9.48
C GLY B 104 11.58 1.85 -8.76
N HIS B 105 11.80 0.68 -8.17
CA HIS B 105 12.94 0.42 -7.31
C HIS B 105 14.18 -0.07 -8.05
N TYR B 106 14.01 -0.90 -9.11
CA TYR B 106 15.09 -1.67 -9.71
C TYR B 106 15.37 -1.36 -11.18
N THR B 107 14.36 -1.03 -11.99
CA THR B 107 14.64 -0.88 -13.42
C THR B 107 14.42 0.56 -13.84
N GLU B 108 13.17 1.00 -13.97
CA GLU B 108 12.95 2.37 -14.46
C GLU B 108 13.47 3.41 -13.47
N GLY B 109 13.26 3.18 -12.18
CA GLY B 109 13.66 4.18 -11.19
C GLY B 109 15.17 4.30 -11.08
N ALA B 110 15.88 3.17 -11.20
CA ALA B 110 17.34 3.21 -11.13
C ALA B 110 17.91 4.14 -12.21
N GLU B 111 17.29 4.12 -13.38
CA GLU B 111 17.75 4.99 -14.46
C GLU B 111 17.70 6.46 -14.04
N LEU B 112 16.71 6.86 -13.24
CA LEU B 112 16.44 8.26 -12.94
C LEU B 112 16.98 8.74 -11.60
N VAL B 113 17.36 7.83 -10.69
CA VAL B 113 17.60 8.20 -9.30
C VAL B 113 18.83 9.10 -9.16
N ASP B 114 19.86 8.89 -9.99
CA ASP B 114 21.06 9.73 -9.89
C ASP B 114 20.75 11.19 -10.22
N SER B 115 19.81 11.45 -11.12
CA SER B 115 19.48 12.84 -11.41
C SER B 115 18.77 13.49 -10.23
N VAL B 116 17.98 12.72 -9.48
CA VAL B 116 17.36 13.26 -8.27
C VAL B 116 18.42 13.54 -7.21
N LEU B 117 19.34 12.59 -7.00
CA LEU B 117 20.40 12.83 -6.04
C LEU B 117 21.25 14.06 -6.39
N ASP B 118 21.28 14.45 -7.66
CA ASP B 118 22.01 15.67 -8.01
C ASP B 118 21.32 16.89 -7.44
N VAL B 119 20.01 16.99 -7.64
CA VAL B 119 19.27 18.13 -7.12
C VAL B 119 19.30 18.11 -5.59
N VAL B 120 19.18 16.93 -4.99
CA VAL B 120 19.24 16.81 -3.53
C VAL B 120 20.55 17.38 -3.01
N ARG B 121 21.67 16.93 -3.59
CA ARG B 121 22.97 17.47 -3.22
C ARG B 121 23.01 18.99 -3.36
N LYS B 122 22.43 19.53 -4.45
CA LYS B 122 22.46 20.97 -4.69
C LYS B 122 21.75 21.73 -3.58
N GLU B 123 20.62 21.21 -3.10
CA GLU B 123 19.89 21.87 -2.01
C GLU B 123 20.59 21.68 -0.67
N SER B 124 21.06 20.47 -0.38
CA SER B 124 21.71 20.20 0.89
C SER B 124 22.97 21.05 1.06
N GLU B 125 23.62 21.43 -0.04
CA GLU B 125 24.79 22.31 0.02
C GLU B 125 24.45 23.78 0.29
N SER B 126 23.22 24.23 0.03
CA SER B 126 22.82 25.58 0.42
C SER B 126 22.28 25.65 1.84
N CYS B 127 22.41 24.58 2.60
CA CYS B 127 21.83 24.53 3.94
C CYS B 127 22.86 24.96 4.97
N ASP B 128 22.47 25.90 5.82
CA ASP B 128 23.31 26.28 6.94
C ASP B 128 23.48 25.12 7.91
N CYS B 129 22.40 24.40 8.22
CA CYS B 129 22.45 23.22 9.08
C CYS B 129 21.26 22.33 8.71
N LEU B 130 21.50 21.31 7.90
CA LEU B 130 20.42 20.47 7.39
C LEU B 130 19.86 19.56 8.48
N GLN B 131 18.54 19.58 8.65
CA GLN B 131 17.89 18.66 9.58
C GLN B 131 17.73 17.26 9.02
N GLY B 132 17.30 17.16 7.77
CA GLY B 132 16.94 15.91 7.16
C GLY B 132 15.88 16.15 6.11
N PHE B 133 15.14 15.09 5.79
CA PHE B 133 14.30 15.07 4.61
C PHE B 133 12.89 14.65 4.98
N GLN B 134 11.91 15.21 4.28
CA GLN B 134 10.55 14.70 4.34
C GLN B 134 10.11 14.32 2.93
N LEU B 135 9.64 13.07 2.80
CA LEU B 135 9.21 12.51 1.53
C LEU B 135 7.71 12.26 1.57
N THR B 136 6.99 12.74 0.56
CA THR B 136 5.59 12.38 0.39
C THR B 136 5.47 11.40 -0.76
N HIS B 137 4.70 10.35 -0.54
CA HIS B 137 4.53 9.29 -1.53
C HIS B 137 3.40 8.36 -1.09
N SER B 138 2.88 7.60 -2.03
CA SER B 138 2.02 6.47 -1.69
C SER B 138 2.82 5.18 -1.73
N LEU B 139 2.32 4.17 -1.03
CA LEU B 139 2.92 2.85 -0.97
C LEU B 139 2.35 1.86 -1.97
N GLY B 140 1.28 2.19 -2.69
CA GLY B 140 0.57 1.23 -3.50
C GLY B 140 0.87 1.29 -4.99
N GLY B 141 1.40 2.41 -5.50
CA GLY B 141 1.88 2.52 -6.86
C GLY B 141 3.30 2.00 -7.07
N GLY B 142 4.00 2.63 -8.01
CA GLY B 142 5.33 2.16 -8.32
C GLY B 142 6.40 3.23 -8.20
N THR B 143 6.10 4.45 -8.65
CA THR B 143 7.11 5.49 -8.49
C THR B 143 7.26 5.87 -7.02
N GLY B 144 6.21 6.41 -6.41
CA GLY B 144 6.32 6.76 -5.00
C GLY B 144 6.70 5.59 -4.11
N SER B 145 6.13 4.41 -4.39
CA SER B 145 6.45 3.25 -3.56
C SER B 145 7.88 2.75 -3.81
N GLY B 146 8.18 2.35 -5.05
CA GLY B 146 9.42 1.68 -5.38
C GLY B 146 10.58 2.62 -5.57
N MET B 147 10.39 3.65 -6.39
CA MET B 147 11.46 4.63 -6.49
C MET B 147 11.59 5.46 -5.21
N GLY B 148 10.47 5.71 -4.52
CA GLY B 148 10.56 6.52 -3.31
C GLY B 148 11.43 5.86 -2.27
N THR B 149 11.22 4.56 -2.05
CA THR B 149 12.02 3.87 -1.06
C THR B 149 13.47 3.68 -1.54
N LEU B 150 13.66 3.51 -2.86
CA LEU B 150 15.02 3.47 -3.40
C LEU B 150 15.76 4.78 -3.12
N LEU B 151 15.06 5.91 -3.28
CA LEU B 151 15.65 7.20 -2.94
C LEU B 151 16.04 7.26 -1.48
N ILE B 152 15.11 6.88 -0.61
CA ILE B 152 15.34 6.95 0.83
C ILE B 152 16.61 6.21 1.17
N SER B 153 16.80 5.02 0.58
CA SER B 153 18.03 4.27 0.78
C SER B 153 19.25 5.03 0.30
N LYS B 154 19.18 5.62 -0.90
CA LYS B 154 20.36 6.31 -1.41
C LYS B 154 20.62 7.61 -0.67
N ILE B 155 19.58 8.33 -0.23
CA ILE B 155 19.80 9.51 0.58
C ILE B 155 20.47 9.13 1.90
N ARG B 156 19.98 8.06 2.54
CA ARG B 156 20.56 7.61 3.78
C ARG B 156 22.03 7.27 3.63
N GLU B 157 22.43 6.70 2.48
CA GLU B 157 23.83 6.32 2.31
C GLU B 157 24.73 7.55 2.26
N GLU B 158 24.26 8.62 1.61
CA GLU B 158 25.02 9.84 1.48
C GLU B 158 24.84 10.81 2.65
N TYR B 159 23.79 10.64 3.47
CA TYR B 159 23.53 11.51 4.61
C TYR B 159 23.14 10.66 5.81
N PRO B 160 24.03 9.77 6.24
CA PRO B 160 23.62 8.76 7.24
C PRO B 160 23.21 9.35 8.55
N ASP B 161 23.55 10.61 8.80
CA ASP B 161 23.34 11.25 10.09
C ASP B 161 22.28 12.33 10.05
N ARG B 162 21.42 12.33 9.04
CA ARG B 162 20.29 13.25 9.00
C ARG B 162 19.01 12.44 9.14
N ILE B 163 17.91 13.14 9.50
CA ILE B 163 16.65 12.49 9.82
C ILE B 163 15.87 12.27 8.53
N MET B 164 15.32 11.07 8.38
CA MET B 164 14.44 10.67 7.29
C MET B 164 13.01 10.57 7.80
N ASN B 165 12.12 11.45 7.33
CA ASN B 165 10.72 11.25 7.69
C ASN B 165 9.82 11.28 6.46
N THR B 166 8.76 10.46 6.49
CA THR B 166 7.84 10.36 5.36
C THR B 166 6.39 10.51 5.77
N PHE B 167 5.62 11.04 4.84
CA PHE B 167 4.17 10.92 4.83
C PHE B 167 3.85 9.86 3.79
N SER B 168 3.37 8.71 4.24
CA SER B 168 3.17 7.54 3.39
C SER B 168 1.69 7.17 3.34
N VAL B 169 1.08 7.32 2.18
CA VAL B 169 -0.31 6.94 1.97
C VAL B 169 -0.42 5.41 1.81
N MET B 170 -1.18 4.74 2.71
CA MET B 170 -1.37 3.28 2.62
C MET B 170 -2.58 2.96 1.74
N PRO B 171 -2.45 1.94 0.91
CA PRO B 171 -3.56 1.57 0.03
C PRO B 171 -4.65 0.85 0.80
N SER B 172 -5.86 0.95 0.28
CA SER B 172 -7.04 0.28 0.80
C SER B 172 -7.89 -0.17 -0.38
N PRO B 173 -8.41 -1.37 -0.35
CA PRO B 173 -9.38 -1.78 -1.37
C PRO B 173 -10.59 -0.84 -1.51
N LYS B 174 -10.96 -0.09 -0.47
CA LYS B 174 -12.07 0.86 -0.67
C LYS B 174 -11.71 2.01 -1.60
N VAL B 175 -10.43 2.29 -1.80
CA VAL B 175 -9.99 3.34 -2.72
C VAL B 175 -8.79 2.73 -3.40
N SER B 176 -8.98 2.03 -4.50
CA SER B 176 -7.90 1.25 -5.06
C SER B 176 -7.75 1.52 -6.55
N ASP B 177 -6.50 1.51 -7.01
CA ASP B 177 -6.29 1.62 -8.45
C ASP B 177 -5.99 0.28 -9.11
N THR B 178 -5.29 -0.61 -8.41
CA THR B 178 -4.95 -1.92 -8.97
C THR B 178 -4.83 -2.93 -7.84
N VAL B 179 -4.90 -4.21 -8.22
CA VAL B 179 -4.93 -5.28 -7.23
C VAL B 179 -3.58 -5.52 -6.58
N VAL B 180 -2.48 -5.03 -7.18
CA VAL B 180 -1.14 -5.33 -6.65
C VAL B 180 -0.71 -4.41 -5.53
N GLU B 181 -1.56 -3.45 -5.14
CA GLU B 181 -1.25 -2.53 -4.05
C GLU B 181 -0.76 -3.24 -2.79
N PRO B 182 -1.41 -4.28 -2.29
CA PRO B 182 -0.79 -5.01 -1.16
C PRO B 182 0.65 -5.47 -1.40
N TYR B 183 1.00 -5.82 -2.65
CA TYR B 183 2.39 -6.21 -2.92
C TYR B 183 3.32 -5.02 -2.79
N ASN B 184 2.99 -3.91 -3.47
CA ASN B 184 3.81 -2.71 -3.42
C ASN B 184 3.93 -2.18 -1.99
N ALA B 185 2.83 -2.25 -1.22
CA ALA B 185 2.86 -1.72 0.14
C ALA B 185 3.76 -2.56 1.04
N THR B 186 3.63 -3.90 0.96
CA THR B 186 4.44 -4.78 1.79
C THR B 186 5.92 -4.63 1.47
N LEU B 187 6.25 -4.50 0.19
CA LEU B 187 7.64 -4.30 -0.18
C LEU B 187 8.16 -2.99 0.38
N SER B 188 7.31 -1.97 0.37
CA SER B 188 7.73 -0.65 0.82
C SER B 188 7.85 -0.57 2.34
N VAL B 189 6.88 -1.11 3.08
CA VAL B 189 6.95 -1.01 4.53
C VAL B 189 8.24 -1.63 5.02
N HIS B 190 8.69 -2.70 4.35
CA HIS B 190 9.96 -3.32 4.71
C HIS B 190 11.10 -2.32 4.65
N GLN B 191 11.16 -1.54 3.57
CA GLN B 191 12.15 -0.47 3.48
C GLN B 191 11.95 0.57 4.57
N LEU B 192 10.70 0.97 4.82
CA LEU B 192 10.47 2.08 5.73
C LEU B 192 10.85 1.70 7.15
N VAL B 193 10.61 0.45 7.53
CA VAL B 193 10.98 -0.04 8.85
C VAL B 193 12.48 0.14 9.07
N GLU B 194 13.28 0.02 8.01
CA GLU B 194 14.72 0.03 8.12
C GLU B 194 15.34 1.40 7.92
N ASN B 195 14.72 2.29 7.14
CA ASN B 195 15.40 3.48 6.67
C ASN B 195 14.68 4.80 6.97
N THR B 196 13.61 4.80 7.75
CA THR B 196 13.04 6.06 8.20
C THR B 196 13.08 6.17 9.72
N ASP B 197 13.13 7.40 10.18
CA ASP B 197 13.05 7.64 11.61
C ASP B 197 11.62 7.81 12.06
N GLU B 198 10.76 8.37 11.21
CA GLU B 198 9.38 8.59 11.59
C GLU B 198 8.54 8.67 10.33
N THR B 199 7.46 7.90 10.30
CA THR B 199 6.56 7.83 9.14
C THR B 199 5.15 8.10 9.63
N TYR B 200 4.56 9.15 9.10
CA TYR B 200 3.13 9.36 9.28
C TYR B 200 2.37 8.44 8.34
N CYS B 201 1.59 7.52 8.92
CA CYS B 201 0.75 6.59 8.17
C CYS B 201 -0.58 7.26 7.81
N ILE B 202 -0.71 7.71 6.57
CA ILE B 202 -2.00 8.20 6.07
C ILE B 202 -2.70 7.06 5.34
N ASP B 203 -3.80 6.57 5.91
CA ASP B 203 -4.51 5.41 5.39
C ASP B 203 -5.67 5.87 4.52
N ASN B 204 -5.62 5.55 3.22
CA ASN B 204 -6.68 5.97 2.31
C ASN B 204 -8.04 5.42 2.73
N GLU B 205 -8.07 4.28 3.43
CA GLU B 205 -9.34 3.80 3.95
C GLU B 205 -9.94 4.81 4.93
N ALA B 206 -9.17 5.19 5.94
CA ALA B 206 -9.61 6.16 6.94
C ALA B 206 -10.00 7.49 6.30
N LEU B 207 -9.22 7.97 5.34
CA LEU B 207 -9.57 9.25 4.71
C LEU B 207 -10.92 9.14 4.01
N TYR B 208 -11.17 7.99 3.38
CA TYR B 208 -12.46 7.77 2.71
C TYR B 208 -13.60 7.76 3.71
N ASP B 209 -13.50 6.93 4.75
CA ASP B 209 -14.54 6.85 5.77
C ASP B 209 -14.85 8.22 6.36
N ILE B 210 -13.83 9.04 6.59
CA ILE B 210 -14.07 10.37 7.12
C ILE B 210 -14.86 11.21 6.13
N CYS B 211 -14.57 11.07 4.84
CA CYS B 211 -15.28 11.87 3.83
C CYS B 211 -16.72 11.41 3.67
N PHE B 212 -16.95 10.09 3.73
CA PHE B 212 -18.28 9.51 3.62
C PHE B 212 -19.07 9.69 4.92
N ARG B 213 -18.61 9.01 5.99
CA ARG B 213 -19.38 8.91 7.22
C ARG B 213 -19.48 10.24 7.97
N THR B 214 -18.45 11.08 7.94
CA THR B 214 -18.51 12.30 8.73
C THR B 214 -18.78 13.54 7.89
N LEU B 215 -17.94 13.84 6.91
CA LEU B 215 -18.19 15.06 6.14
C LEU B 215 -19.36 14.91 5.18
N LYS B 216 -20.04 13.76 5.20
CA LYS B 216 -21.26 13.52 4.43
C LYS B 216 -21.02 13.80 2.94
N LEU B 217 -20.07 13.07 2.37
CA LEU B 217 -19.77 13.12 0.94
C LEU B 217 -20.02 11.74 0.37
N THR B 218 -21.06 11.60 -0.44
CA THR B 218 -21.46 10.29 -0.90
C THR B 218 -20.43 9.68 -1.83
N THR B 219 -19.78 10.51 -2.64
CA THR B 219 -18.72 10.03 -3.52
C THR B 219 -17.54 11.00 -3.44
N PRO B 220 -16.61 10.71 -2.55
CA PRO B 220 -15.41 11.56 -2.43
C PRO B 220 -14.47 11.34 -3.60
N THR B 221 -13.77 12.40 -3.95
CA THR B 221 -12.71 12.34 -4.93
C THR B 221 -11.36 12.24 -4.21
N TYR B 222 -10.29 12.09 -4.98
CA TYR B 222 -8.96 12.19 -4.42
C TYR B 222 -8.71 13.60 -3.88
N GLY B 223 -9.33 14.61 -4.50
CA GLY B 223 -9.25 15.95 -3.97
C GLY B 223 -9.78 16.04 -2.55
N ASP B 224 -10.92 15.38 -2.27
CA ASP B 224 -11.49 15.42 -0.93
C ASP B 224 -10.56 14.76 0.08
N LEU B 225 -9.98 13.63 -0.32
CA LEU B 225 -8.99 12.99 0.55
C LEU B 225 -7.78 13.90 0.76
N ASN B 226 -7.32 14.56 -0.30
CA ASN B 226 -6.11 15.35 -0.21
C ASN B 226 -6.30 16.66 0.55
N HIS B 227 -7.53 17.14 0.65
CA HIS B 227 -7.86 18.23 1.57
C HIS B 227 -7.60 17.81 3.01
N LEU B 228 -8.00 16.58 3.37
CA LEU B 228 -7.69 16.06 4.68
C LEU B 228 -6.19 15.92 4.89
N VAL B 229 -5.48 15.41 3.88
CA VAL B 229 -4.04 15.17 4.05
C VAL B 229 -3.29 16.49 4.24
N SER B 230 -3.61 17.49 3.42
CA SER B 230 -2.88 18.75 3.51
C SER B 230 -3.14 19.43 4.85
N ALA B 231 -4.38 19.34 5.36
CA ALA B 231 -4.68 19.87 6.69
C ALA B 231 -3.87 19.17 7.76
N THR B 232 -3.76 17.84 7.67
CA THR B 232 -2.94 17.08 8.60
C THR B 232 -1.46 17.47 8.46
N MET B 233 -0.96 17.50 7.24
CA MET B 233 0.46 17.79 7.06
C MET B 233 0.82 19.17 7.60
N SER B 234 -0.09 20.14 7.46
CA SER B 234 0.12 21.44 8.07
C SER B 234 0.13 21.33 9.59
N GLY B 235 -0.79 20.56 10.15
CA GLY B 235 -0.85 20.37 11.58
C GLY B 235 0.41 19.83 12.21
N VAL B 236 0.86 18.68 11.71
CA VAL B 236 1.99 17.99 12.33
C VAL B 236 3.30 18.71 12.04
N THR B 237 3.35 19.62 11.07
CA THR B 237 4.56 20.40 10.89
C THR B 237 4.51 21.76 11.57
N THR B 238 3.40 22.10 12.25
CA THR B 238 3.26 23.41 12.85
C THR B 238 4.44 23.74 13.75
N CYS B 239 4.86 22.78 14.56
CA CYS B 239 5.93 23.02 15.53
C CYS B 239 7.31 23.10 14.91
N LEU B 240 7.48 22.65 13.68
CA LEU B 240 8.75 22.86 13.00
C LEU B 240 8.83 24.23 12.35
N ARG B 241 7.70 24.81 11.96
CA ARG B 241 7.68 26.01 11.15
C ARG B 241 7.35 27.27 11.93
N PHE B 242 6.87 27.15 13.15
CA PHE B 242 6.48 28.40 13.77
C PHE B 242 7.22 28.62 15.08
N PRO B 243 7.59 29.88 15.35
CA PRO B 243 8.25 30.18 16.61
C PRO B 243 7.38 29.77 17.75
N GLY B 244 7.97 29.13 18.71
CA GLY B 244 7.22 28.76 19.86
C GLY B 244 8.05 28.65 21.08
N GLN B 245 7.53 27.93 22.05
CA GLN B 245 8.24 27.75 23.27
C GLN B 245 8.97 26.44 23.23
N LEU B 246 8.53 25.55 22.35
CA LEU B 246 9.17 24.26 22.22
C LEU B 246 10.16 24.37 21.13
N ASN B 247 9.76 24.98 20.03
CA ASN B 247 10.64 25.03 18.88
C ASN B 247 11.15 23.63 18.56
N ALA B 248 10.33 22.84 17.89
CA ALA B 248 10.69 21.47 17.59
C ALA B 248 11.44 21.28 16.30
N ASP B 249 12.02 20.10 16.15
CA ASP B 249 12.69 19.81 14.90
C ASP B 249 12.59 18.30 14.69
N LEU B 250 13.05 17.84 13.52
CA LEU B 250 12.86 16.44 13.18
C LEU B 250 13.59 15.49 14.13
N ARG B 251 14.73 15.89 14.70
CA ARG B 251 15.43 14.93 15.55
C ARG B 251 14.82 14.88 16.94
N LYS B 252 14.52 16.04 17.52
CA LYS B 252 13.87 16.03 18.81
C LYS B 252 12.54 15.27 18.72
N LEU B 253 11.86 15.37 17.57
CA LEU B 253 10.65 14.60 17.36
C LEU B 253 10.94 13.10 17.41
N ALA B 254 12.01 12.65 16.76
CA ALA B 254 12.28 11.22 16.77
C ALA B 254 12.67 10.74 18.16
N VAL B 255 13.46 11.55 18.89
CA VAL B 255 13.92 11.13 20.20
C VAL B 255 12.76 11.01 21.18
N ASN B 256 11.81 11.93 21.10
CA ASN B 256 10.74 11.87 22.09
C ASN B 256 9.65 10.86 21.75
N MET B 257 9.50 10.48 20.48
CA MET B 257 8.33 9.73 20.03
C MET B 257 8.63 8.27 19.76
N VAL B 258 9.90 7.90 19.57
CA VAL B 258 10.26 6.56 19.13
C VAL B 258 11.04 5.83 20.21
N PRO B 259 10.38 5.06 21.08
CA PRO B 259 11.12 4.30 22.10
C PRO B 259 11.99 3.18 21.54
N PHE B 260 11.64 2.58 20.41
CA PHE B 260 12.46 1.50 19.88
C PHE B 260 12.54 1.74 18.38
N PRO B 261 13.71 1.52 17.78
CA PRO B 261 13.95 2.07 16.42
C PRO B 261 12.95 1.62 15.38
N ARG B 262 12.50 0.37 15.45
CA ARG B 262 11.61 -0.09 14.40
C ARG B 262 10.20 0.49 14.54
N LEU B 263 9.74 0.74 15.77
CA LEU B 263 8.36 1.15 16.02
C LEU B 263 8.25 2.66 15.86
N HIS B 264 8.23 3.12 14.61
CA HIS B 264 8.24 4.56 14.35
C HIS B 264 7.17 4.96 13.34
N PHE B 265 6.00 4.35 13.43
CA PHE B 265 4.91 4.60 12.51
C PHE B 265 3.76 5.27 13.27
N PHE B 266 3.46 6.52 12.93
CA PHE B 266 2.58 7.38 13.71
C PHE B 266 1.20 7.52 13.07
N MET B 267 0.16 7.52 13.93
CA MET B 267 -1.20 7.84 13.51
C MET B 267 -1.43 9.34 13.68
N PRO B 268 -1.67 10.10 12.61
CA PRO B 268 -2.06 11.51 12.78
C PRO B 268 -3.57 11.68 12.96
N GLY B 269 -3.93 12.80 13.60
CA GLY B 269 -5.33 13.13 13.86
C GLY B 269 -5.55 14.62 13.82
N PHE B 270 -6.74 15.03 13.40
CA PHE B 270 -7.05 16.44 13.19
C PHE B 270 -8.44 16.77 13.71
N ALA B 271 -8.61 18.01 14.19
CA ALA B 271 -9.93 18.56 14.57
C ALA B 271 -9.88 20.07 14.39
N PRO B 272 -10.95 20.69 13.89
CA PRO B 272 -12.21 20.07 13.46
C PRO B 272 -12.05 19.42 12.09
N LEU B 273 -12.70 18.28 11.83
CA LEU B 273 -12.65 17.71 10.49
C LEU B 273 -13.62 18.49 9.62
N THR B 274 -13.11 18.96 8.48
CA THR B 274 -13.81 19.88 7.60
C THR B 274 -13.79 19.35 6.17
N SER B 275 -14.79 19.78 5.40
CA SER B 275 -14.83 19.57 3.96
C SER B 275 -14.48 20.87 3.23
N ARG B 276 -14.03 20.72 1.99
CA ARG B 276 -13.64 21.86 1.15
C ARG B 276 -14.78 22.86 0.87
N GLN B 279 -19.56 26.04 5.19
CA GLN B 279 -18.71 26.06 6.38
C GLN B 279 -19.54 26.22 7.64
N GLN B 280 -19.11 25.58 8.72
CA GLN B 280 -19.61 25.92 10.04
C GLN B 280 -18.85 27.16 10.52
N TYR B 281 -19.59 28.21 10.84
CA TYR B 281 -19.03 29.47 11.28
C TYR B 281 -18.71 29.49 12.76
N ARG B 282 -19.18 28.49 13.51
CA ARG B 282 -18.93 28.39 14.94
C ARG B 282 -17.52 27.85 15.18
N ALA B 283 -16.69 28.62 15.90
CA ALA B 283 -15.42 28.06 16.34
C ALA B 283 -15.69 27.03 17.44
N LEU B 284 -14.85 26.02 17.51
CA LEU B 284 -15.10 25.00 18.52
C LEU B 284 -14.56 25.46 19.87
N THR B 285 -15.06 24.83 20.93
CA THR B 285 -14.50 25.04 22.25
C THR B 285 -13.36 24.05 22.52
N VAL B 286 -12.46 24.43 23.43
CA VAL B 286 -11.31 23.57 23.72
C VAL B 286 -11.72 22.18 24.16
N PRO B 287 -12.78 21.98 24.96
CA PRO B 287 -13.24 20.61 25.19
C PRO B 287 -13.61 19.85 23.93
N GLU B 288 -14.11 20.54 22.90
CA GLU B 288 -14.55 19.86 21.69
C GLU B 288 -13.38 19.46 20.79
N LEU B 289 -12.41 20.36 20.60
CA LEU B 289 -11.19 19.99 19.90
C LEU B 289 -10.55 18.77 20.55
N THR B 290 -10.50 18.73 21.88
CA THR B 290 -9.77 17.68 22.55
C THR B 290 -10.49 16.34 22.43
N GLN B 291 -11.80 16.33 22.63
CA GLN B 291 -12.53 15.08 22.48
C GLN B 291 -12.47 14.57 21.04
N GLN B 292 -12.57 15.46 20.06
CA GLN B 292 -12.68 15.04 18.68
C GLN B 292 -11.35 14.50 18.16
N MET B 293 -10.27 15.21 18.43
CA MET B 293 -8.96 14.78 17.95
C MET B 293 -8.53 13.46 18.56
N PHE B 294 -9.07 13.06 19.71
CA PHE B 294 -8.73 11.74 20.24
C PHE B 294 -9.73 10.67 19.82
N ASP B 295 -10.83 11.06 19.21
CA ASP B 295 -11.80 10.10 18.72
C ASP B 295 -11.19 9.35 17.54
N SER B 296 -11.50 8.05 17.44
CA SER B 296 -11.03 7.29 16.28
C SER B 296 -11.50 7.92 14.97
N LYS B 297 -12.74 8.43 14.95
CA LYS B 297 -13.35 9.04 13.77
C LYS B 297 -12.53 10.19 13.22
N ASN B 298 -11.54 10.66 13.96
CA ASN B 298 -10.67 11.70 13.47
C ASN B 298 -9.28 11.17 13.14
N MET B 299 -9.04 9.86 13.29
CA MET B 299 -7.75 9.25 13.00
C MET B 299 -7.55 9.07 11.50
N MET B 300 -6.39 9.47 11.00
CA MET B 300 -6.08 9.31 9.58
C MET B 300 -5.50 7.94 9.23
N ALA B 301 -5.35 7.04 10.20
CA ALA B 301 -5.04 5.65 9.91
C ALA B 301 -6.17 4.82 10.51
N ALA B 302 -6.74 3.92 9.70
CA ALA B 302 -7.98 3.25 10.07
C ALA B 302 -7.72 2.19 11.15
N CYS B 303 -7.34 2.66 12.33
CA CYS B 303 -7.02 1.83 13.47
C CYS B 303 -7.76 2.39 14.66
N ASP B 304 -8.28 1.51 15.51
CA ASP B 304 -8.96 1.95 16.72
C ASP B 304 -7.95 2.04 17.85
N PRO B 305 -7.67 3.23 18.37
CA PRO B 305 -6.71 3.33 19.48
C PRO B 305 -7.15 2.58 20.71
N ARG B 306 -8.46 2.34 20.87
CA ARG B 306 -9.00 1.55 21.97
C ARG B 306 -8.69 0.05 21.82
N HIS B 307 -7.99 -0.34 20.76
CA HIS B 307 -7.51 -1.70 20.53
C HIS B 307 -6.02 -1.85 20.80
N GLY B 308 -5.35 -0.78 21.22
CA GLY B 308 -3.95 -0.87 21.55
C GLY B 308 -3.60 0.12 22.65
N ARG B 309 -2.31 0.45 22.82
CA ARG B 309 -1.91 1.42 23.81
C ARG B 309 -1.03 2.48 23.17
N TYR B 310 -1.20 3.72 23.61
CA TYR B 310 -0.34 4.81 23.18
C TYR B 310 1.02 4.67 23.86
N LEU B 311 2.07 4.64 23.05
CA LEU B 311 3.41 4.69 23.61
C LEU B 311 3.79 6.13 23.94
N THR B 312 3.56 7.03 22.99
CA THR B 312 3.86 8.44 23.13
C THR B 312 2.84 9.20 22.30
N VAL B 313 2.57 10.45 22.69
CA VAL B 313 1.57 11.31 22.05
C VAL B 313 2.09 12.72 22.07
N ALA B 314 1.96 13.43 20.95
CA ALA B 314 2.25 14.86 20.88
C ALA B 314 1.02 15.56 20.29
N ALA B 315 0.57 16.62 20.96
CA ALA B 315 -0.60 17.37 20.52
C ALA B 315 -0.22 18.83 20.33
N ILE B 316 -0.86 19.49 19.36
CA ILE B 316 -0.62 20.91 19.12
C ILE B 316 -1.96 21.62 18.95
N PHE B 317 -2.15 22.74 19.67
CA PHE B 317 -3.36 23.54 19.61
C PHE B 317 -3.05 24.86 18.92
N ARG B 318 -3.85 25.22 17.93
CA ARG B 318 -3.64 26.40 17.09
C ARG B 318 -4.83 27.33 17.21
N GLY B 319 -4.57 28.63 17.36
CA GLY B 319 -5.62 29.60 17.57
C GLY B 319 -5.45 30.34 18.89
N ARG B 320 -6.28 31.37 19.06
CA ARG B 320 -6.34 32.08 20.33
C ARG B 320 -7.34 31.37 21.24
N MET B 321 -6.85 30.85 22.37
CA MET B 321 -7.68 30.14 23.33
C MET B 321 -6.92 30.05 24.64
N SER B 322 -7.59 29.51 25.66
CA SER B 322 -7.02 29.44 27.00
C SER B 322 -6.03 28.28 27.08
N MET B 323 -4.75 28.62 27.28
CA MET B 323 -3.75 27.59 27.57
C MET B 323 -4.11 26.83 28.84
N LYS B 324 -4.73 27.49 29.82
CA LYS B 324 -5.16 26.80 31.02
C LYS B 324 -6.26 25.79 30.71
N GLU B 325 -7.14 26.12 29.77
CA GLU B 325 -8.20 25.19 29.40
C GLU B 325 -7.64 24.04 28.58
N VAL B 326 -6.69 24.33 27.68
CA VAL B 326 -6.00 23.28 26.95
C VAL B 326 -5.41 22.27 27.92
N ASP B 327 -4.61 22.76 28.88
CA ASP B 327 -3.96 21.90 29.87
C ASP B 327 -4.99 21.10 30.65
N GLU B 328 -6.09 21.74 31.02
CA GLU B 328 -7.13 21.06 31.79
C GLU B 328 -7.75 19.94 30.98
N GLN B 329 -8.01 20.19 29.69
CA GLN B 329 -8.67 19.21 28.85
C GLN B 329 -7.74 18.05 28.50
N MET B 330 -6.46 18.35 28.22
CA MET B 330 -5.53 17.29 27.86
C MET B 330 -5.29 16.34 29.01
N LEU B 331 -5.14 16.87 30.23
CA LEU B 331 -4.98 16.01 31.39
C LEU B 331 -6.26 15.25 31.70
N ASN B 332 -7.42 15.81 31.36
CA ASN B 332 -8.67 15.09 31.55
C ASN B 332 -8.75 13.83 30.69
N VAL B 333 -8.41 13.95 29.40
CA VAL B 333 -8.48 12.82 28.46
C VAL B 333 -7.57 11.67 28.87
N GLN B 334 -6.41 11.99 29.47
CA GLN B 334 -5.54 10.93 29.97
C GLN B 334 -6.16 10.22 31.17
N ASN B 335 -6.93 10.94 31.99
CA ASN B 335 -7.63 10.27 33.10
C ASN B 335 -8.70 9.32 32.55
N LYS B 336 -9.56 9.82 31.67
CA LYS B 336 -10.64 8.97 31.16
C LYS B 336 -10.14 7.82 30.30
N ASN B 337 -8.84 7.76 30.01
CA ASN B 337 -8.29 6.70 29.16
C ASN B 337 -7.01 6.11 29.73
N SER B 338 -6.70 6.33 31.02
CA SER B 338 -5.38 6.00 31.53
C SER B 338 -4.98 4.54 31.31
N SER B 339 -5.95 3.68 30.95
CA SER B 339 -5.59 2.33 30.57
C SER B 339 -4.96 2.28 29.20
N TYR B 340 -5.19 3.29 28.36
CA TYR B 340 -4.69 3.29 26.99
C TYR B 340 -3.36 4.01 26.84
N PHE B 341 -2.68 4.33 27.95
CA PHE B 341 -1.35 4.93 27.93
C PHE B 341 -0.44 4.05 28.77
N VAL B 342 0.60 3.49 28.13
CA VAL B 342 1.52 2.58 28.82
C VAL B 342 2.06 3.21 30.09
N GLU B 343 2.24 2.38 31.12
CA GLU B 343 2.72 2.86 32.40
C GLU B 343 4.24 2.93 32.47
N TRP B 344 4.95 2.32 31.53
CA TRP B 344 6.41 2.34 31.58
C TRP B 344 7.02 3.47 30.75
N ILE B 345 6.21 4.44 30.30
CA ILE B 345 6.75 5.70 29.80
C ILE B 345 6.02 6.84 30.50
N PRO B 346 6.53 7.31 31.64
CA PRO B 346 5.84 8.37 32.37
C PRO B 346 5.77 9.63 31.55
N ASN B 347 4.70 10.38 31.76
CA ASN B 347 4.51 11.69 31.14
C ASN B 347 4.74 11.63 29.64
N ASN B 348 3.99 10.75 28.98
CA ASN B 348 4.23 10.46 27.57
C ASN B 348 3.26 11.19 26.65
N VAL B 349 2.50 12.16 27.16
CA VAL B 349 1.65 13.05 26.37
C VAL B 349 2.14 14.47 26.52
N LYS B 350 2.41 15.13 25.41
CA LYS B 350 2.91 16.49 25.41
C LYS B 350 2.01 17.41 24.60
N THR B 351 1.97 18.69 25.01
CA THR B 351 1.04 19.69 24.49
C THR B 351 1.79 20.95 24.13
N ALA B 352 1.65 21.39 22.88
CA ALA B 352 2.19 22.63 22.38
C ALA B 352 1.04 23.55 21.98
N VAL B 353 1.29 24.86 21.97
CA VAL B 353 0.32 25.85 21.52
C VAL B 353 0.97 26.74 20.48
N CYS B 354 0.26 27.02 19.40
CA CYS B 354 0.71 27.97 18.40
C CYS B 354 -0.39 28.99 18.13
N ASP B 355 0.01 30.27 18.03
CA ASP B 355 -1.00 31.33 17.94
C ASP B 355 -1.72 31.33 16.59
N ILE B 356 -1.00 31.14 15.49
CA ILE B 356 -1.61 31.23 14.15
C ILE B 356 -2.43 29.99 13.83
N PRO B 357 -3.74 30.11 13.61
CA PRO B 357 -4.54 28.94 13.17
C PRO B 357 -4.42 28.76 11.67
N PRO B 358 -4.75 27.57 11.16
CA PRO B 358 -4.80 27.36 9.72
C PRO B 358 -5.89 28.19 9.05
N ARG B 359 -5.87 28.20 7.71
CA ARG B 359 -6.83 29.01 6.97
C ARG B 359 -8.23 28.53 7.23
N GLY B 360 -9.12 29.47 7.50
CA GLY B 360 -10.53 29.21 7.61
C GLY B 360 -11.02 28.81 8.99
N LEU B 361 -10.12 28.46 9.89
CA LEU B 361 -10.53 28.07 11.23
C LEU B 361 -10.05 29.09 12.24
N LYS B 362 -10.82 29.27 13.30
CA LYS B 362 -10.31 30.05 14.43
C LYS B 362 -9.56 29.19 15.41
N MET B 363 -9.92 27.92 15.52
CA MET B 363 -9.23 26.98 16.39
C MET B 363 -9.01 25.67 15.64
N SER B 364 -7.97 24.94 16.03
CA SER B 364 -7.77 23.60 15.51
C SER B 364 -6.77 22.88 16.41
N ALA B 365 -6.81 21.57 16.35
CA ALA B 365 -5.96 20.68 17.12
C ALA B 365 -5.39 19.61 16.19
N THR B 366 -4.09 19.34 16.30
CA THR B 366 -3.47 18.21 15.60
C THR B 366 -2.82 17.27 16.60
N PHE B 367 -2.87 15.98 16.27
CA PHE B 367 -2.53 14.88 17.15
C PHE B 367 -1.49 14.02 16.43
N ILE B 368 -0.42 13.63 17.12
CA ILE B 368 0.56 12.68 16.57
C ILE B 368 0.72 11.58 17.59
N GLY B 369 0.31 10.38 17.23
CA GLY B 369 0.33 9.30 18.21
C GLY B 369 1.16 8.13 17.74
N ASN B 370 2.05 7.65 18.58
CA ASN B 370 2.72 6.38 18.33
C ASN B 370 1.95 5.35 19.16
N SER B 371 0.94 4.76 18.53
CA SER B 371 0.04 3.80 19.17
C SER B 371 0.29 2.42 18.60
N THR B 372 0.25 1.41 19.47
CA THR B 372 0.37 0.03 19.00
C THR B 372 -0.85 -0.44 18.22
N ALA B 373 -1.94 0.35 18.20
CA ALA B 373 -3.07 -0.01 17.36
C ALA B 373 -2.71 0.00 15.89
N ILE B 374 -1.60 0.63 15.53
CA ILE B 374 -1.12 0.65 14.15
C ILE B 374 -0.84 -0.75 13.62
N GLN B 375 -0.69 -1.74 14.50
CA GLN B 375 -0.52 -3.09 14.00
C GLN B 375 -1.73 -3.54 13.18
N GLU B 376 -2.92 -3.05 13.50
CA GLU B 376 -4.12 -3.40 12.73
C GLU B 376 -3.97 -3.03 11.26
N LEU B 377 -3.35 -1.89 10.98
CA LEU B 377 -3.13 -1.53 9.59
C LEU B 377 -2.14 -2.48 8.92
N PHE B 378 -1.10 -2.90 9.62
CA PHE B 378 -0.12 -3.80 9.01
C PHE B 378 -0.68 -5.21 8.90
N LYS B 379 -1.52 -5.62 9.87
CA LYS B 379 -2.18 -6.91 9.76
C LYS B 379 -3.12 -6.91 8.56
N ARG B 380 -3.83 -5.82 8.35
CA ARG B 380 -4.70 -5.67 7.19
C ARG B 380 -3.91 -5.88 5.89
N ILE B 381 -2.79 -5.17 5.75
CA ILE B 381 -1.99 -5.29 4.52
C ILE B 381 -1.40 -6.69 4.42
N SER B 382 -0.92 -7.24 5.53
CA SER B 382 -0.37 -8.59 5.51
C SER B 382 -1.38 -9.61 5.00
N GLU B 383 -2.66 -9.46 5.40
CA GLU B 383 -3.69 -10.37 4.95
C GLU B 383 -3.88 -10.29 3.45
N GLN B 384 -4.07 -9.07 2.94
CA GLN B 384 -4.25 -8.88 1.51
C GLN B 384 -3.06 -9.43 0.73
N PHE B 385 -1.84 -9.19 1.22
CA PHE B 385 -0.67 -9.78 0.60
C PHE B 385 -0.77 -11.29 0.56
N THR B 386 -1.08 -11.91 1.69
CA THR B 386 -1.04 -13.37 1.73
C THR B 386 -2.13 -13.97 0.87
N ALA B 387 -3.26 -13.29 0.69
CA ALA B 387 -4.34 -13.87 -0.09
C ALA B 387 -3.91 -14.09 -1.53
N MET B 388 -3.11 -13.18 -2.07
CA MET B 388 -2.61 -13.35 -3.43
C MET B 388 -1.33 -14.14 -3.48
N PHE B 389 -0.47 -14.01 -2.48
CA PHE B 389 0.87 -14.59 -2.56
C PHE B 389 0.85 -16.10 -2.35
N ARG B 390 -0.13 -16.65 -1.63
CA ARG B 390 -0.20 -18.09 -1.49
C ARG B 390 -0.62 -18.77 -2.78
N ARG B 391 -0.88 -18.01 -3.84
CA ARG B 391 -1.21 -18.56 -5.15
C ARG B 391 -0.35 -17.90 -6.21
N LYS B 392 0.72 -17.21 -5.77
CA LYS B 392 1.67 -16.51 -6.62
C LYS B 392 0.99 -15.62 -7.67
N ALA B 393 -0.19 -15.08 -7.32
CA ALA B 393 -0.98 -14.30 -8.26
C ALA B 393 -0.33 -12.96 -8.58
N PHE B 394 -0.43 -12.57 -9.83
CA PHE B 394 0.10 -11.31 -10.34
C PHE B 394 1.60 -11.20 -10.16
N LEU B 395 2.26 -12.28 -9.72
CA LEU B 395 3.69 -12.23 -9.45
C LEU B 395 4.51 -11.98 -10.69
N HIS B 396 4.02 -12.39 -11.87
CA HIS B 396 4.84 -12.29 -13.07
C HIS B 396 5.21 -10.85 -13.37
N TRP B 397 4.37 -9.88 -12.99
CA TRP B 397 4.75 -8.49 -13.22
C TRP B 397 6.05 -8.14 -12.52
N TYR B 398 6.36 -8.84 -11.42
CA TYR B 398 7.56 -8.56 -10.66
C TYR B 398 8.75 -9.41 -11.09
N THR B 399 8.57 -10.72 -11.20
CA THR B 399 9.67 -11.56 -11.69
C THR B 399 10.14 -11.14 -13.07
N GLY B 400 9.24 -10.63 -13.91
CA GLY B 400 9.66 -10.10 -15.20
C GLY B 400 10.58 -8.90 -15.11
N GLU B 401 10.77 -8.34 -13.93
CA GLU B 401 11.71 -7.25 -13.75
C GLU B 401 12.94 -7.70 -12.99
N GLY B 402 13.07 -9.00 -12.75
CA GLY B 402 14.28 -9.53 -12.16
C GLY B 402 14.16 -9.94 -10.72
N MET B 403 12.96 -9.87 -10.15
CA MET B 403 12.77 -10.08 -8.74
C MET B 403 12.51 -11.55 -8.53
N ASP B 404 13.02 -12.08 -7.43
CA ASP B 404 12.75 -13.46 -7.07
C ASP B 404 11.63 -13.51 -6.03
N GLU B 405 11.01 -14.69 -5.91
CA GLU B 405 9.95 -14.82 -4.92
C GLU B 405 10.49 -14.71 -3.51
N MET B 406 11.78 -14.96 -3.31
CA MET B 406 12.39 -14.87 -1.98
C MET B 406 12.23 -13.47 -1.39
N GLU B 407 12.38 -12.45 -2.21
CA GLU B 407 12.24 -11.09 -1.73
C GLU B 407 10.84 -10.86 -1.14
N PHE B 408 9.82 -11.40 -1.79
CA PHE B 408 8.46 -11.32 -1.27
C PHE B 408 8.36 -12.03 0.06
N THR B 409 8.93 -13.23 0.15
CA THR B 409 8.89 -13.96 1.41
C THR B 409 9.55 -13.16 2.52
N GLU B 410 10.72 -12.58 2.24
CA GLU B 410 11.38 -11.77 3.25
C GLU B 410 10.51 -10.60 3.66
N ALA B 411 9.98 -9.80 2.76
CA ALA B 411 9.22 -8.63 3.14
C ALA B 411 8.01 -8.91 3.98
N GLU B 412 7.37 -10.03 3.73
CA GLU B 412 6.20 -10.40 4.46
C GLU B 412 6.57 -10.75 5.86
N SER B 413 7.59 -11.56 6.01
CA SER B 413 8.03 -11.96 7.31
C SER B 413 8.40 -10.77 8.16
N ASN B 414 8.99 -9.76 7.55
CA ASN B 414 9.40 -8.60 8.29
C ASN B 414 8.25 -7.73 8.75
N MET B 415 7.16 -7.71 8.02
CA MET B 415 6.00 -6.97 8.50
C MET B 415 5.30 -7.76 9.57
N ASN B 416 5.35 -9.07 9.46
CA ASN B 416 4.73 -9.90 10.45
C ASN B 416 5.52 -9.72 11.71
N ASP B 417 6.83 -9.77 11.64
CA ASP B 417 7.65 -9.40 12.78
C ASP B 417 7.21 -8.05 13.33
N LEU B 418 7.12 -7.04 12.46
CA LEU B 418 6.70 -5.72 12.89
C LEU B 418 5.38 -5.79 13.65
N VAL B 419 4.43 -6.57 13.15
CA VAL B 419 3.14 -6.68 13.84
C VAL B 419 3.34 -7.30 15.21
N SER B 420 4.11 -8.37 15.29
CA SER B 420 4.27 -9.03 16.57
C SER B 420 5.04 -8.17 17.55
N GLU B 421 5.98 -7.36 17.06
CA GLU B 421 6.71 -6.46 17.93
C GLU B 421 5.77 -5.42 18.53
N TYR B 422 4.82 -4.93 17.75
CA TYR B 422 3.79 -4.05 18.31
C TYR B 422 2.93 -4.78 19.35
N GLN B 423 2.66 -6.07 19.12
CA GLN B 423 1.83 -6.81 20.06
C GLN B 423 2.54 -7.02 21.39
N GLN B 424 3.85 -7.24 21.35
CA GLN B 424 4.64 -7.39 22.56
C GLN B 424 4.46 -6.20 23.51
N TYR B 425 4.59 -4.97 22.99
CA TYR B 425 4.48 -3.79 23.85
C TYR B 425 3.04 -3.41 24.15
N GLN B 426 2.07 -3.94 23.40
CA GLN B 426 0.68 -3.73 23.78
C GLN B 426 0.31 -4.50 25.04
N ASP B 427 1.00 -5.62 25.31
CA ASP B 427 0.78 -6.40 26.52
C ASP B 427 1.76 -6.07 27.65
N ALA B 428 2.78 -5.27 27.38
CA ALA B 428 3.77 -4.92 28.41
C ALA B 428 3.20 -3.90 29.39
N MET C 1 4.49 10.77 -25.53
CA MET C 1 4.78 9.67 -26.45
C MET C 1 3.75 8.56 -26.31
N ARG C 2 4.24 7.39 -25.94
CA ARG C 2 3.39 6.26 -25.61
C ARG C 2 2.58 5.82 -26.83
N GLU C 3 3.27 5.62 -27.95
CA GLU C 3 2.63 5.28 -29.21
C GLU C 3 2.29 3.80 -29.29
N CYS C 4 1.20 3.48 -30.00
CA CYS C 4 0.83 2.11 -30.36
C CYS C 4 0.76 1.96 -31.87
N ILE C 5 1.40 0.93 -32.36
CA ILE C 5 1.35 0.56 -33.74
C ILE C 5 0.33 -0.56 -33.90
N SER C 6 -0.58 -0.42 -34.86
CA SER C 6 -1.56 -1.44 -35.14
C SER C 6 -1.12 -2.23 -36.37
N ILE C 7 -1.24 -3.54 -36.30
CA ILE C 7 -0.96 -4.42 -37.42
C ILE C 7 -2.23 -5.21 -37.72
N HIS C 8 -2.75 -5.06 -38.94
CA HIS C 8 -3.98 -5.71 -39.39
C HIS C 8 -3.63 -6.79 -40.40
N VAL C 9 -3.97 -8.04 -40.11
CA VAL C 9 -3.46 -9.19 -40.85
C VAL C 9 -4.58 -10.01 -41.45
N GLY C 10 -4.53 -10.22 -42.77
CA GLY C 10 -5.53 -11.01 -43.46
C GLY C 10 -6.82 -10.23 -43.65
N GLN C 11 -7.79 -10.88 -44.29
CA GLN C 11 -9.01 -10.18 -44.62
C GLN C 11 -9.74 -9.72 -43.36
N ALA C 12 -9.94 -10.61 -42.39
CA ALA C 12 -10.69 -10.19 -41.20
C ALA C 12 -9.98 -9.03 -40.51
N GLY C 13 -8.67 -9.14 -40.34
CA GLY C 13 -7.91 -8.08 -39.69
C GLY C 13 -7.93 -6.79 -40.46
N VAL C 14 -7.85 -6.87 -41.80
CA VAL C 14 -7.83 -5.66 -42.60
C VAL C 14 -9.20 -4.99 -42.59
N GLN C 15 -10.27 -5.77 -42.75
CA GLN C 15 -11.59 -5.17 -42.83
C GLN C 15 -12.01 -4.62 -41.48
N ILE C 16 -11.62 -5.30 -40.39
CA ILE C 16 -11.86 -4.72 -39.08
C ILE C 16 -11.04 -3.45 -38.93
N GLY C 17 -9.81 -3.45 -39.46
CA GLY C 17 -8.99 -2.24 -39.47
C GLY C 17 -9.64 -1.10 -40.22
N ASN C 18 -10.31 -1.40 -41.34
CA ASN C 18 -11.03 -0.34 -42.01
C ASN C 18 -12.08 0.26 -41.10
N ALA C 19 -12.82 -0.60 -40.40
CA ALA C 19 -13.86 -0.11 -39.52
C ALA C 19 -13.29 0.70 -38.36
N CYS C 20 -12.23 0.21 -37.73
CA CYS C 20 -11.68 0.94 -36.59
C CYS C 20 -11.14 2.30 -37.00
N TRP C 21 -10.39 2.35 -38.09
CA TRP C 21 -9.74 3.61 -38.43
C TRP C 21 -10.75 4.66 -38.91
N GLU C 22 -11.80 4.24 -39.62
CA GLU C 22 -12.87 5.17 -39.96
C GLU C 22 -13.49 5.71 -38.69
N LEU C 23 -13.75 4.84 -37.72
CA LEU C 23 -14.36 5.26 -36.48
C LEU C 23 -13.42 6.20 -35.70
N TYR C 24 -12.12 5.84 -35.61
CA TYR C 24 -11.15 6.74 -34.98
C TYR C 24 -11.18 8.11 -35.63
N CYS C 25 -11.22 8.16 -36.95
CA CYS C 25 -11.25 9.45 -37.62
C CYS C 25 -12.47 10.27 -37.19
N LEU C 26 -13.66 9.66 -37.24
CA LEU C 26 -14.86 10.39 -36.83
C LEU C 26 -14.77 10.83 -35.38
N GLU C 27 -14.11 10.06 -34.53
CA GLU C 27 -14.10 10.41 -33.11
C GLU C 27 -13.19 11.61 -32.86
N HIS C 28 -12.18 11.80 -33.72
CA HIS C 28 -11.19 12.84 -33.51
C HIS C 28 -11.36 14.02 -34.44
N GLY C 29 -12.38 14.01 -35.29
CA GLY C 29 -12.51 15.07 -36.27
C GLY C 29 -11.50 15.03 -37.38
N ILE C 30 -10.95 13.85 -37.72
CA ILE C 30 -9.99 13.76 -38.82
C ILE C 30 -10.72 13.48 -40.12
N GLN C 31 -10.46 14.30 -41.12
CA GLN C 31 -11.13 14.13 -42.39
C GLN C 31 -10.49 12.99 -43.19
N PRO C 32 -11.17 12.47 -44.21
CA PRO C 32 -10.58 11.35 -44.99
C PRO C 32 -9.23 11.71 -45.63
N ASP C 33 -8.93 12.99 -45.85
CA ASP C 33 -7.64 13.39 -46.40
C ASP C 33 -6.55 13.50 -45.34
N GLY C 34 -6.89 13.29 -44.07
CA GLY C 34 -5.94 13.33 -42.99
C GLY C 34 -5.88 14.66 -42.27
N GLN C 35 -6.67 15.63 -42.67
CA GLN C 35 -6.60 16.94 -42.06
C GLN C 35 -7.49 16.94 -40.83
N MET C 36 -7.01 17.60 -39.78
CA MET C 36 -7.74 17.70 -38.51
C MET C 36 -7.87 19.18 -38.15
N PRO C 37 -8.89 19.89 -38.68
CA PRO C 37 -8.98 21.34 -38.44
C PRO C 37 -8.72 21.75 -36.99
N SER C 38 -9.21 20.97 -36.04
CA SER C 38 -9.06 21.33 -34.63
C SER C 38 -7.61 21.30 -34.16
N ASP C 39 -6.73 20.58 -34.86
CA ASP C 39 -5.33 20.40 -34.42
C ASP C 39 -4.48 21.60 -34.83
N LYS C 40 -4.21 22.49 -33.87
CA LYS C 40 -3.40 23.67 -34.14
C LYS C 40 -1.89 23.41 -34.13
N THR C 41 -1.43 22.33 -33.50
CA THR C 41 -0.02 21.95 -33.56
C THR C 41 0.24 21.17 -34.85
N ILE C 42 0.88 21.82 -35.83
CA ILE C 42 1.07 21.28 -37.18
C ILE C 42 2.33 20.43 -37.25
N GLY C 43 2.20 19.24 -37.85
CA GLY C 43 3.33 18.33 -38.07
C GLY C 43 3.80 17.54 -36.86
N GLY C 44 3.16 17.69 -35.70
CA GLY C 44 3.58 16.93 -34.54
C GLY C 44 2.71 17.27 -33.35
N GLY C 45 3.17 16.86 -32.19
CA GLY C 45 2.43 17.11 -30.96
C GLY C 45 2.50 15.93 -30.02
N ASP C 46 2.10 16.12 -28.77
CA ASP C 46 2.01 15.01 -27.82
C ASP C 46 0.58 14.85 -27.31
N ASP C 47 -0.41 15.19 -28.14
CA ASP C 47 -1.81 15.03 -27.76
C ASP C 47 -2.15 13.56 -27.53
N SER C 48 -3.33 13.32 -26.95
CA SER C 48 -3.70 11.95 -26.68
C SER C 48 -3.89 11.17 -27.97
N PHE C 49 -4.44 11.82 -29.00
CA PHE C 49 -4.68 11.11 -30.24
C PHE C 49 -3.38 10.84 -31.01
N ASN C 50 -2.25 11.43 -30.61
CA ASN C 50 -1.02 11.11 -31.32
C ASN C 50 -0.46 9.75 -30.97
N THR C 51 -1.03 9.06 -29.97
CA THR C 51 -0.63 7.67 -29.72
C THR C 51 -1.01 6.78 -30.90
N PHE C 52 -2.03 7.17 -31.67
CA PHE C 52 -2.48 6.37 -32.79
C PHE C 52 -2.25 7.01 -34.15
N PHE C 53 -1.97 8.32 -34.19
CA PHE C 53 -1.77 9.03 -35.45
C PHE C 53 -0.46 9.81 -35.36
N SER C 54 0.35 9.68 -36.41
CA SER C 54 1.46 10.60 -36.59
C SER C 54 0.99 11.76 -37.46
N GLU C 55 1.83 12.79 -37.58
CA GLU C 55 1.47 13.99 -38.33
C GLU C 55 2.57 14.31 -39.32
N THR C 56 2.17 14.74 -40.51
CA THR C 56 3.13 15.28 -41.47
C THR C 56 3.08 16.79 -41.40
N GLY C 57 4.18 17.42 -41.78
CA GLY C 57 4.23 18.88 -41.78
C GLY C 57 3.13 19.50 -42.61
N ALA C 58 2.63 18.75 -43.60
CA ALA C 58 1.52 19.20 -44.43
C ALA C 58 0.16 19.08 -43.75
N GLY C 59 0.14 18.74 -42.45
CA GLY C 59 -1.06 18.68 -41.65
C GLY C 59 -1.84 17.40 -41.76
N LYS C 60 -1.27 16.35 -42.34
CA LYS C 60 -1.94 15.07 -42.54
C LYS C 60 -1.74 14.22 -41.27
N HIS C 61 -2.82 13.61 -40.78
CA HIS C 61 -2.76 12.72 -39.62
C HIS C 61 -2.86 11.29 -40.14
N VAL C 62 -1.82 10.51 -39.92
CA VAL C 62 -1.60 9.23 -40.59
C VAL C 62 -1.66 8.12 -39.56
N PRO C 63 -2.52 7.11 -39.72
CA PRO C 63 -2.59 6.01 -38.75
C PRO C 63 -1.23 5.36 -38.54
N ARG C 64 -0.89 5.08 -37.28
CA ARG C 64 0.28 4.28 -36.95
C ARG C 64 -0.10 2.82 -37.15
N ALA C 65 -0.25 2.44 -38.42
CA ALA C 65 -0.87 1.19 -38.77
C ALA C 65 -0.13 0.54 -39.94
N VAL C 66 -0.14 -0.80 -39.97
CA VAL C 66 0.33 -1.57 -41.11
C VAL C 66 -0.76 -2.56 -41.50
N PHE C 67 -1.10 -2.61 -42.77
CA PHE C 67 -2.08 -3.56 -43.29
C PHE C 67 -1.32 -4.62 -44.06
N VAL C 68 -1.53 -5.90 -43.73
CA VAL C 68 -0.81 -6.99 -44.36
C VAL C 68 -1.80 -8.04 -44.82
N ASP C 69 -1.70 -8.45 -46.08
CA ASP C 69 -2.43 -9.58 -46.58
C ASP C 69 -1.57 -10.30 -47.62
N LEU C 70 -1.67 -11.65 -47.65
CA LEU C 70 -0.96 -12.46 -48.64
C LEU C 70 -1.64 -12.42 -50.00
N GLU C 71 -2.59 -11.53 -50.16
CA GLU C 71 -3.49 -11.50 -51.30
C GLU C 71 -3.87 -10.04 -51.46
N PRO C 72 -4.10 -9.56 -52.69
CA PRO C 72 -4.26 -8.11 -52.86
C PRO C 72 -5.67 -7.57 -52.81
N THR C 73 -6.68 -8.39 -53.09
CA THR C 73 -7.96 -7.79 -53.45
C THR C 73 -8.62 -7.07 -52.26
N VAL C 74 -8.36 -7.51 -51.03
CA VAL C 74 -8.99 -6.83 -49.89
C VAL C 74 -8.29 -5.51 -49.60
N ILE C 75 -6.95 -5.51 -49.59
CA ILE C 75 -6.26 -4.25 -49.34
C ILE C 75 -6.41 -3.30 -50.52
N ASP C 76 -6.55 -3.85 -51.74
CA ASP C 76 -6.82 -3.02 -52.90
C ASP C 76 -8.05 -2.16 -52.68
N GLU C 77 -9.03 -2.66 -51.93
CA GLU C 77 -10.21 -1.85 -51.65
C GLU C 77 -9.85 -0.67 -50.75
N VAL C 78 -8.91 -0.87 -49.83
CA VAL C 78 -8.38 0.25 -49.05
C VAL C 78 -7.67 1.23 -49.96
N ARG C 79 -6.86 0.71 -50.89
CA ARG C 79 -6.05 1.55 -51.78
C ARG C 79 -6.91 2.47 -52.62
N THR C 80 -8.12 2.05 -52.98
CA THR C 80 -9.02 2.86 -53.80
C THR C 80 -10.24 3.33 -53.02
N GLY C 81 -10.26 3.08 -51.71
CA GLY C 81 -11.43 3.38 -50.92
C GLY C 81 -11.51 4.83 -50.52
N THR C 82 -12.54 5.11 -49.73
CA THR C 82 -12.77 6.48 -49.31
C THR C 82 -11.62 6.98 -48.44
N TYR C 83 -10.92 6.08 -47.76
CA TYR C 83 -9.85 6.53 -46.87
C TYR C 83 -8.47 6.31 -47.46
N ARG C 84 -8.38 6.15 -48.78
CA ARG C 84 -7.08 5.91 -49.39
C ARG C 84 -6.09 7.03 -49.08
N GLN C 85 -6.53 8.28 -49.05
CA GLN C 85 -5.58 9.34 -48.77
C GLN C 85 -5.01 9.24 -47.36
N LEU C 86 -5.62 8.44 -46.48
CA LEU C 86 -5.20 8.39 -45.09
C LEU C 86 -3.86 7.70 -44.93
N PHE C 87 -3.58 6.69 -45.74
CA PHE C 87 -2.38 5.88 -45.54
C PHE C 87 -1.34 6.16 -46.60
N HIS C 88 -0.11 6.05 -46.21
CA HIS C 88 0.97 6.06 -47.18
C HIS C 88 1.00 4.69 -47.86
N PRO C 89 1.32 4.59 -49.15
CA PRO C 89 1.29 3.27 -49.81
C PRO C 89 2.10 2.17 -49.14
N GLU C 90 3.25 2.50 -48.56
CA GLU C 90 4.10 1.49 -47.92
C GLU C 90 3.49 0.90 -46.67
N GLN C 91 2.43 1.51 -46.13
CA GLN C 91 1.68 0.96 -45.00
C GLN C 91 0.73 -0.15 -45.44
N LEU C 92 0.46 -0.26 -46.73
CA LEU C 92 -0.43 -1.29 -47.26
C LEU C 92 0.42 -2.26 -48.05
N ILE C 93 0.51 -3.50 -47.57
CA ILE C 93 1.44 -4.51 -48.07
C ILE C 93 0.66 -5.74 -48.53
N THR C 94 0.84 -6.13 -49.79
CA THR C 94 0.12 -7.27 -50.34
C THR C 94 1.05 -8.24 -51.05
N GLY C 95 0.84 -9.53 -50.83
CA GLY C 95 1.39 -10.56 -51.68
C GLY C 95 0.53 -10.73 -52.92
N LYS C 96 0.72 -11.87 -53.58
CA LYS C 96 -0.03 -12.26 -54.77
C LYS C 96 -0.90 -13.50 -54.57
N GLU C 97 -0.41 -14.48 -53.82
CA GLU C 97 -1.07 -15.76 -53.61
C GLU C 97 -1.42 -15.88 -52.13
N ASP C 98 -2.67 -16.22 -51.81
CA ASP C 98 -3.00 -16.23 -50.40
C ASP C 98 -2.63 -17.60 -49.83
N ALA C 99 -2.98 -17.82 -48.56
CA ALA C 99 -2.57 -19.01 -47.84
C ALA C 99 -3.57 -20.15 -47.95
N ALA C 100 -4.57 -19.99 -48.81
CA ALA C 100 -5.55 -21.03 -49.10
C ALA C 100 -6.10 -21.68 -47.83
N ASN C 101 -6.37 -20.85 -46.82
CA ASN C 101 -6.98 -21.29 -45.56
C ASN C 101 -6.13 -22.33 -44.84
N ASN C 102 -4.82 -22.24 -45.01
CA ASN C 102 -3.89 -23.25 -44.54
C ASN C 102 -2.82 -22.57 -43.68
N TYR C 103 -2.89 -22.79 -42.36
CA TYR C 103 -1.90 -22.23 -41.44
C TYR C 103 -0.47 -22.46 -41.92
N ALA C 104 -0.18 -23.64 -42.48
CA ALA C 104 1.19 -23.92 -42.90
C ALA C 104 1.61 -22.99 -44.04
N ARG C 105 0.70 -22.72 -44.96
CA ARG C 105 1.04 -21.79 -46.04
C ARG C 105 1.23 -20.39 -45.51
N GLY C 106 0.48 -20.01 -44.48
CA GLY C 106 0.63 -18.69 -43.93
C GLY C 106 1.86 -18.50 -43.08
N HIS C 107 2.19 -19.51 -42.24
CA HIS C 107 3.37 -19.43 -41.38
C HIS C 107 4.67 -19.64 -42.16
N TYR C 108 4.67 -20.58 -43.11
CA TYR C 108 5.86 -21.03 -43.83
C TYR C 108 5.89 -20.71 -45.33
N THR C 109 5.20 -21.52 -46.14
CA THR C 109 5.42 -21.52 -47.59
C THR C 109 5.31 -20.11 -48.18
N ILE C 110 4.16 -19.46 -48.00
CA ILE C 110 3.97 -18.15 -48.60
C ILE C 110 4.35 -16.99 -47.69
N GLY C 111 4.17 -17.15 -46.36
CA GLY C 111 4.44 -16.05 -45.47
C GLY C 111 5.92 -15.72 -45.36
N LYS C 112 6.79 -16.74 -45.41
CA LYS C 112 8.22 -16.49 -45.36
C LYS C 112 8.65 -15.58 -46.52
N GLU C 113 7.87 -15.50 -47.58
CA GLU C 113 8.26 -14.68 -48.71
C GLU C 113 8.07 -13.18 -48.44
N ILE C 114 7.29 -12.81 -47.44
CA ILE C 114 6.95 -11.40 -47.27
C ILE C 114 7.27 -10.89 -45.85
N ILE C 115 7.66 -11.75 -44.93
CA ILE C 115 7.88 -11.34 -43.55
C ILE C 115 8.86 -10.22 -43.32
N ASP C 116 9.96 -10.22 -44.04
CA ASP C 116 10.99 -9.24 -43.82
C ASP C 116 10.56 -7.89 -44.29
N LEU C 117 9.74 -7.84 -45.30
CA LEU C 117 9.28 -6.58 -45.82
C LEU C 117 8.33 -5.96 -44.85
N VAL C 118 7.50 -6.78 -44.25
CA VAL C 118 6.55 -6.31 -43.30
C VAL C 118 7.28 -5.91 -42.05
N LEU C 119 8.26 -6.69 -41.63
CA LEU C 119 9.06 -6.24 -40.47
C LEU C 119 9.78 -4.94 -40.77
N ASP C 120 10.31 -4.79 -41.99
CA ASP C 120 10.91 -3.53 -42.37
C ASP C 120 9.92 -2.38 -42.24
N ARG C 121 8.71 -2.52 -42.82
CA ARG C 121 7.73 -1.44 -42.71
C ARG C 121 7.34 -1.17 -41.27
N ILE C 122 7.31 -2.20 -40.42
CA ILE C 122 7.02 -1.95 -39.01
C ILE C 122 8.17 -1.17 -38.38
N ARG C 123 9.41 -1.55 -38.70
CA ARG C 123 10.54 -0.77 -38.21
C ARG C 123 10.46 0.71 -38.61
N LYS C 124 9.99 1.01 -39.82
CA LYS C 124 9.84 2.41 -40.20
C LYS C 124 8.81 3.15 -39.36
N LEU C 125 7.76 2.46 -38.89
CA LEU C 125 6.86 3.18 -37.99
C LEU C 125 7.45 3.26 -36.59
N ALA C 126 8.11 2.20 -36.14
CA ALA C 126 8.69 2.25 -34.80
C ALA C 126 9.66 3.42 -34.68
N ASP C 127 10.50 3.62 -35.71
CA ASP C 127 11.49 4.68 -35.71
C ASP C 127 10.88 6.08 -35.62
N GLN C 128 9.59 6.26 -35.92
CA GLN C 128 8.96 7.57 -35.78
C GLN C 128 8.38 7.82 -34.39
N CYS C 129 8.60 6.93 -33.44
CA CYS C 129 7.97 6.98 -32.13
C CYS C 129 8.99 7.39 -31.10
N THR C 130 8.66 8.39 -30.29
CA THR C 130 9.55 8.80 -29.23
C THR C 130 9.55 7.86 -28.03
N GLY C 131 8.49 7.08 -27.82
CA GLY C 131 8.41 6.10 -26.75
C GLY C 131 7.35 5.05 -27.04
N LEU C 132 7.65 4.09 -27.91
CA LEU C 132 6.67 3.12 -28.38
C LEU C 132 6.27 2.17 -27.26
N GLN C 133 4.96 2.07 -27.05
CA GLN C 133 4.38 1.28 -25.97
C GLN C 133 4.14 -0.17 -26.35
N GLY C 134 3.83 -0.46 -27.60
CA GLY C 134 3.63 -1.82 -28.05
C GLY C 134 2.67 -1.88 -29.22
N PHE C 135 2.24 -3.10 -29.56
CA PHE C 135 1.52 -3.40 -30.78
C PHE C 135 0.13 -3.91 -30.48
N LEU C 136 -0.82 -3.59 -31.37
CA LEU C 136 -2.16 -4.19 -31.42
C LEU C 136 -2.28 -4.98 -32.71
N VAL C 137 -2.53 -6.27 -32.61
CA VAL C 137 -2.50 -7.15 -33.78
C VAL C 137 -3.90 -7.67 -34.03
N PHE C 138 -4.45 -7.39 -35.22
CA PHE C 138 -5.82 -7.77 -35.58
C PHE C 138 -5.81 -8.90 -36.61
N HIS C 139 -6.53 -9.97 -36.32
CA HIS C 139 -6.44 -11.13 -37.19
C HIS C 139 -7.57 -12.10 -36.85
N SER C 140 -7.86 -12.97 -37.81
CA SER C 140 -8.73 -14.10 -37.58
C SER C 140 -7.91 -15.32 -37.13
N PHE C 141 -8.56 -16.19 -36.33
CA PHE C 141 -8.04 -17.53 -36.02
C PHE C 141 -8.08 -18.46 -37.22
N GLY C 142 -9.05 -18.28 -38.12
CA GLY C 142 -9.43 -19.33 -39.04
C GLY C 142 -8.80 -19.28 -40.43
N GLY C 143 -8.41 -18.09 -40.89
CA GLY C 143 -7.75 -17.99 -42.18
C GLY C 143 -6.33 -18.49 -42.14
N GLY C 144 -5.81 -18.82 -43.34
CA GLY C 144 -4.42 -19.22 -43.45
C GLY C 144 -3.47 -18.09 -43.09
N THR C 145 -3.75 -16.89 -43.59
CA THR C 145 -2.94 -15.72 -43.23
C THR C 145 -3.17 -15.30 -41.78
N GLY C 146 -4.44 -15.15 -41.39
CA GLY C 146 -4.75 -14.66 -40.06
C GLY C 146 -4.21 -15.52 -38.96
N SER C 147 -4.12 -16.84 -39.19
CA SER C 147 -3.56 -17.73 -38.18
C SER C 147 -2.05 -17.87 -38.34
N GLY C 148 -1.62 -18.27 -39.53
CA GLY C 148 -0.24 -18.67 -39.77
C GLY C 148 0.71 -17.52 -39.92
N PHE C 149 0.34 -16.51 -40.70
CA PHE C 149 1.23 -15.36 -40.83
C PHE C 149 1.28 -14.56 -39.53
N THR C 150 0.15 -14.43 -38.82
CA THR C 150 0.15 -13.69 -37.55
C THR C 150 1.12 -14.31 -36.57
N SER C 151 1.08 -15.63 -36.44
CA SER C 151 1.96 -16.25 -35.46
C SER C 151 3.43 -16.11 -35.85
N LEU C 152 3.73 -16.14 -37.16
CA LEU C 152 5.09 -15.87 -37.59
C LEU C 152 5.46 -14.44 -37.24
N LEU C 153 4.54 -13.51 -37.49
CA LEU C 153 4.79 -12.11 -37.18
C LEU C 153 4.99 -11.90 -35.68
N MET C 154 4.12 -12.49 -34.88
CA MET C 154 4.23 -12.47 -33.43
C MET C 154 5.61 -12.96 -32.98
N GLU C 155 6.01 -14.12 -33.51
CA GLU C 155 7.32 -14.70 -33.19
C GLU C 155 8.44 -13.73 -33.57
N ARG C 156 8.39 -13.22 -34.81
CA ARG C 156 9.42 -12.28 -35.23
C ARG C 156 9.37 -11.00 -34.42
N LEU C 157 8.16 -10.56 -34.03
CA LEU C 157 8.07 -9.32 -33.25
C LEU C 157 8.69 -9.48 -31.87
N SER C 158 8.56 -10.68 -31.25
CA SER C 158 9.22 -10.89 -29.97
C SER C 158 10.74 -10.81 -30.11
N VAL C 159 11.27 -11.23 -31.25
CA VAL C 159 12.71 -11.15 -31.44
C VAL C 159 13.12 -9.71 -31.67
N ASP C 160 12.42 -9.00 -32.57
CA ASP C 160 12.82 -7.65 -32.92
C ASP C 160 12.50 -6.61 -31.85
N TYR C 161 11.63 -6.93 -30.89
CA TYR C 161 11.26 -5.91 -29.91
C TYR C 161 11.17 -6.45 -28.51
N GLY C 162 11.92 -7.50 -28.18
CA GLY C 162 11.86 -8.18 -26.90
C GLY C 162 10.50 -8.28 -26.25
N LYS C 163 10.41 -7.91 -24.96
CA LYS C 163 9.16 -8.13 -24.26
C LYS C 163 8.16 -7.01 -24.51
N LYS C 164 8.51 -6.04 -25.38
CA LYS C 164 7.57 -4.99 -25.76
C LYS C 164 6.19 -5.61 -25.96
N SER C 165 5.16 -4.91 -25.51
CA SER C 165 3.89 -5.58 -25.33
C SER C 165 3.11 -5.69 -26.64
N LYS C 166 2.43 -6.83 -26.79
CA LYS C 166 1.66 -7.17 -27.98
C LYS C 166 0.27 -7.63 -27.52
N LEU C 167 -0.76 -6.88 -27.95
CA LEU C 167 -2.15 -7.20 -27.69
C LEU C 167 -2.78 -7.72 -28.99
N GLU C 168 -3.63 -8.71 -28.86
CA GLU C 168 -4.36 -9.24 -30.00
C GLU C 168 -5.85 -8.92 -29.89
N PHE C 169 -6.46 -8.66 -31.05
CA PHE C 169 -7.90 -8.77 -31.28
C PHE C 169 -8.08 -9.95 -32.26
N SER C 170 -8.68 -11.04 -31.75
CA SER C 170 -8.72 -12.32 -32.44
C SER C 170 -10.14 -12.70 -32.80
N ILE C 171 -10.39 -12.95 -34.09
CA ILE C 171 -11.69 -13.38 -34.56
C ILE C 171 -11.80 -14.89 -34.47
N TYR C 172 -12.63 -15.34 -33.53
CA TYR C 172 -12.94 -16.71 -33.19
C TYR C 172 -14.02 -17.24 -34.14
N PRO C 173 -13.83 -18.45 -34.67
CA PRO C 173 -14.64 -18.87 -35.83
C PRO C 173 -16.01 -19.36 -35.44
N ALA C 174 -16.99 -19.00 -36.28
CA ALA C 174 -18.39 -19.32 -36.13
C ALA C 174 -18.95 -19.81 -37.46
N PRO C 175 -19.70 -20.92 -37.48
CA PRO C 175 -20.18 -21.47 -38.76
C PRO C 175 -21.12 -20.58 -39.54
N GLN C 176 -21.83 -19.65 -38.88
CA GLN C 176 -22.75 -18.79 -39.61
C GLN C 176 -22.04 -17.98 -40.68
N VAL C 177 -20.76 -17.66 -40.48
CA VAL C 177 -20.04 -16.89 -41.48
C VAL C 177 -18.74 -17.56 -41.92
N SER C 178 -18.29 -18.61 -41.22
CA SER C 178 -16.96 -19.17 -41.50
C SER C 178 -16.83 -19.61 -42.94
N THR C 179 -15.60 -19.88 -43.34
CA THR C 179 -15.36 -20.27 -44.72
C THR C 179 -14.38 -21.41 -44.89
N ALA C 180 -14.00 -22.11 -43.81
CA ALA C 180 -13.17 -23.26 -44.07
C ALA C 180 -13.43 -24.36 -43.07
N VAL C 181 -13.36 -25.59 -43.58
CA VAL C 181 -13.53 -26.74 -42.73
C VAL C 181 -12.37 -26.85 -41.75
N VAL C 182 -11.22 -26.29 -42.08
CA VAL C 182 -10.01 -26.53 -41.31
C VAL C 182 -9.82 -25.45 -40.27
N GLU C 183 -10.79 -24.56 -40.12
CA GLU C 183 -10.61 -23.44 -39.18
C GLU C 183 -10.32 -23.90 -37.75
N PRO C 184 -10.90 -24.99 -37.23
CA PRO C 184 -10.40 -25.47 -35.93
C PRO C 184 -8.91 -25.77 -35.92
N TYR C 185 -8.40 -26.42 -36.97
CA TYR C 185 -6.96 -26.68 -37.04
C TYR C 185 -6.16 -25.38 -36.94
N ASN C 186 -6.45 -24.42 -37.82
CA ASN C 186 -5.70 -23.17 -37.81
C ASN C 186 -5.81 -22.49 -36.45
N SER C 187 -7.01 -22.50 -35.86
CA SER C 187 -7.21 -21.88 -34.55
C SER C 187 -6.25 -22.45 -33.51
N ILE C 188 -6.17 -23.77 -33.37
CA ILE C 188 -5.34 -24.35 -32.33
C ILE C 188 -3.87 -24.08 -32.60
N LEU C 189 -3.45 -24.26 -33.85
CA LEU C 189 -2.06 -24.03 -34.20
C LEU C 189 -1.66 -22.61 -33.88
N THR C 190 -2.49 -21.63 -34.23
CA THR C 190 -2.09 -20.26 -34.00
C THR C 190 -2.21 -19.88 -32.52
N THR C 191 -3.15 -20.47 -31.81
CA THR C 191 -3.22 -20.22 -30.38
C THR C 191 -1.98 -20.76 -29.69
N HIS C 192 -1.58 -21.99 -30.02
CA HIS C 192 -0.40 -22.54 -29.39
C HIS C 192 0.84 -21.71 -29.71
N THR C 193 0.99 -21.29 -30.97
CA THR C 193 2.25 -20.68 -31.35
C THR C 193 2.40 -19.25 -30.84
N THR C 194 1.31 -18.51 -30.63
CA THR C 194 1.49 -17.14 -30.17
C THR C 194 1.36 -16.99 -28.66
N LEU C 195 0.93 -18.03 -27.94
CA LEU C 195 0.62 -17.90 -26.53
C LEU C 195 1.75 -17.25 -25.75
N GLU C 196 3.00 -17.66 -25.98
CA GLU C 196 4.17 -17.06 -25.33
C GLU C 196 4.44 -15.63 -25.77
N HIS C 197 3.90 -15.22 -26.92
CA HIS C 197 4.33 -13.98 -27.53
C HIS C 197 3.28 -12.90 -27.42
N SER C 198 2.18 -13.17 -26.75
CA SER C 198 1.09 -12.23 -26.64
C SER C 198 0.86 -11.93 -25.16
N ASP C 199 0.67 -10.65 -24.84
CA ASP C 199 0.46 -10.28 -23.44
C ASP C 199 -1.00 -10.26 -23.02
N CYS C 200 -1.87 -9.91 -23.95
CA CYS C 200 -3.29 -9.80 -23.70
C CYS C 200 -3.95 -10.05 -25.04
N ALA C 201 -4.99 -10.85 -25.07
CA ALA C 201 -5.69 -11.16 -26.33
C ALA C 201 -7.19 -11.08 -26.11
N PHE C 202 -7.89 -10.24 -26.88
CA PHE C 202 -9.34 -10.14 -26.82
C PHE C 202 -9.95 -10.96 -27.96
N MET C 203 -10.61 -12.05 -27.64
CA MET C 203 -11.26 -12.84 -28.63
C MET C 203 -12.64 -12.34 -28.98
N VAL C 204 -13.01 -12.41 -30.25
CA VAL C 204 -14.36 -12.06 -30.65
C VAL C 204 -14.98 -13.20 -31.40
N ASP C 205 -15.97 -13.84 -30.80
CA ASP C 205 -16.72 -14.89 -31.45
C ASP C 205 -17.62 -14.24 -32.46
N ASN C 206 -17.55 -14.72 -33.68
CA ASN C 206 -18.35 -14.15 -34.73
C ASN C 206 -19.82 -14.52 -34.55
N GLU C 207 -20.10 -15.53 -33.72
CA GLU C 207 -21.45 -15.91 -33.43
C GLU C 207 -22.00 -15.04 -32.35
N ALA C 208 -21.18 -14.63 -31.40
CA ALA C 208 -21.74 -13.65 -30.48
C ALA C 208 -22.12 -12.37 -31.22
N ILE C 209 -21.23 -11.90 -32.10
CA ILE C 209 -21.47 -10.64 -32.81
C ILE C 209 -22.64 -10.80 -33.76
N TYR C 210 -22.70 -11.93 -34.46
CA TYR C 210 -23.85 -12.25 -35.31
C TYR C 210 -25.16 -12.18 -34.53
N ASP C 211 -25.20 -12.82 -33.36
CA ASP C 211 -26.42 -12.85 -32.57
C ASP C 211 -26.82 -11.45 -32.14
N ILE C 212 -25.85 -10.68 -31.62
CA ILE C 212 -26.17 -9.34 -31.15
C ILE C 212 -26.74 -8.49 -32.28
N CYS C 213 -26.24 -8.69 -33.51
CA CYS C 213 -26.72 -7.88 -34.62
C CYS C 213 -28.14 -8.26 -35.00
N ARG C 214 -28.43 -9.57 -35.03
CA ARG C 214 -29.77 -10.06 -35.35
C ARG C 214 -30.75 -9.66 -34.25
N ARG C 215 -30.37 -9.91 -33.00
CA ARG C 215 -31.29 -9.71 -31.90
C ARG C 215 -31.46 -8.23 -31.56
N ASN C 216 -30.38 -7.46 -31.53
CA ASN C 216 -30.47 -6.09 -31.02
C ASN C 216 -30.62 -5.04 -32.12
N LEU C 217 -30.24 -5.33 -33.35
CA LEU C 217 -30.39 -4.39 -34.45
C LEU C 217 -31.39 -4.85 -35.48
N ASP C 218 -31.96 -6.04 -35.31
CA ASP C 218 -32.94 -6.58 -36.24
C ASP C 218 -32.40 -6.54 -37.65
N ILE C 219 -31.18 -7.03 -37.81
CA ILE C 219 -30.58 -7.27 -39.11
C ILE C 219 -30.75 -8.76 -39.40
N GLU C 220 -31.45 -9.06 -40.49
CA GLU C 220 -31.91 -10.42 -40.75
C GLU C 220 -30.75 -11.38 -40.99
N ARG C 221 -29.88 -11.02 -41.93
CA ARG C 221 -28.66 -11.78 -42.23
C ARG C 221 -27.51 -10.78 -42.17
N PRO C 222 -26.88 -10.64 -41.01
CA PRO C 222 -25.82 -9.65 -40.86
C PRO C 222 -24.63 -9.94 -41.76
N THR C 223 -24.00 -8.87 -42.23
CA THR C 223 -22.84 -8.95 -43.11
C THR C 223 -21.55 -8.68 -42.33
N TYR C 224 -20.43 -8.86 -43.03
CA TYR C 224 -19.15 -8.48 -42.45
C TYR C 224 -19.13 -7.00 -42.07
N THR C 225 -19.77 -6.14 -42.88
CA THR C 225 -19.79 -4.73 -42.52
C THR C 225 -20.60 -4.51 -41.24
N ASN C 226 -21.74 -5.21 -41.12
CA ASN C 226 -22.52 -5.17 -39.88
C ASN C 226 -21.67 -5.55 -38.69
N LEU C 227 -21.03 -6.73 -38.77
CA LEU C 227 -20.23 -7.21 -37.65
C LEU C 227 -19.10 -6.25 -37.33
N ASN C 228 -18.41 -5.76 -38.37
CA ASN C 228 -17.18 -5.03 -38.12
C ASN C 228 -17.46 -3.70 -37.47
N ARG C 229 -18.54 -3.03 -37.89
CA ARG C 229 -18.93 -1.79 -37.22
C ARG C 229 -19.16 -2.03 -35.76
N LEU C 230 -19.85 -3.11 -35.42
CA LEU C 230 -20.05 -3.43 -34.02
C LEU C 230 -18.73 -3.72 -33.33
N ILE C 231 -17.86 -4.52 -33.97
CA ILE C 231 -16.58 -4.83 -33.37
C ILE C 231 -15.79 -3.56 -33.10
N SER C 232 -15.84 -2.61 -34.04
CA SER C 232 -15.04 -1.40 -33.88
C SER C 232 -15.48 -0.61 -32.68
N GLN C 233 -16.78 -0.59 -32.43
CA GLN C 233 -17.26 0.04 -31.21
C GLN C 233 -16.57 -0.59 -30.01
N ILE C 234 -16.50 -1.91 -29.96
CA ILE C 234 -15.83 -2.53 -28.83
C ILE C 234 -14.35 -2.17 -28.84
N VAL C 235 -13.70 -2.23 -30.01
CA VAL C 235 -12.28 -1.87 -30.06
C VAL C 235 -12.08 -0.44 -29.63
N SER C 236 -12.95 0.46 -30.11
CA SER C 236 -12.83 1.87 -29.72
C SER C 236 -12.94 2.04 -28.22
N SER C 237 -13.90 1.34 -27.60
CA SER C 237 -14.03 1.41 -26.15
C SER C 237 -12.73 1.01 -25.47
N ILE C 238 -12.08 -0.05 -25.96
CA ILE C 238 -10.88 -0.51 -25.28
C ILE C 238 -9.73 0.45 -25.50
N THR C 239 -9.58 0.98 -26.71
CA THR C 239 -8.44 1.84 -26.95
C THR C 239 -8.69 3.28 -26.55
N ALA C 240 -9.91 3.63 -26.12
CA ALA C 240 -10.27 5.03 -25.89
C ALA C 240 -9.42 5.65 -24.78
N SER C 241 -9.10 4.87 -23.77
CA SER C 241 -8.25 5.37 -22.69
C SER C 241 -6.89 5.83 -23.21
N LEU C 242 -6.43 5.26 -24.34
CA LEU C 242 -5.16 5.64 -24.93
C LEU C 242 -5.23 6.85 -25.85
N ARG C 243 -6.38 7.15 -26.45
CA ARG C 243 -6.50 8.18 -27.48
C ARG C 243 -7.13 9.46 -26.97
N PHE C 244 -7.63 9.43 -25.74
CA PHE C 244 -8.26 10.54 -25.08
C PHE C 244 -7.70 10.62 -23.66
N ASP C 245 -7.81 11.78 -23.04
CA ASP C 245 -7.46 11.87 -21.64
C ASP C 245 -8.46 12.75 -20.93
N GLY C 246 -8.56 12.54 -19.62
CA GLY C 246 -9.47 13.26 -18.77
C GLY C 246 -9.20 12.83 -17.35
N ALA C 247 -9.91 13.43 -16.41
CA ALA C 247 -9.55 13.23 -15.02
C ALA C 247 -9.92 11.82 -14.52
N LEU C 248 -10.97 11.20 -15.06
CA LEU C 248 -11.34 9.86 -14.64
C LEU C 248 -10.92 8.79 -15.64
N ASN C 249 -10.09 9.16 -16.60
CA ASN C 249 -9.58 8.26 -17.62
C ASN C 249 -8.49 7.35 -17.04
N VAL C 250 -8.72 6.06 -17.09
CA VAL C 250 -7.78 5.05 -16.61
C VAL C 250 -7.13 4.42 -17.83
N ASP C 251 -5.79 4.49 -17.88
CA ASP C 251 -5.02 3.87 -18.95
C ASP C 251 -5.28 2.36 -19.04
N LEU C 252 -5.28 1.85 -20.27
CA LEU C 252 -5.53 0.43 -20.52
C LEU C 252 -4.48 -0.47 -19.84
N THR C 253 -3.22 -0.03 -19.78
CA THR C 253 -2.22 -0.86 -19.12
C THR C 253 -2.57 -1.05 -17.65
N GLU C 254 -3.22 -0.06 -17.06
CA GLU C 254 -3.58 -0.18 -15.66
C GLU C 254 -4.69 -1.22 -15.48
N PHE C 255 -5.63 -1.30 -16.43
CA PHE C 255 -6.54 -2.44 -16.48
C PHE C 255 -5.79 -3.76 -16.71
N GLN C 256 -4.76 -3.76 -17.59
CA GLN C 256 -3.99 -4.97 -17.87
C GLN C 256 -3.32 -5.53 -16.60
N THR C 257 -2.80 -4.67 -15.71
CA THR C 257 -2.25 -5.16 -14.46
C THR C 257 -3.25 -6.05 -13.75
N ASN C 258 -4.52 -5.66 -13.79
CA ASN C 258 -5.55 -6.39 -13.08
C ASN C 258 -6.04 -7.62 -13.86
N LEU C 259 -5.94 -7.62 -15.20
CA LEU C 259 -6.61 -8.64 -15.99
C LEU C 259 -5.76 -9.89 -16.22
N VAL C 260 -4.46 -9.83 -15.95
CA VAL C 260 -3.58 -10.94 -16.28
C VAL C 260 -2.93 -11.41 -14.99
N PRO C 261 -3.56 -12.35 -14.28
CA PRO C 261 -2.96 -12.86 -13.04
C PRO C 261 -1.75 -13.75 -13.28
N TYR C 262 -1.74 -14.56 -14.33
CA TYR C 262 -0.61 -15.38 -14.72
C TYR C 262 -0.37 -15.20 -16.21
N PRO C 263 0.85 -15.41 -16.71
CA PRO C 263 1.09 -15.04 -18.11
C PRO C 263 0.12 -15.72 -19.07
N ARG C 264 -0.17 -17.01 -18.89
CA ARG C 264 -1.04 -17.71 -19.81
C ARG C 264 -2.51 -17.27 -19.65
N ILE C 265 -2.95 -16.89 -18.46
CA ILE C 265 -4.34 -16.48 -18.29
C ILE C 265 -4.52 -15.04 -18.75
N HIS C 266 -4.41 -14.79 -20.06
CA HIS C 266 -4.40 -13.42 -20.58
C HIS C 266 -5.50 -13.18 -21.61
N PHE C 267 -6.67 -13.80 -21.46
CA PHE C 267 -7.79 -13.68 -22.39
C PHE C 267 -9.01 -13.08 -21.71
N PRO C 268 -9.18 -11.76 -21.73
CA PRO C 268 -10.34 -11.16 -21.08
C PRO C 268 -11.60 -11.40 -21.89
N LEU C 269 -12.73 -11.52 -21.19
CA LEU C 269 -14.04 -11.53 -21.82
C LEU C 269 -14.56 -10.10 -21.90
N ALA C 270 -14.99 -9.69 -23.10
CA ALA C 270 -15.47 -8.34 -23.34
C ALA C 270 -16.99 -8.38 -23.54
N THR C 271 -17.67 -7.46 -22.88
CA THR C 271 -19.11 -7.26 -22.99
C THR C 271 -19.35 -5.77 -23.24
N TYR C 272 -20.24 -5.46 -24.17
CA TYR C 272 -20.46 -4.08 -24.57
C TYR C 272 -21.95 -3.76 -24.47
N ALA C 273 -22.29 -2.52 -24.13
CA ALA C 273 -23.67 -2.07 -24.12
C ALA C 273 -23.68 -0.55 -24.17
N PRO C 274 -24.69 0.07 -24.83
CA PRO C 274 -25.86 -0.58 -25.41
C PRO C 274 -25.67 -0.75 -26.89
N VAL C 275 -26.27 -1.79 -27.45
CA VAL C 275 -26.36 -1.98 -28.89
C VAL C 275 -27.84 -1.90 -29.22
N ILE C 276 -28.23 -0.79 -29.82
CA ILE C 276 -29.62 -0.46 -30.01
C ILE C 276 -29.78 0.25 -31.37
N SER C 277 -30.86 -0.08 -32.06
CA SER C 277 -31.23 0.55 -33.33
C SER C 277 -31.75 1.99 -33.09
N ALA C 278 -31.64 2.82 -34.14
CA ALA C 278 -32.11 4.20 -34.02
C ALA C 278 -33.58 4.26 -33.67
N GLU C 279 -34.37 3.27 -34.11
CA GLU C 279 -35.80 3.31 -33.88
C GLU C 279 -36.12 3.02 -32.43
N LYS C 280 -35.30 2.22 -31.74
CA LYS C 280 -35.51 2.00 -30.32
C LYS C 280 -34.85 3.07 -29.46
N ALA C 281 -33.74 3.65 -29.93
CA ALA C 281 -33.12 4.74 -29.18
C ALA C 281 -33.99 5.99 -29.15
N TYR C 282 -34.87 6.16 -30.12
CA TYR C 282 -35.76 7.31 -30.11
C TYR C 282 -36.60 7.32 -28.84
N HIS C 283 -36.56 8.44 -28.13
CA HIS C 283 -37.32 8.66 -26.90
C HIS C 283 -37.04 7.63 -25.79
N GLU C 284 -36.00 6.80 -25.91
CA GLU C 284 -35.64 5.87 -24.84
C GLU C 284 -34.16 6.08 -24.51
N GLN C 285 -33.88 6.94 -23.53
CA GLN C 285 -32.51 7.32 -23.19
C GLN C 285 -31.99 6.38 -22.10
N LEU C 286 -30.99 5.55 -22.42
CA LEU C 286 -30.53 4.56 -21.46
C LEU C 286 -29.62 5.15 -20.39
N SER C 287 -29.82 4.71 -19.16
CA SER C 287 -29.15 5.27 -18.01
C SER C 287 -27.83 4.54 -17.74
N VAL C 288 -27.03 5.10 -16.84
CA VAL C 288 -25.84 4.41 -16.40
C VAL C 288 -26.21 3.05 -15.82
N ALA C 289 -27.27 2.97 -15.01
CA ALA C 289 -27.63 1.68 -14.42
C ALA C 289 -28.14 0.70 -15.48
N GLU C 290 -28.79 1.19 -16.53
CA GLU C 290 -29.32 0.28 -17.55
C GLU C 290 -28.19 -0.37 -18.35
N ILE C 291 -27.23 0.42 -18.82
CA ILE C 291 -26.15 -0.14 -19.63
C ILE C 291 -25.22 -1.00 -18.77
N THR C 292 -25.05 -0.66 -17.47
CA THR C 292 -24.19 -1.49 -16.63
C THR C 292 -24.83 -2.85 -16.38
N ASN C 293 -26.13 -2.87 -16.12
CA ASN C 293 -26.79 -4.16 -15.94
C ASN C 293 -26.68 -5.00 -17.20
N ALA C 294 -26.71 -4.39 -18.36
CA ALA C 294 -26.56 -5.12 -19.59
C ALA C 294 -25.21 -5.78 -19.75
N CYS C 295 -24.20 -5.27 -19.08
CA CYS C 295 -22.87 -5.82 -19.16
C CYS C 295 -22.80 -7.16 -18.45
N PHE C 296 -23.84 -7.51 -17.75
CA PHE C 296 -23.83 -8.76 -17.00
C PHE C 296 -24.82 -9.70 -17.62
N GLU C 297 -25.51 -9.23 -18.64
CA GLU C 297 -26.36 -10.11 -19.38
C GLU C 297 -25.51 -10.89 -20.37
N PRO C 298 -25.51 -12.23 -20.35
CA PRO C 298 -24.60 -12.99 -21.22
C PRO C 298 -24.87 -12.82 -22.70
N ALA C 299 -26.05 -12.37 -23.12
CA ALA C 299 -26.30 -12.18 -24.54
C ALA C 299 -25.55 -10.98 -25.09
N ASN C 300 -24.97 -10.15 -24.23
CA ASN C 300 -24.17 -9.03 -24.68
C ASN C 300 -22.67 -9.35 -24.69
N GLN C 301 -22.29 -10.58 -24.37
CA GLN C 301 -20.89 -10.96 -24.36
C GLN C 301 -20.34 -11.08 -25.78
N MET C 302 -19.06 -10.81 -25.92
CA MET C 302 -18.40 -11.01 -27.21
C MET C 302 -17.92 -12.43 -27.46
N VAL C 303 -17.92 -13.30 -26.44
CA VAL C 303 -17.61 -14.70 -26.62
C VAL C 303 -18.73 -15.48 -25.94
N LYS C 304 -19.28 -16.45 -26.65
CA LYS C 304 -20.33 -17.27 -26.05
C LYS C 304 -19.73 -18.18 -25.00
N CYS C 305 -20.16 -18.01 -23.76
CA CYS C 305 -19.75 -18.82 -22.60
C CYS C 305 -20.61 -18.37 -21.43
N ASP C 306 -20.61 -19.14 -20.35
CA ASP C 306 -21.48 -18.79 -19.22
C ASP C 306 -20.64 -18.40 -18.01
N PRO C 307 -20.47 -17.10 -17.70
CA PRO C 307 -19.59 -16.73 -16.58
C PRO C 307 -20.09 -17.23 -15.25
N ARG C 308 -21.40 -17.51 -15.12
CA ARG C 308 -21.91 -18.12 -13.90
C ARG C 308 -21.35 -19.52 -13.67
N HIS C 309 -20.78 -20.18 -14.67
CA HIS C 309 -20.20 -21.51 -14.45
C HIS C 309 -18.69 -21.42 -14.29
N GLY C 310 -18.18 -20.22 -14.00
CA GLY C 310 -16.78 -20.01 -13.74
C GLY C 310 -16.63 -19.01 -12.62
N LYS C 311 -15.43 -18.50 -12.42
CA LYS C 311 -15.15 -17.58 -11.35
C LYS C 311 -14.45 -16.35 -11.91
N TYR C 312 -14.61 -15.23 -11.24
CA TYR C 312 -14.02 -14.00 -11.70
C TYR C 312 -12.66 -13.81 -11.04
N MET C 313 -11.75 -13.27 -11.82
CA MET C 313 -10.43 -12.90 -11.36
C MET C 313 -10.20 -11.42 -11.48
N ALA C 314 -11.03 -10.71 -12.23
CA ALA C 314 -10.91 -9.29 -12.44
C ALA C 314 -12.16 -8.84 -13.14
N CYS C 315 -12.51 -7.58 -12.94
CA CYS C 315 -13.73 -7.03 -13.52
C CYS C 315 -13.52 -5.54 -13.72
N CYS C 316 -13.47 -5.11 -14.97
CA CYS C 316 -13.21 -3.72 -15.31
C CYS C 316 -14.37 -3.14 -16.11
N LEU C 317 -14.77 -1.95 -15.76
CA LEU C 317 -15.78 -1.22 -16.51
C LEU C 317 -15.14 0.01 -17.12
N LEU C 318 -15.25 0.14 -18.44
CA LEU C 318 -14.74 1.26 -19.21
C LEU C 318 -15.95 2.03 -19.75
N TYR C 319 -16.27 3.17 -19.13
CA TYR C 319 -17.43 3.96 -19.51
C TYR C 319 -17.00 5.07 -20.45
N ARG C 320 -17.91 5.50 -21.32
CA ARG C 320 -17.62 6.67 -22.12
C ARG C 320 -18.89 7.49 -22.33
N GLY C 321 -18.75 8.81 -22.18
CA GLY C 321 -19.85 9.72 -22.41
C GLY C 321 -20.31 10.37 -21.12
N ASP C 322 -21.62 10.58 -21.00
CA ASP C 322 -22.19 11.30 -19.86
C ASP C 322 -22.33 10.33 -18.69
N VAL C 323 -21.24 10.15 -17.96
CA VAL C 323 -21.17 9.23 -16.84
C VAL C 323 -20.37 9.88 -15.73
N VAL C 324 -20.88 9.81 -14.50
CA VAL C 324 -20.19 10.37 -13.35
C VAL C 324 -20.02 9.27 -12.31
N PRO C 325 -19.02 9.34 -11.44
CA PRO C 325 -18.78 8.21 -10.53
C PRO C 325 -19.98 7.85 -9.67
N LYS C 326 -20.76 8.85 -9.24
CA LYS C 326 -21.90 8.61 -8.36
C LYS C 326 -22.86 7.59 -8.96
N ASP C 327 -23.19 7.76 -10.24
CA ASP C 327 -24.13 6.84 -10.88
C ASP C 327 -23.50 5.47 -11.11
N VAL C 328 -22.20 5.44 -11.45
CA VAL C 328 -21.49 4.17 -11.53
C VAL C 328 -21.61 3.42 -10.21
N ASN C 329 -21.27 4.08 -9.10
CA ASN C 329 -21.24 3.36 -7.82
C ASN C 329 -22.62 2.81 -7.46
N ALA C 330 -23.67 3.59 -7.71
CA ALA C 330 -25.01 3.10 -7.43
C ALA C 330 -25.33 1.87 -8.29
N ALA C 331 -25.08 1.96 -9.60
CA ALA C 331 -25.37 0.81 -10.46
C ALA C 331 -24.63 -0.42 -10.00
N ILE C 332 -23.36 -0.26 -9.62
CA ILE C 332 -22.55 -1.38 -9.17
C ILE C 332 -23.12 -1.95 -7.89
N ALA C 333 -23.61 -1.07 -7.01
CA ALA C 333 -24.25 -1.52 -5.78
C ALA C 333 -25.47 -2.40 -6.08
N THR C 334 -26.33 -1.96 -7.00
CA THR C 334 -27.48 -2.77 -7.40
C THR C 334 -27.04 -4.14 -7.93
N ILE C 335 -26.07 -4.14 -8.85
CA ILE C 335 -25.66 -5.39 -9.48
C ILE C 335 -25.10 -6.35 -8.44
N LYS C 336 -24.26 -5.84 -7.53
CA LYS C 336 -23.59 -6.75 -6.61
C LYS C 336 -24.58 -7.45 -5.68
N THR C 337 -25.74 -6.83 -5.43
CA THR C 337 -26.79 -7.44 -4.62
C THR C 337 -27.86 -8.11 -5.46
N LYS C 338 -27.62 -8.34 -6.75
CA LYS C 338 -28.62 -8.99 -7.58
C LYS C 338 -28.06 -9.98 -8.59
N ARG C 339 -26.75 -10.06 -8.79
CA ARG C 339 -26.18 -10.82 -9.89
C ARG C 339 -25.24 -11.90 -9.38
N SER C 340 -25.03 -12.88 -10.26
CA SER C 340 -24.29 -14.12 -9.99
C SER C 340 -22.79 -13.87 -10.22
N ILE C 341 -22.17 -13.15 -9.26
CA ILE C 341 -20.76 -12.73 -9.39
C ILE C 341 -19.93 -13.39 -8.30
N GLN C 342 -19.18 -14.41 -8.64
CA GLN C 342 -18.37 -15.11 -7.66
C GLN C 342 -16.91 -15.04 -8.13
N PHE C 343 -16.04 -14.53 -7.27
CA PHE C 343 -14.63 -14.34 -7.53
C PHE C 343 -13.82 -15.50 -6.98
N VAL C 344 -12.63 -15.70 -7.55
CA VAL C 344 -11.69 -16.68 -6.99
C VAL C 344 -11.28 -16.18 -5.61
N ASP C 345 -10.98 -17.11 -4.71
CA ASP C 345 -10.70 -16.69 -3.33
C ASP C 345 -9.43 -15.88 -3.18
N TRP C 346 -8.58 -15.79 -4.20
CA TRP C 346 -7.29 -15.13 -4.05
C TRP C 346 -7.22 -13.77 -4.71
N CYS C 347 -8.34 -13.18 -5.08
CA CYS C 347 -8.22 -11.88 -5.73
C CYS C 347 -9.32 -10.96 -5.21
N PRO C 348 -9.04 -9.68 -5.08
CA PRO C 348 -10.07 -8.77 -4.55
C PRO C 348 -11.27 -8.69 -5.49
N THR C 349 -12.44 -8.54 -4.90
CA THR C 349 -13.73 -8.53 -5.58
C THR C 349 -14.19 -7.18 -6.09
N GLY C 350 -13.40 -6.14 -5.94
CA GLY C 350 -13.84 -4.84 -6.41
C GLY C 350 -13.94 -4.75 -7.92
N PHE C 351 -14.65 -3.73 -8.39
CA PHE C 351 -14.72 -3.43 -9.81
C PHE C 351 -13.81 -2.23 -10.05
N LYS C 352 -12.95 -2.32 -11.05
CA LYS C 352 -12.14 -1.19 -11.45
C LYS C 352 -12.82 -0.40 -12.57
N VAL C 353 -12.98 0.89 -12.36
CA VAL C 353 -13.80 1.75 -13.22
C VAL C 353 -12.92 2.81 -13.91
N GLY C 354 -13.17 3.02 -15.18
CA GLY C 354 -12.61 4.15 -15.89
C GLY C 354 -13.71 4.84 -16.67
N ILE C 355 -13.62 6.17 -16.75
CA ILE C 355 -14.60 6.97 -17.48
C ILE C 355 -13.85 7.85 -18.48
N ASN C 356 -14.29 7.82 -19.73
CA ASN C 356 -13.90 8.75 -20.77
C ASN C 356 -15.06 9.66 -21.12
N TYR C 357 -14.84 10.96 -21.10
CA TYR C 357 -15.96 11.86 -21.30
C TYR C 357 -16.43 11.94 -22.74
N GLN C 358 -15.56 11.68 -23.70
CA GLN C 358 -15.97 11.84 -25.10
C GLN C 358 -17.06 10.84 -25.47
N PRO C 359 -18.22 11.31 -25.92
CA PRO C 359 -19.33 10.38 -26.19
C PRO C 359 -19.06 9.53 -27.41
N PRO C 360 -19.65 8.34 -27.49
CA PRO C 360 -19.45 7.47 -28.66
C PRO C 360 -19.85 8.13 -29.97
N THR C 361 -19.14 7.76 -31.04
CA THR C 361 -19.53 8.13 -32.38
C THR C 361 -20.05 6.89 -33.08
N VAL C 362 -20.95 7.11 -34.04
CA VAL C 362 -21.33 6.06 -34.95
C VAL C 362 -21.01 6.53 -36.35
N VAL C 363 -20.83 5.56 -37.25
CA VAL C 363 -20.56 5.87 -38.66
C VAL C 363 -21.88 6.18 -39.35
N PRO C 364 -22.00 7.33 -40.00
CA PRO C 364 -23.22 7.67 -40.75
C PRO C 364 -23.65 6.55 -41.68
N GLY C 365 -24.97 6.31 -41.71
CA GLY C 365 -25.55 5.20 -42.46
C GLY C 365 -25.36 3.83 -41.84
N GLY C 366 -24.73 3.73 -40.68
CA GLY C 366 -24.67 2.48 -39.97
C GLY C 366 -26.00 2.13 -39.36
N ASP C 367 -25.98 1.06 -38.58
CA ASP C 367 -27.18 0.60 -37.89
C ASP C 367 -27.23 0.98 -36.42
N LEU C 368 -26.10 1.33 -35.81
CA LEU C 368 -26.13 1.64 -34.38
C LEU C 368 -26.65 3.03 -34.16
N ALA C 369 -27.45 3.20 -33.13
CA ALA C 369 -27.87 4.52 -32.77
C ALA C 369 -26.73 5.24 -32.06
N LYS C 370 -26.61 6.55 -32.33
CA LYS C 370 -25.76 7.36 -31.48
C LYS C 370 -26.39 7.42 -30.09
N VAL C 371 -25.63 7.09 -29.06
CA VAL C 371 -26.13 7.17 -27.70
C VAL C 371 -25.24 8.11 -26.90
N GLN C 372 -25.76 8.52 -25.76
CA GLN C 372 -25.12 9.50 -24.91
C GLN C 372 -24.10 8.90 -23.96
N ARG C 373 -24.18 7.61 -23.69
CA ARG C 373 -23.22 6.94 -22.83
C ARG C 373 -23.17 5.47 -23.20
N ALA C 374 -22.04 4.84 -22.92
CA ALA C 374 -21.82 3.44 -23.27
C ALA C 374 -20.77 2.85 -22.34
N VAL C 375 -20.69 1.54 -22.30
CA VAL C 375 -19.76 0.86 -21.41
C VAL C 375 -19.26 -0.42 -22.06
N CYS C 376 -17.97 -0.68 -21.87
CA CYS C 376 -17.37 -1.96 -22.20
C CYS C 376 -16.87 -2.57 -20.91
N MET C 377 -17.35 -3.76 -20.59
CA MET C 377 -16.79 -4.50 -19.47
C MET C 377 -15.71 -5.48 -19.95
N LEU C 378 -14.57 -5.47 -19.26
CA LEU C 378 -13.51 -6.45 -19.45
C LEU C 378 -13.36 -7.27 -18.18
N SER C 379 -13.65 -8.56 -18.27
CA SER C 379 -13.51 -9.46 -17.12
C SER C 379 -12.62 -10.64 -17.49
N ASN C 380 -11.95 -11.16 -16.46
CA ASN C 380 -11.22 -12.41 -16.54
C ASN C 380 -12.04 -13.48 -15.80
N THR C 381 -12.82 -14.27 -16.54
CA THR C 381 -13.58 -15.40 -16.02
C THR C 381 -12.93 -16.69 -16.48
N THR C 382 -12.94 -17.69 -15.62
CA THR C 382 -12.51 -18.99 -16.05
C THR C 382 -13.44 -19.56 -17.11
N ALA C 383 -14.64 -19.02 -17.21
CA ALA C 383 -15.61 -19.50 -18.20
C ALA C 383 -15.12 -19.32 -19.64
N ILE C 384 -14.20 -18.40 -19.91
CA ILE C 384 -13.79 -18.24 -21.30
C ILE C 384 -13.19 -19.53 -21.85
N ALA C 385 -12.72 -20.43 -20.98
CA ALA C 385 -12.19 -21.71 -21.44
C ALA C 385 -13.24 -22.50 -22.19
N GLU C 386 -14.52 -22.26 -21.90
CA GLU C 386 -15.60 -22.91 -22.63
C GLU C 386 -15.41 -22.77 -24.14
N ALA C 387 -14.94 -21.60 -24.58
CA ALA C 387 -14.68 -21.38 -26.00
C ALA C 387 -13.51 -22.21 -26.50
N TRP C 388 -12.48 -22.44 -25.65
CA TRP C 388 -11.39 -23.33 -26.05
C TRP C 388 -11.88 -24.76 -26.15
N ALA C 389 -12.76 -25.17 -25.23
CA ALA C 389 -13.28 -26.53 -25.24
C ALA C 389 -14.02 -26.83 -26.55
N ARG C 390 -14.92 -25.95 -26.95
CA ARG C 390 -15.61 -26.09 -28.23
C ARG C 390 -14.62 -26.29 -29.39
N LEU C 391 -13.63 -25.42 -29.50
CA LEU C 391 -12.68 -25.52 -30.59
C LEU C 391 -11.90 -26.81 -30.48
N ASP C 392 -11.43 -27.12 -29.27
CA ASP C 392 -10.64 -28.33 -29.07
C ASP C 392 -11.44 -29.55 -29.46
N HIS C 393 -12.75 -29.54 -29.20
CA HIS C 393 -13.57 -30.69 -29.56
C HIS C 393 -13.67 -30.87 -31.08
N LYS C 394 -13.86 -29.78 -31.83
CA LYS C 394 -13.88 -29.91 -33.29
C LYS C 394 -12.52 -30.39 -33.82
N PHE C 395 -11.43 -29.79 -33.33
CA PHE C 395 -10.10 -30.31 -33.60
C PHE C 395 -10.01 -31.83 -33.43
N ASP C 396 -10.48 -32.34 -32.28
CA ASP C 396 -10.31 -33.75 -31.97
C ASP C 396 -11.09 -34.64 -32.94
N LEU C 397 -12.33 -34.26 -33.27
CA LEU C 397 -13.13 -35.03 -34.19
C LEU C 397 -12.40 -35.26 -35.52
N MET C 398 -11.84 -34.19 -36.11
CA MET C 398 -11.10 -34.34 -37.36
C MET C 398 -9.74 -34.98 -37.16
N TYR C 399 -9.03 -34.62 -36.10
CA TYR C 399 -7.66 -35.08 -36.00
C TYR C 399 -7.59 -36.60 -35.78
N ALA C 400 -8.63 -37.19 -35.16
CA ALA C 400 -8.60 -38.62 -34.88
C ALA C 400 -8.54 -39.43 -36.15
N LYS C 401 -9.10 -38.91 -37.24
CA LYS C 401 -9.00 -39.54 -38.55
C LYS C 401 -7.92 -38.92 -39.42
N ARG C 402 -7.11 -38.02 -38.89
CA ARG C 402 -6.13 -37.29 -39.70
C ARG C 402 -6.77 -36.57 -40.88
N ALA C 403 -8.03 -36.15 -40.75
CA ALA C 403 -8.73 -35.46 -41.83
C ALA C 403 -8.06 -34.14 -42.18
N PHE C 404 -7.87 -33.91 -43.48
CA PHE C 404 -7.28 -32.67 -43.99
C PHE C 404 -5.81 -32.49 -43.57
N VAL C 405 -5.27 -33.35 -42.70
CA VAL C 405 -3.91 -33.14 -42.22
C VAL C 405 -2.91 -33.13 -43.37
N HIS C 406 -3.23 -33.87 -44.45
CA HIS C 406 -2.27 -33.99 -45.53
C HIS C 406 -1.96 -32.64 -46.16
N TRP C 407 -2.93 -31.71 -46.16
CA TRP C 407 -2.66 -30.37 -46.70
C TRP C 407 -1.60 -29.63 -45.89
N TYR C 408 -1.41 -30.00 -44.63
CA TYR C 408 -0.41 -29.34 -43.82
C TYR C 408 0.94 -30.05 -43.97
N VAL C 409 0.94 -31.37 -43.85
CA VAL C 409 2.16 -32.13 -44.11
C VAL C 409 2.73 -31.80 -45.49
N GLY C 410 1.86 -31.73 -46.50
CA GLY C 410 2.33 -31.36 -47.82
C GLY C 410 3.03 -30.03 -47.92
N GLU C 411 2.84 -29.15 -46.93
CA GLU C 411 3.48 -27.85 -46.97
C GLU C 411 4.67 -27.78 -46.02
N GLY C 412 5.05 -28.91 -45.43
CA GLY C 412 6.22 -28.99 -44.57
C GLY C 412 5.94 -29.26 -43.11
N MET C 413 4.69 -29.22 -42.66
CA MET C 413 4.47 -29.44 -41.24
C MET C 413 4.49 -30.93 -40.91
N GLU C 414 4.76 -31.23 -39.64
CA GLU C 414 4.75 -32.58 -39.10
C GLU C 414 3.59 -32.76 -38.15
N GLU C 415 3.05 -33.97 -38.14
CA GLU C 415 1.98 -34.30 -37.19
C GLU C 415 2.35 -33.92 -35.77
N GLY C 416 3.64 -33.86 -35.45
CA GLY C 416 4.03 -33.53 -34.09
C GLY C 416 3.67 -32.12 -33.72
N GLU C 417 3.68 -31.20 -34.68
CA GLU C 417 3.19 -29.86 -34.38
C GLU C 417 1.72 -29.86 -33.99
N PHE C 418 0.93 -30.72 -34.64
CA PHE C 418 -0.49 -30.81 -34.28
C PHE C 418 -0.65 -31.26 -32.85
N SER C 419 0.07 -32.31 -32.45
CA SER C 419 -0.24 -32.85 -31.13
C SER C 419 0.40 -32.00 -30.04
N GLU C 420 1.56 -31.40 -30.33
CA GLU C 420 2.13 -30.46 -29.39
C GLU C 420 1.18 -29.28 -29.20
N ALA C 421 0.62 -28.75 -30.30
CA ALA C 421 -0.41 -27.71 -30.19
C ALA C 421 -1.58 -28.17 -29.34
N ARG C 422 -2.15 -29.34 -29.64
CA ARG C 422 -3.30 -29.78 -28.86
C ARG C 422 -2.94 -30.01 -27.40
N GLU C 423 -1.75 -30.54 -27.13
CA GLU C 423 -1.36 -30.74 -25.74
C GLU C 423 -1.30 -29.40 -25.01
N ASP C 424 -0.80 -28.36 -25.69
CA ASP C 424 -0.79 -27.01 -25.12
C ASP C 424 -2.20 -26.54 -24.76
N MET C 425 -3.18 -26.75 -25.65
CA MET C 425 -4.56 -26.36 -25.33
C MET C 425 -5.07 -27.13 -24.12
N ALA C 426 -4.69 -28.40 -24.00
CA ALA C 426 -5.14 -29.16 -22.84
C ALA C 426 -4.57 -28.58 -21.56
N ALA C 427 -3.29 -28.16 -21.59
CA ALA C 427 -2.72 -27.51 -20.43
C ALA C 427 -3.43 -26.19 -20.15
N LEU C 428 -3.75 -25.45 -21.21
CA LEU C 428 -4.49 -24.21 -21.04
C LEU C 428 -5.84 -24.46 -20.37
N GLU C 429 -6.58 -25.49 -20.85
CA GLU C 429 -7.86 -25.84 -20.24
C GLU C 429 -7.68 -26.25 -18.78
N LYS C 430 -6.57 -26.89 -18.47
CA LYS C 430 -6.30 -27.35 -17.12
C LYS C 430 -5.87 -26.19 -16.24
N ASP C 431 -5.05 -25.30 -16.79
CA ASP C 431 -4.72 -24.03 -16.12
C ASP C 431 -5.98 -23.28 -15.68
N TYR C 432 -6.97 -23.15 -16.56
CA TYR C 432 -8.18 -22.43 -16.15
C TYR C 432 -8.91 -23.20 -15.06
N GLU C 433 -8.93 -24.53 -15.14
CA GLU C 433 -9.57 -25.29 -14.08
C GLU C 433 -8.87 -25.03 -12.75
N GLU C 434 -7.54 -24.95 -12.77
CA GLU C 434 -6.77 -24.81 -11.54
C GLU C 434 -6.95 -23.44 -10.89
N VAL C 435 -6.82 -22.35 -11.64
CA VAL C 435 -6.88 -21.02 -11.03
C VAL C 435 -8.20 -20.74 -10.34
N GLY C 436 -9.26 -21.47 -10.68
CA GLY C 436 -10.55 -21.24 -10.07
C GLY C 436 -10.87 -22.11 -8.88
N VAL C 437 -10.04 -23.14 -8.67
CA VAL C 437 -10.09 -23.94 -7.44
C VAL C 437 -9.74 -23.08 -6.23
N ASP C 438 -10.44 -23.31 -5.11
CA ASP C 438 -10.21 -22.54 -3.88
C ASP C 438 -8.91 -22.95 -3.18
N SER C 439 -8.36 -22.02 -2.41
CA SER C 439 -7.06 -22.21 -1.76
C SER C 439 -7.14 -23.19 -0.59
N VAL C 440 -5.97 -23.70 -0.21
CA VAL C 440 -5.80 -24.51 1.00
C VAL C 440 -5.67 -23.63 2.25
N MET D 1 -3.74 -11.22 -60.30
CA MET D 1 -4.79 -12.06 -60.92
C MET D 1 -4.54 -13.55 -60.61
N ARG D 2 -5.58 -14.38 -60.50
CA ARG D 2 -5.40 -15.80 -60.20
C ARG D 2 -5.89 -16.59 -61.41
N GLU D 3 -4.94 -17.01 -62.26
CA GLU D 3 -5.24 -17.54 -63.58
C GLU D 3 -5.49 -19.04 -63.53
N ILE D 4 -6.47 -19.50 -64.28
CA ILE D 4 -6.67 -20.93 -64.52
C ILE D 4 -6.32 -21.17 -65.98
N VAL D 5 -5.65 -22.28 -66.25
CA VAL D 5 -5.31 -22.64 -67.62
C VAL D 5 -6.17 -23.83 -67.99
N HIS D 6 -6.90 -23.69 -69.09
CA HIS D 6 -7.90 -24.68 -69.48
C HIS D 6 -7.38 -25.52 -70.65
N ILE D 7 -7.51 -26.85 -70.53
CA ILE D 7 -7.10 -27.80 -71.56
C ILE D 7 -8.28 -28.72 -71.87
N GLN D 8 -8.63 -28.83 -73.17
CA GLN D 8 -9.60 -29.82 -73.64
C GLN D 8 -8.91 -30.79 -74.59
N ALA D 9 -9.11 -32.08 -74.37
CA ALA D 9 -8.37 -33.12 -75.07
C ALA D 9 -9.33 -34.19 -75.58
N GLY D 10 -9.29 -34.45 -76.89
CA GLY D 10 -10.11 -35.48 -77.48
C GLY D 10 -11.46 -34.98 -77.95
N GLN D 11 -12.25 -35.92 -78.45
CA GLN D 11 -13.57 -35.58 -78.99
C GLN D 11 -14.47 -35.00 -77.89
N CYS D 12 -14.75 -35.79 -76.87
CA CYS D 12 -15.64 -35.31 -75.82
C CYS D 12 -15.07 -34.11 -75.10
N GLY D 13 -13.77 -34.16 -74.80
CA GLY D 13 -13.15 -33.04 -74.11
C GLY D 13 -13.36 -31.75 -74.87
N ASN D 14 -13.24 -31.79 -76.19
CA ASN D 14 -13.39 -30.58 -76.97
C ASN D 14 -14.86 -30.15 -77.10
N GLN D 15 -15.81 -31.11 -77.12
CA GLN D 15 -17.19 -30.71 -77.28
C GLN D 15 -17.73 -30.02 -76.01
N ILE D 16 -17.58 -30.66 -74.84
CA ILE D 16 -18.03 -29.99 -73.62
C ILE D 16 -17.18 -28.76 -73.33
N GLY D 17 -15.91 -28.76 -73.73
CA GLY D 17 -15.09 -27.57 -73.57
C GLY D 17 -15.63 -26.41 -74.38
N ALA D 18 -16.05 -26.67 -75.62
CA ALA D 18 -16.60 -25.63 -76.47
C ALA D 18 -17.93 -25.10 -75.91
N LYS D 19 -18.77 -26.01 -75.41
CA LYS D 19 -19.99 -25.56 -74.76
C LYS D 19 -19.68 -24.75 -73.50
N PHE D 20 -18.65 -25.14 -72.74
CA PHE D 20 -18.33 -24.41 -71.51
C PHE D 20 -17.93 -22.97 -71.82
N TRP D 21 -17.12 -22.77 -72.85
CA TRP D 21 -16.73 -21.42 -73.20
C TRP D 21 -17.89 -20.62 -73.77
N GLU D 22 -18.84 -21.29 -74.44
CA GLU D 22 -20.01 -20.57 -74.92
C GLU D 22 -20.87 -20.06 -73.77
N VAL D 23 -21.18 -20.93 -72.81
CA VAL D 23 -22.04 -20.54 -71.69
C VAL D 23 -21.39 -19.43 -70.86
N ILE D 24 -20.11 -19.62 -70.48
CA ILE D 24 -19.50 -18.63 -69.58
C ILE D 24 -19.08 -17.38 -70.34
N SER D 25 -18.89 -17.45 -71.67
CA SER D 25 -18.68 -16.19 -72.38
C SER D 25 -19.97 -15.38 -72.41
N ASP D 26 -21.09 -16.06 -72.62
CA ASP D 26 -22.37 -15.39 -72.50
C ASP D 26 -22.54 -14.78 -71.11
N GLU D 27 -22.18 -15.53 -70.07
CA GLU D 27 -22.34 -15.04 -68.70
C GLU D 27 -21.48 -13.80 -68.43
N HIS D 28 -20.28 -13.74 -68.96
CA HIS D 28 -19.42 -12.59 -68.73
C HIS D 28 -19.59 -11.49 -69.78
N GLY D 29 -20.57 -11.62 -70.68
CA GLY D 29 -20.86 -10.57 -71.64
C GLY D 29 -19.79 -10.37 -72.70
N ILE D 30 -19.25 -11.46 -73.22
CA ILE D 30 -18.18 -11.39 -74.20
C ILE D 30 -18.59 -12.06 -75.50
N ASP D 31 -18.27 -11.40 -76.62
CA ASP D 31 -18.67 -11.79 -77.98
C ASP D 31 -17.96 -13.03 -78.47
N PRO D 32 -18.41 -13.59 -79.59
CA PRO D 32 -17.53 -14.52 -80.33
C PRO D 32 -16.28 -13.84 -80.87
N THR D 33 -16.28 -12.51 -80.97
CA THR D 33 -15.11 -11.76 -81.43
C THR D 33 -14.18 -11.34 -80.29
N GLY D 34 -14.60 -11.48 -79.04
CA GLY D 34 -13.76 -11.15 -77.91
C GLY D 34 -13.97 -9.77 -77.33
N SER D 35 -15.06 -9.10 -77.66
CA SER D 35 -15.29 -7.74 -77.20
C SER D 35 -16.29 -7.76 -76.05
N TYR D 36 -16.03 -6.97 -75.01
CA TYR D 36 -16.94 -6.95 -73.88
C TYR D 36 -18.16 -6.11 -74.27
N HIS D 37 -19.33 -6.71 -74.21
CA HIS D 37 -20.57 -6.02 -74.53
C HIS D 37 -21.63 -6.29 -73.48
N GLY D 38 -21.21 -6.37 -72.22
CA GLY D 38 -22.11 -6.61 -71.11
C GLY D 38 -22.41 -5.33 -70.33
N ASP D 39 -23.24 -5.49 -69.30
CA ASP D 39 -23.82 -4.39 -68.56
C ASP D 39 -23.37 -4.28 -67.11
N SER D 40 -22.81 -5.33 -66.53
CA SER D 40 -22.41 -5.33 -65.13
C SER D 40 -20.90 -5.32 -64.96
N ASP D 41 -20.43 -4.48 -64.03
CA ASP D 41 -19.02 -4.52 -63.66
C ASP D 41 -18.67 -5.83 -62.97
N LEU D 42 -19.67 -6.47 -62.35
CA LEU D 42 -19.46 -7.77 -61.74
C LEU D 42 -19.04 -8.83 -62.76
N GLN D 43 -19.19 -8.57 -64.06
CA GLN D 43 -18.77 -9.56 -65.04
C GLN D 43 -17.28 -9.49 -65.35
N LEU D 44 -16.66 -8.32 -65.17
CA LEU D 44 -15.28 -8.11 -65.55
C LEU D 44 -14.31 -8.20 -64.37
N GLU D 45 -14.83 -8.19 -63.13
CA GLU D 45 -13.96 -8.07 -61.97
C GLU D 45 -12.96 -9.21 -61.89
N ARG D 46 -13.40 -10.44 -62.17
CA ARG D 46 -12.54 -11.62 -62.12
C ARG D 46 -12.46 -12.29 -63.49
N ILE D 47 -12.66 -11.52 -64.57
CA ILE D 47 -12.60 -12.08 -65.91
C ILE D 47 -11.22 -12.67 -66.17
N ASN D 48 -10.21 -12.20 -65.45
CA ASN D 48 -8.84 -12.66 -65.62
C ASN D 48 -8.68 -14.14 -65.32
N VAL D 49 -9.59 -14.73 -64.52
CA VAL D 49 -9.44 -16.13 -64.15
C VAL D 49 -9.43 -16.99 -65.39
N TYR D 50 -10.26 -16.66 -66.39
CA TYR D 50 -10.40 -17.50 -67.57
C TYR D 50 -10.06 -16.80 -68.88
N TYR D 51 -9.76 -15.50 -68.86
CA TYR D 51 -9.54 -14.77 -70.10
C TYR D 51 -8.27 -13.95 -70.04
N ASN D 52 -7.49 -13.99 -71.12
CA ASN D 52 -6.39 -13.06 -71.34
C ASN D 52 -6.91 -11.80 -72.00
N GLU D 53 -6.26 -10.68 -71.73
CA GLU D 53 -6.60 -9.39 -72.32
C GLU D 53 -5.57 -9.00 -73.37
N ALA D 54 -6.02 -8.89 -74.62
CA ALA D 54 -5.29 -8.21 -75.66
C ALA D 54 -5.76 -6.76 -75.77
N THR D 55 -4.85 -5.86 -76.14
CA THR D 55 -5.27 -4.50 -76.45
C THR D 55 -6.25 -4.54 -77.62
N GLY D 56 -7.08 -3.50 -77.69
CA GLY D 56 -8.35 -3.59 -78.34
C GLY D 56 -9.43 -4.09 -77.43
N ASN D 57 -9.19 -4.09 -76.12
CA ASN D 57 -10.02 -4.71 -75.09
C ASN D 57 -10.67 -5.99 -75.60
N LYS D 58 -9.83 -6.89 -76.11
CA LYS D 58 -10.31 -8.18 -76.57
C LYS D 58 -9.95 -9.23 -75.54
N TYR D 59 -10.85 -10.18 -75.32
CA TYR D 59 -10.69 -11.21 -74.30
C TYR D 59 -10.54 -12.55 -74.98
N VAL D 60 -9.43 -13.24 -74.71
CA VAL D 60 -9.13 -14.51 -75.37
C VAL D 60 -9.20 -15.61 -74.32
N PRO D 61 -10.01 -16.65 -74.49
CA PRO D 61 -9.99 -17.77 -73.56
C PRO D 61 -8.59 -18.33 -73.39
N ARG D 62 -8.17 -18.50 -72.15
CA ARG D 62 -6.89 -19.16 -71.85
C ARG D 62 -7.12 -20.67 -71.97
N ALA D 63 -7.27 -21.11 -73.22
CA ALA D 63 -7.70 -22.45 -73.56
C ALA D 63 -6.74 -23.10 -74.54
N ILE D 64 -6.53 -24.40 -74.37
CA ILE D 64 -5.66 -25.19 -75.22
C ILE D 64 -6.46 -26.38 -75.76
N LEU D 65 -6.59 -26.47 -77.08
CA LEU D 65 -7.42 -27.49 -77.70
C LEU D 65 -6.52 -28.57 -78.28
N VAL D 66 -6.82 -29.82 -77.94
CA VAL D 66 -5.89 -30.92 -78.20
C VAL D 66 -6.65 -32.13 -78.72
N ASP D 67 -6.22 -32.68 -79.85
CA ASP D 67 -6.77 -33.94 -80.31
C ASP D 67 -5.77 -34.67 -81.21
N LEU D 68 -5.85 -35.99 -81.19
CA LEU D 68 -5.13 -36.83 -82.12
C LEU D 68 -5.87 -36.98 -83.45
N GLU D 69 -6.99 -36.26 -83.63
CA GLU D 69 -7.84 -36.36 -84.80
C GLU D 69 -8.19 -34.94 -85.19
N PRO D 70 -8.01 -34.57 -86.46
CA PRO D 70 -8.23 -33.15 -86.86
C PRO D 70 -9.68 -32.71 -86.92
N GLY D 71 -10.63 -33.65 -87.01
CA GLY D 71 -12.04 -33.33 -87.19
C GLY D 71 -12.66 -32.33 -86.22
N THR D 72 -12.89 -32.78 -84.98
CA THR D 72 -13.52 -31.92 -83.97
C THR D 72 -12.79 -30.58 -83.85
N MET D 73 -11.48 -30.57 -84.09
CA MET D 73 -10.74 -29.30 -84.15
C MET D 73 -11.41 -28.33 -85.11
N ASP D 74 -11.64 -28.77 -86.35
CA ASP D 74 -12.30 -27.94 -87.37
C ASP D 74 -13.73 -27.61 -86.96
N SER D 75 -14.45 -28.62 -86.43
CA SER D 75 -15.79 -28.40 -85.90
C SER D 75 -15.80 -27.21 -84.92
N VAL D 76 -14.79 -27.12 -84.07
CA VAL D 76 -14.71 -26.04 -83.08
C VAL D 76 -14.54 -24.69 -83.76
N ARG D 77 -13.59 -24.60 -84.71
CA ARG D 77 -13.31 -23.31 -85.32
C ARG D 77 -14.50 -22.79 -86.12
N SER D 78 -15.33 -23.69 -86.65
CA SER D 78 -16.46 -23.27 -87.44
C SER D 78 -17.75 -23.16 -86.65
N GLY D 79 -17.77 -23.55 -85.38
CA GLY D 79 -18.97 -23.38 -84.60
C GLY D 79 -19.00 -21.99 -84.01
N PRO D 80 -19.87 -21.76 -83.03
CA PRO D 80 -19.90 -20.44 -82.40
C PRO D 80 -18.67 -20.27 -81.54
N PHE D 81 -18.14 -19.05 -81.52
CA PHE D 81 -16.94 -18.72 -80.75
C PHE D 81 -15.68 -19.43 -81.28
N GLY D 82 -15.75 -20.06 -82.45
CA GLY D 82 -14.56 -20.68 -83.01
C GLY D 82 -13.45 -19.68 -83.28
N GLN D 83 -13.83 -18.43 -83.56
CA GLN D 83 -12.85 -17.35 -83.73
C GLN D 83 -12.41 -16.72 -82.41
N ILE D 84 -12.92 -17.16 -81.27
CA ILE D 84 -12.50 -16.60 -79.98
C ILE D 84 -11.27 -17.31 -79.43
N PHE D 85 -10.99 -18.53 -79.88
CA PHE D 85 -9.81 -19.24 -79.38
C PHE D 85 -8.57 -18.74 -80.10
N ARG D 86 -7.42 -18.84 -79.43
CA ARG D 86 -6.15 -18.41 -80.01
C ARG D 86 -5.74 -19.45 -81.05
N PRO D 87 -5.57 -19.07 -82.32
CA PRO D 87 -5.29 -20.08 -83.36
C PRO D 87 -4.07 -20.92 -83.05
N ASP D 88 -3.07 -20.29 -82.43
CA ASP D 88 -1.86 -21.00 -82.05
C ASP D 88 -2.11 -22.01 -80.94
N ASN D 89 -3.25 -21.94 -80.24
CA ASN D 89 -3.51 -22.87 -79.15
C ASN D 89 -4.26 -24.13 -79.61
N PHE D 90 -4.44 -24.33 -80.91
CA PHE D 90 -4.98 -25.58 -81.45
C PHE D 90 -3.81 -26.51 -81.75
N VAL D 91 -3.83 -27.72 -81.19
CA VAL D 91 -2.74 -28.67 -81.35
C VAL D 91 -3.34 -30.00 -81.79
N PHE D 92 -3.15 -30.36 -83.07
CA PHE D 92 -3.75 -31.58 -83.58
C PHE D 92 -2.68 -32.49 -84.20
N GLY D 93 -2.94 -33.79 -84.12
CA GLY D 93 -2.22 -34.80 -84.86
C GLY D 93 -3.00 -35.22 -86.09
N GLN D 94 -2.70 -36.41 -86.60
CA GLN D 94 -3.39 -36.83 -87.81
C GLN D 94 -4.04 -38.20 -87.62
N SER D 95 -3.42 -39.03 -86.78
CA SER D 95 -3.88 -40.39 -86.54
C SER D 95 -4.66 -40.41 -85.24
N GLY D 96 -5.99 -40.57 -85.33
CA GLY D 96 -6.83 -40.70 -84.15
C GLY D 96 -6.34 -41.86 -83.31
N ALA D 97 -6.92 -42.09 -82.14
CA ALA D 97 -6.37 -43.10 -81.26
C ALA D 97 -7.21 -44.36 -81.24
N GLY D 98 -8.28 -44.41 -82.02
CA GLY D 98 -9.10 -45.62 -82.12
C GLY D 98 -9.63 -46.14 -80.81
N ASN D 99 -10.00 -45.24 -79.89
CA ASN D 99 -10.46 -45.64 -78.56
C ASN D 99 -9.46 -46.58 -77.88
N ASN D 100 -8.17 -46.34 -78.12
CA ASN D 100 -7.09 -47.16 -77.58
C ASN D 100 -6.32 -46.30 -76.59
N TRP D 101 -6.55 -46.52 -75.30
CA TRP D 101 -5.89 -45.73 -74.27
C TRP D 101 -4.37 -45.77 -74.41
N ALA D 102 -3.82 -46.94 -74.72
CA ALA D 102 -2.37 -47.05 -74.88
C ALA D 102 -1.87 -46.15 -75.99
N LYS D 103 -2.67 -45.97 -77.05
CA LYS D 103 -2.24 -45.09 -78.14
C LYS D 103 -2.18 -43.64 -77.68
N GLY D 104 -3.18 -43.20 -76.91
CA GLY D 104 -3.14 -41.86 -76.36
C GLY D 104 -2.08 -41.70 -75.29
N HIS D 105 -1.87 -42.73 -74.47
CA HIS D 105 -1.00 -42.56 -73.32
C HIS D 105 0.48 -42.76 -73.65
N TYR D 106 0.80 -43.75 -74.48
CA TYR D 106 2.18 -44.21 -74.59
C TYR D 106 2.81 -43.96 -75.94
N THR D 107 2.06 -44.01 -77.02
CA THR D 107 2.69 -44.00 -78.33
C THR D 107 2.34 -42.75 -79.11
N GLU D 108 1.16 -42.75 -79.75
CA GLU D 108 0.82 -41.62 -80.62
C GLU D 108 0.64 -40.34 -79.81
N GLY D 109 0.06 -40.44 -78.62
CA GLY D 109 -0.11 -39.26 -77.77
C GLY D 109 1.21 -38.73 -77.24
N ALA D 110 2.18 -39.61 -76.96
CA ALA D 110 3.49 -39.16 -76.50
C ALA D 110 4.19 -38.34 -77.58
N GLU D 111 4.02 -38.73 -78.84
CA GLU D 111 4.59 -37.97 -79.96
C GLU D 111 4.05 -36.55 -80.02
N LEU D 112 2.81 -36.34 -79.59
CA LEU D 112 2.19 -35.03 -79.74
C LEU D 112 2.34 -34.17 -78.48
N VAL D 113 2.72 -34.78 -77.36
CA VAL D 113 2.58 -34.11 -76.08
C VAL D 113 3.53 -32.93 -75.96
N ASP D 114 4.72 -33.03 -76.54
CA ASP D 114 5.69 -31.95 -76.38
C ASP D 114 5.20 -30.65 -77.02
N SER D 115 4.43 -30.74 -78.11
CA SER D 115 3.89 -29.52 -78.70
C SER D 115 2.76 -28.96 -77.85
N VAL D 116 2.02 -29.82 -77.15
CA VAL D 116 1.01 -29.32 -76.20
C VAL D 116 1.70 -28.64 -75.03
N LEU D 117 2.73 -29.28 -74.47
CA LEU D 117 3.45 -28.70 -73.35
C LEU D 117 4.04 -27.35 -73.69
N ASP D 118 4.30 -27.08 -74.97
CA ASP D 118 4.79 -25.77 -75.37
C ASP D 118 3.71 -24.71 -75.21
N VAL D 119 2.50 -25.00 -75.68
CA VAL D 119 1.40 -24.05 -75.53
C VAL D 119 1.10 -23.82 -74.07
N VAL D 120 1.13 -24.88 -73.26
CA VAL D 120 0.91 -24.70 -71.83
C VAL D 120 1.93 -23.73 -71.26
N ARG D 121 3.21 -24.02 -71.50
CA ARG D 121 4.27 -23.16 -71.02
C ARG D 121 4.05 -21.70 -71.42
N LYS D 122 3.65 -21.48 -72.68
CA LYS D 122 3.43 -20.12 -73.17
C LYS D 122 2.31 -19.43 -72.40
N GLU D 123 1.23 -20.16 -72.08
CA GLU D 123 0.12 -19.54 -71.35
C GLU D 123 0.47 -19.36 -69.87
N SER D 124 1.03 -20.38 -69.22
CA SER D 124 1.37 -20.24 -67.82
C SER D 124 2.38 -19.14 -67.61
N GLU D 125 3.24 -18.91 -68.62
CA GLU D 125 4.29 -17.90 -68.50
C GLU D 125 3.73 -16.48 -68.52
N SER D 126 2.56 -16.27 -69.10
CA SER D 126 1.96 -14.94 -69.08
C SER D 126 1.07 -14.71 -67.87
N CYS D 127 1.07 -15.62 -66.89
CA CYS D 127 0.16 -15.56 -65.76
C CYS D 127 0.79 -14.81 -64.60
N ASP D 128 0.04 -13.86 -64.05
CA ASP D 128 0.46 -13.15 -62.84
C ASP D 128 0.62 -14.10 -61.67
N CYS D 129 -0.38 -14.98 -61.47
CA CYS D 129 -0.32 -15.96 -60.38
C CYS D 129 -1.20 -17.14 -60.80
N LEU D 130 -0.56 -18.18 -61.29
CA LEU D 130 -1.26 -19.33 -61.82
C LEU D 130 -1.86 -20.16 -60.68
N GLN D 131 -3.17 -20.43 -60.76
CA GLN D 131 -3.77 -21.34 -59.78
C GLN D 131 -3.49 -22.79 -60.11
N GLY D 132 -3.60 -23.15 -61.38
CA GLY D 132 -3.56 -24.52 -61.81
C GLY D 132 -4.35 -24.68 -63.09
N PHE D 133 -4.76 -25.92 -63.35
CA PHE D 133 -5.30 -26.29 -64.64
C PHE D 133 -6.62 -27.03 -64.46
N GLN D 134 -7.52 -26.84 -65.44
CA GLN D 134 -8.69 -27.70 -65.56
C GLN D 134 -8.68 -28.38 -66.92
N LEU D 135 -8.84 -29.71 -66.91
CA LEU D 135 -8.86 -30.52 -68.12
C LEU D 135 -10.26 -31.09 -68.33
N THR D 136 -10.80 -30.93 -69.54
CA THR D 136 -12.02 -31.64 -69.96
C THR D 136 -11.63 -32.76 -70.91
N HIS D 137 -12.24 -33.91 -70.69
CA HIS D 137 -11.93 -35.12 -71.45
C HIS D 137 -12.96 -36.17 -71.08
N SER D 138 -13.10 -37.16 -71.94
CA SER D 138 -13.85 -38.35 -71.56
C SER D 138 -12.86 -39.41 -71.11
N LEU D 139 -13.36 -40.32 -70.30
CA LEU D 139 -12.53 -41.40 -69.80
C LEU D 139 -12.65 -42.65 -70.66
N GLY D 140 -13.56 -42.67 -71.64
CA GLY D 140 -13.85 -43.88 -72.39
C GLY D 140 -13.26 -44.00 -73.78
N GLY D 141 -12.90 -42.87 -74.40
CA GLY D 141 -12.20 -42.93 -75.68
C GLY D 141 -10.72 -43.20 -75.48
N GLY D 142 -9.89 -42.61 -76.33
CA GLY D 142 -8.46 -42.87 -76.28
C GLY D 142 -7.60 -41.63 -76.19
N THR D 143 -7.95 -40.58 -76.92
CA THR D 143 -7.19 -39.34 -76.82
C THR D 143 -7.42 -38.68 -75.47
N GLY D 144 -8.67 -38.27 -75.20
CA GLY D 144 -8.97 -37.67 -73.92
C GLY D 144 -8.62 -38.57 -72.75
N SER D 145 -8.84 -39.86 -72.92
CA SER D 145 -8.52 -40.81 -71.86
C SER D 145 -7.00 -40.92 -71.67
N GLY D 146 -6.31 -41.39 -72.70
CA GLY D 146 -4.90 -41.70 -72.57
C GLY D 146 -4.00 -40.49 -72.68
N MET D 147 -4.20 -39.66 -73.70
CA MET D 147 -3.40 -38.45 -73.80
C MET D 147 -3.71 -37.48 -72.68
N GLY D 148 -4.96 -37.50 -72.21
CA GLY D 148 -5.34 -36.57 -71.16
C GLY D 148 -4.56 -36.79 -69.89
N THR D 149 -4.46 -38.05 -69.47
CA THR D 149 -3.74 -38.33 -68.23
C THR D 149 -2.23 -38.15 -68.42
N LEU D 150 -1.72 -38.48 -69.59
CA LEU D 150 -0.31 -38.19 -69.84
C LEU D 150 -0.05 -36.69 -69.75
N LEU D 151 -0.95 -35.89 -70.29
CA LEU D 151 -0.85 -34.44 -70.13
C LEU D 151 -0.80 -34.06 -68.65
N ILE D 152 -1.72 -34.62 -67.85
CA ILE D 152 -1.77 -34.32 -66.42
C ILE D 152 -0.43 -34.65 -65.76
N SER D 153 0.12 -35.82 -66.06
CA SER D 153 1.42 -36.20 -65.52
C SER D 153 2.53 -35.26 -65.98
N LYS D 154 2.54 -34.91 -67.25
CA LYS D 154 3.63 -34.09 -67.76
C LYS D 154 3.54 -32.67 -67.21
N ILE D 155 2.32 -32.16 -67.03
CA ILE D 155 2.12 -30.85 -66.43
C ILE D 155 2.55 -30.85 -64.97
N ARG D 156 2.15 -31.89 -64.23
CA ARG D 156 2.51 -31.99 -62.83
C ARG D 156 4.02 -31.93 -62.65
N GLU D 157 4.79 -32.47 -63.60
CA GLU D 157 6.25 -32.45 -63.44
C GLU D 157 6.78 -31.02 -63.47
N GLU D 158 6.25 -30.19 -64.34
CA GLU D 158 6.72 -28.82 -64.46
C GLU D 158 5.99 -27.84 -63.55
N TYR D 159 4.86 -28.23 -62.96
CA TYR D 159 4.11 -27.37 -62.06
C TYR D 159 3.64 -28.18 -60.87
N PRO D 160 4.57 -28.78 -60.11
CA PRO D 160 4.16 -29.71 -59.04
C PRO D 160 3.36 -29.05 -57.93
N ASP D 161 3.33 -27.72 -57.88
CA ASP D 161 2.66 -27.00 -56.80
C ASP D 161 1.43 -26.25 -57.28
N ARG D 162 0.89 -26.61 -58.44
CA ARG D 162 -0.35 -25.98 -58.87
C ARG D 162 -1.45 -27.02 -58.85
N ILE D 163 -2.68 -26.55 -58.88
CA ILE D 163 -3.83 -27.44 -58.69
C ILE D 163 -4.18 -28.06 -60.03
N MET D 164 -4.37 -29.37 -60.03
CA MET D 164 -4.80 -30.15 -61.19
C MET D 164 -6.25 -30.51 -60.96
N ASN D 165 -7.13 -29.97 -61.80
CA ASN D 165 -8.57 -30.20 -61.74
C ASN D 165 -9.03 -30.79 -63.07
N THR D 166 -9.91 -31.80 -63.02
CA THR D 166 -10.43 -32.40 -64.26
C THR D 166 -11.94 -32.53 -64.21
N PHE D 167 -12.55 -32.41 -65.40
CA PHE D 167 -13.91 -32.85 -65.67
C PHE D 167 -13.79 -34.15 -66.47
N SER D 168 -14.08 -35.28 -65.84
CA SER D 168 -13.84 -36.57 -66.47
C SER D 168 -15.20 -37.22 -66.74
N VAL D 169 -15.55 -37.28 -68.02
CA VAL D 169 -16.80 -37.86 -68.49
C VAL D 169 -16.68 -39.38 -68.44
N MET D 170 -17.50 -39.97 -67.67
CA MET D 170 -17.58 -41.37 -67.30
C MET D 170 -18.37 -42.18 -68.32
N PRO D 171 -17.86 -43.33 -68.75
CA PRO D 171 -18.55 -44.11 -69.77
C PRO D 171 -19.77 -44.85 -69.25
N SER D 172 -20.74 -45.04 -70.15
CA SER D 172 -21.94 -45.82 -69.88
C SER D 172 -22.40 -46.55 -71.14
N PRO D 173 -22.71 -47.86 -71.05
CA PRO D 173 -23.33 -48.55 -72.18
C PRO D 173 -24.60 -47.90 -72.72
N LYS D 174 -25.34 -47.15 -71.89
CA LYS D 174 -26.52 -46.43 -72.37
C LYS D 174 -26.18 -45.33 -73.37
N VAL D 175 -24.91 -44.99 -73.57
CA VAL D 175 -24.56 -43.89 -74.45
C VAL D 175 -23.54 -44.32 -75.49
N SER D 176 -22.70 -45.31 -75.16
CA SER D 176 -21.67 -45.80 -76.07
C SER D 176 -21.63 -47.32 -76.04
N ASP D 177 -21.33 -47.91 -77.19
CA ASP D 177 -21.24 -49.36 -77.39
C ASP D 177 -19.82 -49.91 -77.38
N THR D 178 -18.81 -49.07 -77.70
CA THR D 178 -17.41 -49.46 -77.69
C THR D 178 -17.07 -50.36 -76.52
N VAL D 179 -16.69 -51.61 -76.79
CA VAL D 179 -16.63 -52.59 -75.71
C VAL D 179 -15.43 -52.40 -74.80
N VAL D 180 -14.37 -51.71 -75.27
CA VAL D 180 -13.17 -51.58 -74.45
C VAL D 180 -13.22 -50.39 -73.48
N GLU D 181 -14.31 -49.61 -73.49
CA GLU D 181 -14.44 -48.46 -72.60
C GLU D 181 -14.13 -48.78 -71.14
N PRO D 182 -14.66 -49.85 -70.54
CA PRO D 182 -14.24 -50.19 -69.16
C PRO D 182 -12.74 -50.32 -68.97
N TYR D 183 -11.98 -50.75 -69.98
CA TYR D 183 -10.53 -50.72 -69.84
C TYR D 183 -10.03 -49.28 -69.85
N ASN D 184 -10.50 -48.49 -70.83
CA ASN D 184 -10.05 -47.11 -70.93
C ASN D 184 -10.34 -46.34 -69.64
N ALA D 185 -11.52 -46.58 -69.05
CA ALA D 185 -11.89 -45.86 -67.83
C ALA D 185 -11.04 -46.31 -66.64
N THR D 186 -10.84 -47.62 -66.48
CA THR D 186 -10.08 -48.13 -65.35
C THR D 186 -8.63 -47.70 -65.42
N LEU D 187 -8.05 -47.69 -66.64
CA LEU D 187 -6.67 -47.20 -66.78
C LEU D 187 -6.58 -45.72 -66.45
N SER D 188 -7.58 -44.94 -66.84
CA SER D 188 -7.55 -43.51 -66.60
C SER D 188 -7.82 -43.17 -65.14
N VAL D 189 -8.84 -43.79 -64.54
CA VAL D 189 -9.14 -43.53 -63.14
C VAL D 189 -7.91 -43.82 -62.28
N HIS D 190 -7.10 -44.79 -62.72
CA HIS D 190 -5.84 -45.12 -62.04
C HIS D 190 -4.91 -43.91 -61.96
N GLN D 191 -4.71 -43.21 -63.08
CA GLN D 191 -3.88 -42.02 -63.07
C GLN D 191 -4.50 -40.90 -62.24
N LEU D 192 -5.82 -40.71 -62.37
CA LEU D 192 -6.48 -39.55 -61.74
C LEU D 192 -6.43 -39.65 -60.23
N VAL D 193 -6.51 -40.87 -59.69
CA VAL D 193 -6.38 -41.09 -58.25
C VAL D 193 -5.05 -40.56 -57.73
N GLU D 194 -4.02 -40.59 -58.58
CA GLU D 194 -2.67 -40.26 -58.18
C GLU D 194 -2.26 -38.85 -58.52
N ASN D 195 -2.79 -38.25 -59.59
CA ASN D 195 -2.17 -37.05 -60.13
C ASN D 195 -3.12 -35.86 -60.29
N THR D 196 -4.35 -35.95 -59.81
CA THR D 196 -5.22 -34.78 -59.75
C THR D 196 -5.62 -34.47 -58.32
N ASP D 197 -5.87 -33.19 -58.06
CA ASP D 197 -6.36 -32.75 -56.78
C ASP D 197 -7.88 -32.79 -56.67
N GLU D 198 -8.61 -32.59 -57.76
CA GLU D 198 -10.08 -32.65 -57.74
C GLU D 198 -10.63 -33.05 -59.10
N THR D 199 -11.55 -34.02 -59.10
CA THR D 199 -12.18 -34.52 -60.32
C THR D 199 -13.69 -34.48 -60.16
N TYR D 200 -14.35 -33.70 -61.00
CA TYR D 200 -15.81 -33.77 -61.13
C TYR D 200 -16.17 -34.96 -62.03
N CYS D 201 -16.86 -35.94 -61.46
CA CYS D 201 -17.29 -37.12 -62.20
C CYS D 201 -18.55 -36.78 -62.98
N ILE D 202 -18.40 -36.52 -64.28
CA ILE D 202 -19.54 -36.31 -65.17
C ILE D 202 -19.91 -37.66 -65.75
N ASP D 203 -21.00 -38.24 -65.29
CA ASP D 203 -21.36 -39.61 -65.62
C ASP D 203 -22.35 -39.64 -66.79
N ASN D 204 -21.91 -40.19 -67.92
CA ASN D 204 -22.82 -40.29 -69.07
C ASN D 204 -24.06 -41.10 -68.71
N GLU D 205 -23.93 -42.08 -67.80
CA GLU D 205 -25.09 -42.81 -67.34
C GLU D 205 -26.11 -41.89 -66.68
N ALA D 206 -25.67 -41.04 -65.76
CA ALA D 206 -26.57 -40.10 -65.12
C ALA D 206 -27.19 -39.15 -66.14
N LEU D 207 -26.37 -38.60 -67.05
CA LEU D 207 -26.90 -37.64 -68.00
C LEU D 207 -27.95 -38.29 -68.88
N TYR D 208 -27.73 -39.54 -69.25
CA TYR D 208 -28.71 -40.23 -70.06
C TYR D 208 -30.03 -40.34 -69.31
N ASP D 209 -30.01 -40.96 -68.13
CA ASP D 209 -31.24 -41.12 -67.34
C ASP D 209 -31.91 -39.78 -67.06
N ILE D 210 -31.12 -38.71 -66.83
CA ILE D 210 -31.74 -37.40 -66.61
C ILE D 210 -32.48 -36.95 -67.86
N CYS D 211 -31.89 -37.17 -69.04
CA CYS D 211 -32.54 -36.70 -70.27
C CYS D 211 -33.76 -37.55 -70.59
N PHE D 212 -33.68 -38.86 -70.36
CA PHE D 212 -34.76 -39.82 -70.60
C PHE D 212 -35.87 -39.68 -69.55
N ARG D 213 -35.55 -40.06 -68.31
CA ARG D 213 -36.57 -40.19 -67.28
C ARG D 213 -37.08 -38.82 -66.84
N THR D 214 -36.21 -37.81 -66.78
CA THR D 214 -36.63 -36.52 -66.26
C THR D 214 -36.93 -35.53 -67.37
N LEU D 215 -35.98 -35.30 -68.27
CA LEU D 215 -36.18 -34.37 -69.36
C LEU D 215 -37.04 -34.96 -70.48
N LYS D 216 -37.48 -36.22 -70.36
CA LYS D 216 -38.44 -36.84 -71.28
C LYS D 216 -38.01 -36.67 -72.74
N LEU D 217 -36.83 -37.19 -73.03
CA LEU D 217 -36.27 -37.18 -74.39
C LEU D 217 -36.15 -38.63 -74.84
N THR D 218 -36.87 -38.98 -75.90
CA THR D 218 -36.99 -40.40 -76.27
C THR D 218 -35.65 -40.99 -76.67
N THR D 219 -34.84 -40.24 -77.40
CA THR D 219 -33.48 -40.64 -77.73
C THR D 219 -32.64 -39.39 -77.59
N PRO D 220 -32.00 -39.19 -76.44
CA PRO D 220 -31.21 -37.97 -76.26
C PRO D 220 -29.94 -38.00 -77.11
N THR D 221 -29.57 -36.82 -77.60
CA THR D 221 -28.34 -36.67 -78.37
C THR D 221 -27.20 -36.23 -77.46
N TYR D 222 -26.01 -36.14 -78.04
CA TYR D 222 -24.90 -35.58 -77.28
C TYR D 222 -25.17 -34.12 -76.93
N GLY D 223 -25.82 -33.38 -77.82
CA GLY D 223 -26.21 -32.02 -77.49
C GLY D 223 -27.09 -31.96 -76.25
N ASP D 224 -28.05 -32.88 -76.13
CA ASP D 224 -28.91 -32.91 -74.95
C ASP D 224 -28.12 -33.23 -73.70
N LEU D 225 -27.22 -34.22 -73.77
CA LEU D 225 -26.38 -34.55 -72.62
C LEU D 225 -25.47 -33.39 -72.26
N ASN D 226 -24.88 -32.73 -73.25
CA ASN D 226 -23.91 -31.68 -72.98
C ASN D 226 -24.57 -30.39 -72.48
N HIS D 227 -25.86 -30.21 -72.74
CA HIS D 227 -26.55 -29.10 -72.10
C HIS D 227 -26.51 -29.25 -70.59
N LEU D 228 -26.70 -30.48 -70.10
CA LEU D 228 -26.52 -30.74 -68.68
C LEU D 228 -25.07 -30.49 -68.28
N VAL D 229 -24.12 -30.99 -69.07
CA VAL D 229 -22.71 -30.85 -68.72
C VAL D 229 -22.33 -29.38 -68.66
N SER D 230 -22.79 -28.59 -69.63
CA SER D 230 -22.46 -27.17 -69.62
C SER D 230 -23.09 -26.48 -68.42
N ALA D 231 -24.35 -26.80 -68.10
CA ALA D 231 -25.00 -26.20 -66.95
C ALA D 231 -24.24 -26.48 -65.66
N THR D 232 -23.74 -27.71 -65.52
CA THR D 232 -22.96 -28.07 -64.34
C THR D 232 -21.66 -27.26 -64.26
N MET D 233 -20.86 -27.27 -65.32
CA MET D 233 -19.57 -26.62 -65.26
C MET D 233 -19.73 -25.13 -65.00
N SER D 234 -20.81 -24.53 -65.50
CA SER D 234 -21.07 -23.14 -65.15
C SER D 234 -21.39 -23.03 -63.65
N GLY D 235 -22.18 -23.95 -63.13
CA GLY D 235 -22.51 -23.99 -61.71
C GLY D 235 -21.27 -24.12 -60.86
N VAL D 236 -20.46 -25.17 -61.08
CA VAL D 236 -19.32 -25.45 -60.19
C VAL D 236 -18.17 -24.48 -60.38
N THR D 237 -18.14 -23.70 -61.46
CA THR D 237 -17.14 -22.64 -61.60
C THR D 237 -17.65 -21.26 -61.20
N THR D 238 -18.92 -21.12 -60.78
CA THR D 238 -19.46 -19.79 -60.48
C THR D 238 -18.61 -19.04 -59.46
N CYS D 239 -18.21 -19.72 -58.38
CA CYS D 239 -17.48 -19.00 -57.33
C CYS D 239 -16.03 -18.73 -57.71
N LEU D 240 -15.54 -19.33 -58.78
CA LEU D 240 -14.23 -18.99 -59.34
C LEU D 240 -14.31 -17.75 -60.22
N ARG D 241 -15.46 -17.47 -60.83
CA ARG D 241 -15.55 -16.43 -61.86
C ARG D 241 -16.13 -15.11 -61.38
N PHE D 242 -16.77 -15.06 -60.20
CA PHE D 242 -17.43 -13.85 -59.71
C PHE D 242 -16.92 -13.50 -58.32
N PRO D 243 -16.84 -12.21 -57.99
CA PRO D 243 -16.30 -11.83 -56.67
C PRO D 243 -17.13 -12.44 -55.56
N GLY D 244 -16.45 -13.21 -54.71
CA GLY D 244 -17.12 -13.79 -53.56
C GLY D 244 -16.15 -14.23 -52.50
N GLN D 245 -16.73 -14.77 -51.43
CA GLN D 245 -15.99 -15.11 -50.23
C GLN D 245 -15.57 -16.56 -50.17
N LEU D 246 -16.49 -17.46 -50.47
CA LEU D 246 -16.35 -18.88 -50.19
C LEU D 246 -15.90 -19.65 -51.43
N ASN D 247 -14.91 -20.52 -51.25
CA ASN D 247 -14.27 -21.30 -52.31
C ASN D 247 -14.02 -20.43 -53.56
N ALA D 248 -13.24 -19.36 -53.38
CA ALA D 248 -13.06 -18.44 -54.48
C ALA D 248 -12.00 -18.92 -55.45
N ASP D 249 -11.20 -19.92 -55.08
CA ASP D 249 -10.19 -20.42 -56.00
C ASP D 249 -10.01 -21.93 -55.84
N LEU D 250 -9.26 -22.49 -56.79
CA LEU D 250 -9.09 -23.94 -56.87
C LEU D 250 -8.41 -24.53 -55.64
N ARG D 251 -7.53 -23.79 -54.96
CA ARG D 251 -6.85 -24.41 -53.83
C ARG D 251 -7.76 -24.43 -52.61
N LYS D 252 -8.41 -23.31 -52.31
CA LYS D 252 -9.34 -23.28 -51.20
C LYS D 252 -10.46 -24.31 -51.40
N LEU D 253 -10.92 -24.48 -52.63
CA LEU D 253 -11.89 -25.53 -52.88
C LEU D 253 -11.31 -26.90 -52.55
N ALA D 254 -10.07 -27.18 -52.95
CA ALA D 254 -9.51 -28.49 -52.63
C ALA D 254 -9.29 -28.67 -51.14
N VAL D 255 -8.90 -27.60 -50.44
CA VAL D 255 -8.64 -27.68 -49.00
C VAL D 255 -9.92 -27.97 -48.25
N ASN D 256 -11.04 -27.40 -48.73
CA ASN D 256 -12.34 -27.56 -48.10
C ASN D 256 -13.00 -28.89 -48.42
N MET D 257 -12.67 -29.52 -49.56
CA MET D 257 -13.44 -30.64 -50.06
C MET D 257 -12.74 -31.98 -49.96
N VAL D 258 -11.42 -32.01 -49.81
CA VAL D 258 -10.68 -33.26 -49.90
C VAL D 258 -10.06 -33.60 -48.56
N PRO D 259 -10.73 -34.39 -47.72
CA PRO D 259 -10.11 -34.79 -46.44
C PRO D 259 -8.92 -35.72 -46.63
N PHE D 260 -8.91 -36.53 -47.67
CA PHE D 260 -7.80 -37.45 -47.84
C PHE D 260 -7.44 -37.41 -49.33
N PRO D 261 -6.14 -37.39 -49.66
CA PRO D 261 -5.76 -36.99 -51.03
C PRO D 261 -6.42 -37.84 -52.11
N ARG D 262 -6.62 -39.13 -51.86
CA ARG D 262 -7.17 -39.98 -52.90
C ARG D 262 -8.65 -39.74 -53.11
N LEU D 263 -9.39 -39.40 -52.05
CA LEU D 263 -10.84 -39.26 -52.14
C LEU D 263 -11.17 -37.85 -52.59
N HIS D 264 -11.00 -37.62 -53.89
CA HIS D 264 -11.17 -36.29 -54.46
C HIS D 264 -12.08 -36.34 -55.70
N PHE D 265 -13.12 -37.17 -55.66
CA PHE D 265 -14.03 -37.37 -56.79
C PHE D 265 -15.42 -36.86 -56.40
N PHE D 266 -15.87 -35.82 -57.07
CA PHE D 266 -17.05 -35.06 -56.64
C PHE D 266 -18.29 -35.40 -57.46
N MET D 267 -19.40 -35.57 -56.77
CA MET D 267 -20.68 -35.70 -57.43
C MET D 267 -21.23 -34.31 -57.62
N PRO D 268 -21.37 -33.81 -58.86
CA PRO D 268 -22.01 -32.52 -59.08
C PRO D 268 -23.52 -32.68 -59.20
N GLY D 269 -24.22 -31.59 -58.90
CA GLY D 269 -25.68 -31.60 -58.90
C GLY D 269 -26.21 -30.25 -59.32
N PHE D 270 -27.39 -30.25 -59.94
CA PHE D 270 -27.97 -29.03 -60.46
C PHE D 270 -29.48 -29.01 -60.19
N ALA D 271 -30.02 -27.81 -59.99
CA ALA D 271 -31.46 -27.52 -59.87
C ALA D 271 -31.68 -26.11 -60.39
N PRO D 272 -32.76 -25.86 -61.13
CA PRO D 272 -33.81 -26.79 -61.57
C PRO D 272 -33.39 -27.60 -62.79
N LEU D 273 -33.81 -28.84 -62.93
CA LEU D 273 -33.49 -29.56 -64.17
C LEU D 273 -34.48 -29.20 -65.28
N LEU D 284 -38.86 -21.22 -59.10
CA LEU D 284 -38.81 -22.04 -57.88
C LEU D 284 -38.62 -21.24 -56.58
N THR D 285 -38.96 -21.84 -55.45
CA THR D 285 -38.65 -21.29 -54.14
C THR D 285 -37.34 -21.88 -53.61
N VAL D 286 -36.71 -21.13 -52.68
CA VAL D 286 -35.45 -21.59 -52.07
C VAL D 286 -35.61 -22.96 -51.46
N PRO D 287 -36.71 -23.29 -50.77
CA PRO D 287 -36.86 -24.68 -50.33
C PRO D 287 -36.83 -25.68 -51.47
N GLU D 288 -37.36 -25.34 -52.64
CA GLU D 288 -37.41 -26.31 -53.73
C GLU D 288 -36.06 -26.47 -54.40
N LEU D 289 -35.38 -25.34 -54.65
CA LEU D 289 -34.00 -25.41 -55.11
C LEU D 289 -33.17 -26.30 -54.19
N THR D 290 -33.35 -26.16 -52.87
CA THR D 290 -32.48 -26.87 -51.93
C THR D 290 -32.76 -28.36 -51.92
N GLN D 291 -34.04 -28.74 -51.83
CA GLN D 291 -34.38 -30.17 -51.83
C GLN D 291 -33.93 -30.85 -53.11
N GLN D 292 -33.99 -30.12 -54.22
CA GLN D 292 -33.73 -30.70 -55.53
C GLN D 292 -32.25 -30.95 -55.78
N MET D 293 -31.38 -29.96 -55.48
CA MET D 293 -29.97 -30.20 -55.74
C MET D 293 -29.43 -31.32 -54.87
N PHE D 294 -30.12 -31.66 -53.79
CA PHE D 294 -29.75 -32.77 -52.93
C PHE D 294 -30.46 -34.06 -53.32
N ASP D 295 -31.42 -34.00 -54.24
CA ASP D 295 -32.11 -35.19 -54.73
C ASP D 295 -31.21 -36.02 -55.60
N SER D 296 -31.32 -37.35 -55.45
CA SER D 296 -30.56 -38.26 -56.29
C SER D 296 -30.80 -38.01 -57.77
N LYS D 297 -32.05 -37.72 -58.14
CA LYS D 297 -32.42 -37.47 -59.55
C LYS D 297 -31.69 -36.28 -60.17
N ASN D 298 -31.05 -35.41 -59.37
CA ASN D 298 -30.40 -34.22 -59.88
C ASN D 298 -28.89 -34.34 -59.88
N MET D 299 -28.37 -35.51 -59.55
CA MET D 299 -26.94 -35.78 -59.54
C MET D 299 -26.43 -36.02 -60.96
N MET D 300 -25.27 -35.45 -61.28
CA MET D 300 -24.61 -35.71 -62.55
C MET D 300 -23.75 -36.96 -62.50
N ALA D 301 -23.74 -37.67 -61.37
CA ALA D 301 -23.12 -38.99 -61.27
C ALA D 301 -24.16 -40.00 -60.81
N ALA D 302 -24.18 -41.18 -61.44
CA ALA D 302 -25.27 -42.14 -61.21
C ALA D 302 -25.10 -42.87 -59.88
N CYS D 303 -25.20 -42.09 -58.79
CA CYS D 303 -25.06 -42.58 -57.42
C CYS D 303 -26.16 -42.02 -56.55
N ASP D 304 -26.69 -42.85 -55.65
CA ASP D 304 -27.66 -42.37 -54.68
C ASP D 304 -26.91 -41.92 -53.43
N PRO D 305 -26.92 -40.63 -53.08
CA PRO D 305 -26.24 -40.21 -51.86
C PRO D 305 -26.82 -40.82 -50.59
N ARG D 306 -28.09 -41.24 -50.60
CA ARG D 306 -28.65 -41.94 -49.46
C ARG D 306 -28.11 -43.35 -49.31
N HIS D 307 -27.17 -43.75 -50.18
CA HIS D 307 -26.49 -45.02 -50.09
C HIS D 307 -25.10 -44.88 -49.52
N GLY D 308 -24.72 -43.68 -49.13
CA GLY D 308 -23.43 -43.42 -48.52
C GLY D 308 -23.50 -42.33 -47.48
N ARG D 309 -22.36 -41.73 -47.19
CA ARG D 309 -22.28 -40.60 -46.28
C ARG D 309 -21.48 -39.48 -46.91
N TYR D 310 -21.92 -38.23 -46.67
CA TYR D 310 -21.24 -37.04 -47.17
C TYR D 310 -20.00 -36.74 -46.33
N LEU D 311 -18.84 -36.66 -46.98
CA LEU D 311 -17.65 -36.19 -46.29
C LEU D 311 -17.63 -34.67 -46.25
N THR D 312 -17.84 -34.05 -47.41
CA THR D 312 -17.87 -32.61 -47.53
C THR D 312 -18.82 -32.28 -48.67
N VAL D 313 -19.41 -31.09 -48.60
CA VAL D 313 -20.38 -30.61 -49.59
C VAL D 313 -20.18 -29.11 -49.77
N ALA D 314 -20.27 -28.65 -51.01
CA ALA D 314 -20.29 -27.22 -51.32
C ALA D 314 -21.55 -26.93 -52.14
N ALA D 315 -22.24 -25.86 -51.81
CA ALA D 315 -23.46 -25.46 -52.51
C ALA D 315 -23.26 -24.04 -53.05
N ILE D 316 -23.85 -23.74 -54.19
CA ILE D 316 -23.83 -22.38 -54.71
C ILE D 316 -25.24 -22.03 -55.18
N PHE D 317 -25.75 -20.88 -54.73
CA PHE D 317 -27.08 -20.39 -55.09
C PHE D 317 -26.94 -19.16 -55.98
N ARG D 318 -27.62 -19.17 -57.13
CA ARG D 318 -27.50 -18.09 -58.09
C ARG D 318 -28.85 -17.42 -58.29
N GLY D 319 -28.84 -16.09 -58.31
CA GLY D 319 -30.06 -15.32 -58.42
C GLY D 319 -30.32 -14.45 -57.20
N ARG D 320 -31.31 -13.58 -57.35
CA ARG D 320 -31.74 -12.74 -56.24
C ARG D 320 -32.75 -13.52 -55.40
N MET D 321 -32.42 -13.71 -54.11
CA MET D 321 -33.26 -14.45 -53.18
C MET D 321 -32.86 -14.07 -51.75
N SER D 322 -33.65 -14.55 -50.79
CA SER D 322 -33.42 -14.22 -49.38
C SER D 322 -32.27 -15.06 -48.85
N MET D 323 -31.17 -14.40 -48.52
CA MET D 323 -30.06 -15.07 -47.85
C MET D 323 -30.53 -15.72 -46.54
N LYS D 324 -31.50 -15.11 -45.86
CA LYS D 324 -32.03 -15.72 -44.64
C LYS D 324 -32.72 -17.04 -44.95
N GLU D 325 -33.44 -17.12 -46.07
CA GLU D 325 -34.09 -18.37 -46.40
C GLU D 325 -33.08 -19.44 -46.81
N VAL D 326 -32.06 -19.04 -47.57
CA VAL D 326 -30.97 -19.96 -47.92
C VAL D 326 -30.34 -20.53 -46.65
N ASP D 327 -29.98 -19.66 -45.71
CA ASP D 327 -29.34 -20.09 -44.48
C ASP D 327 -30.22 -21.09 -43.73
N GLU D 328 -31.51 -20.81 -43.65
CA GLU D 328 -32.41 -21.72 -42.95
C GLU D 328 -32.56 -23.03 -43.70
N GLN D 329 -32.70 -22.96 -45.03
CA GLN D 329 -32.95 -24.16 -45.80
C GLN D 329 -31.72 -25.06 -45.82
N MET D 330 -30.52 -24.46 -45.94
CA MET D 330 -29.30 -25.26 -45.89
C MET D 330 -29.07 -25.86 -44.51
N LEU D 331 -29.42 -25.11 -43.45
CA LEU D 331 -29.34 -25.69 -42.12
C LEU D 331 -30.41 -26.76 -41.92
N ASN D 332 -31.60 -26.54 -42.50
CA ASN D 332 -32.71 -27.49 -42.38
C ASN D 332 -32.34 -28.83 -43.00
N VAL D 333 -31.75 -28.80 -44.21
CA VAL D 333 -31.42 -30.02 -44.91
C VAL D 333 -30.41 -30.83 -44.10
N GLN D 334 -29.50 -30.18 -43.37
CA GLN D 334 -28.58 -30.92 -42.52
C GLN D 334 -29.23 -31.48 -41.25
N ASN D 335 -30.20 -30.79 -40.66
CA ASN D 335 -30.81 -31.34 -39.45
C ASN D 335 -31.57 -32.62 -39.77
N LYS D 336 -32.52 -32.54 -40.68
CA LYS D 336 -33.35 -33.68 -41.01
C LYS D 336 -32.57 -34.81 -41.69
N ASN D 337 -31.29 -34.62 -42.01
CA ASN D 337 -30.54 -35.63 -42.75
C ASN D 337 -29.19 -35.92 -42.11
N SER D 338 -29.01 -35.51 -40.85
CA SER D 338 -27.70 -35.60 -40.20
C SER D 338 -27.11 -37.01 -40.17
N SER D 339 -27.88 -38.06 -40.44
CA SER D 339 -27.28 -39.38 -40.49
C SER D 339 -26.38 -39.56 -41.70
N TYR D 340 -26.57 -38.76 -42.75
CA TYR D 340 -25.81 -38.89 -43.99
C TYR D 340 -24.62 -37.93 -44.07
N PHE D 341 -24.22 -37.32 -42.94
CA PHE D 341 -23.06 -36.46 -42.88
C PHE D 341 -22.15 -36.98 -41.78
N VAL D 342 -20.92 -37.38 -42.14
CA VAL D 342 -19.98 -37.87 -41.13
C VAL D 342 -19.89 -36.85 -39.99
N GLU D 343 -19.87 -37.36 -38.78
CA GLU D 343 -19.85 -36.54 -37.59
C GLU D 343 -18.44 -36.09 -37.21
N TRP D 344 -17.41 -36.68 -37.82
CA TRP D 344 -16.04 -36.31 -37.51
C TRP D 344 -15.49 -35.26 -38.49
N ILE D 345 -16.33 -34.67 -39.32
CA ILE D 345 -15.93 -33.42 -39.96
C ILE D 345 -17.01 -32.39 -39.64
N PRO D 346 -16.85 -31.65 -38.53
CA PRO D 346 -17.84 -30.63 -38.15
C PRO D 346 -17.96 -29.59 -39.24
N ASN D 347 -19.15 -29.01 -39.35
CA ASN D 347 -19.41 -27.89 -40.25
C ASN D 347 -18.93 -28.15 -41.68
N ASN D 348 -19.37 -29.28 -42.25
CA ASN D 348 -18.78 -29.72 -43.51
C ASN D 348 -19.63 -29.37 -44.72
N VAL D 349 -20.65 -28.55 -44.57
CA VAL D 349 -21.43 -28.02 -45.69
C VAL D 349 -21.26 -26.50 -45.74
N LYS D 350 -20.84 -25.99 -46.89
CA LYS D 350 -20.65 -24.56 -47.09
C LYS D 350 -21.53 -24.05 -48.22
N THR D 351 -21.87 -22.77 -48.13
CA THR D 351 -22.87 -22.15 -48.99
C THR D 351 -22.33 -20.85 -49.55
N ALA D 352 -22.30 -20.75 -50.87
CA ALA D 352 -21.95 -19.53 -51.56
C ALA D 352 -23.18 -19.01 -52.29
N VAL D 353 -23.28 -17.70 -52.40
CA VAL D 353 -24.36 -17.08 -53.14
C VAL D 353 -23.75 -16.09 -54.13
N CYS D 354 -24.26 -16.11 -55.35
CA CYS D 354 -23.92 -15.16 -56.39
C CYS D 354 -25.20 -14.56 -56.96
N ASP D 355 -25.20 -13.24 -57.16
CA ASP D 355 -26.42 -12.55 -57.57
C ASP D 355 -26.82 -12.89 -59.01
N ILE D 356 -25.84 -13.12 -59.88
CA ILE D 356 -26.04 -13.39 -61.30
C ILE D 356 -26.58 -14.79 -61.55
N PRO D 357 -27.77 -14.94 -62.13
CA PRO D 357 -28.27 -16.27 -62.48
C PRO D 357 -27.65 -16.73 -63.78
N PRO D 358 -27.69 -18.02 -64.09
CA PRO D 358 -27.33 -18.46 -65.43
C PRO D 358 -28.38 -17.96 -66.42
N ARG D 359 -28.06 -18.09 -67.71
CA ARG D 359 -28.94 -17.60 -68.74
C ARG D 359 -30.26 -18.35 -68.71
N GLY D 360 -31.35 -17.61 -68.71
CA GLY D 360 -32.64 -18.23 -68.83
C GLY D 360 -33.31 -18.62 -67.53
N LEU D 361 -32.60 -18.61 -66.41
CA LEU D 361 -33.19 -18.92 -65.12
C LEU D 361 -33.22 -17.67 -64.24
N LYS D 362 -34.23 -17.58 -63.38
CA LYS D 362 -34.24 -16.51 -62.40
C LYS D 362 -33.41 -16.90 -61.18
N MET D 363 -33.43 -18.20 -60.84
CA MET D 363 -32.67 -18.77 -59.75
C MET D 363 -32.15 -20.14 -60.15
N SER D 364 -31.06 -20.57 -59.51
CA SER D 364 -30.55 -21.92 -59.71
C SER D 364 -29.66 -22.30 -58.54
N ALA D 365 -29.45 -23.61 -58.38
CA ALA D 365 -28.64 -24.17 -57.31
C ALA D 365 -27.67 -25.18 -57.91
N THR D 366 -26.41 -25.11 -57.53
CA THR D 366 -25.46 -26.14 -57.92
C THR D 366 -24.80 -26.76 -56.69
N PHE D 367 -24.58 -28.07 -56.77
CA PHE D 367 -24.19 -28.91 -55.64
C PHE D 367 -22.91 -29.63 -56.02
N ILE D 368 -21.93 -29.64 -55.12
CA ILE D 368 -20.70 -30.40 -55.31
C ILE D 368 -20.53 -31.26 -54.08
N GLY D 369 -20.57 -32.57 -54.26
CA GLY D 369 -20.55 -33.47 -53.12
C GLY D 369 -19.38 -34.43 -53.13
N ASN D 370 -18.68 -34.50 -52.01
CA ASN D 370 -17.74 -35.60 -51.77
C ASN D 370 -18.49 -36.59 -50.88
N SER D 371 -19.16 -37.53 -51.53
CA SER D 371 -19.93 -38.56 -50.84
C SER D 371 -19.29 -39.92 -51.08
N THR D 372 -19.27 -40.76 -50.04
CA THR D 372 -18.76 -42.11 -50.24
C THR D 372 -19.67 -42.94 -51.15
N ALA D 373 -20.87 -42.45 -51.45
CA ALA D 373 -21.72 -43.14 -52.41
C ALA D 373 -21.11 -43.17 -53.82
N ILE D 374 -20.09 -42.34 -54.09
CA ILE D 374 -19.43 -42.39 -55.38
C ILE D 374 -18.80 -43.75 -55.65
N GLN D 375 -18.65 -44.59 -54.62
CA GLN D 375 -18.15 -45.93 -54.89
C GLN D 375 -19.09 -46.69 -55.84
N GLU D 376 -20.39 -46.36 -55.82
CA GLU D 376 -21.34 -46.99 -56.73
C GLU D 376 -20.92 -46.80 -58.19
N LEU D 377 -20.43 -45.61 -58.55
CA LEU D 377 -19.92 -45.39 -59.90
C LEU D 377 -18.65 -46.19 -60.14
N PHE D 378 -17.79 -46.28 -59.14
CA PHE D 378 -16.52 -46.99 -59.33
C PHE D 378 -16.72 -48.49 -59.33
N LYS D 379 -17.72 -48.99 -58.57
CA LYS D 379 -18.08 -50.40 -58.60
C LYS D 379 -18.64 -50.81 -59.97
N ARG D 380 -19.46 -49.94 -60.58
CA ARG D 380 -19.98 -50.19 -61.93
C ARG D 380 -18.85 -50.38 -62.93
N ILE D 381 -17.88 -49.47 -62.94
CA ILE D 381 -16.77 -49.60 -63.89
C ILE D 381 -15.96 -50.85 -63.56
N SER D 382 -15.76 -51.13 -62.26
CA SER D 382 -15.03 -52.33 -61.89
C SER D 382 -15.66 -53.58 -62.46
N GLU D 383 -16.98 -53.68 -62.41
CA GLU D 383 -17.65 -54.87 -62.92
C GLU D 383 -17.45 -55.02 -64.42
N GLN D 384 -17.73 -53.96 -65.18
CA GLN D 384 -17.53 -54.02 -66.62
C GLN D 384 -16.08 -54.36 -66.98
N PHE D 385 -15.11 -53.77 -66.27
CA PHE D 385 -13.72 -54.14 -66.47
C PHE D 385 -13.51 -55.62 -66.21
N THR D 386 -13.96 -56.11 -65.04
CA THR D 386 -13.64 -57.47 -64.65
C THR D 386 -14.31 -58.51 -65.54
N ALA D 387 -15.44 -58.17 -66.17
CA ALA D 387 -16.11 -59.14 -67.04
C ALA D 387 -15.24 -59.46 -68.25
N MET D 388 -14.52 -58.47 -68.75
CA MET D 388 -13.64 -58.63 -69.89
C MET D 388 -12.25 -59.11 -69.48
N PHE D 389 -11.81 -58.76 -68.29
CA PHE D 389 -10.45 -59.08 -67.88
C PHE D 389 -10.34 -60.52 -67.41
N ARG D 390 -11.42 -61.10 -66.88
CA ARG D 390 -11.43 -62.53 -66.50
C ARG D 390 -11.44 -63.43 -67.71
N ARG D 391 -11.36 -62.79 -68.88
CA ARG D 391 -11.30 -63.49 -70.16
C ARG D 391 -10.25 -62.90 -71.10
N LYS D 392 -9.29 -62.11 -70.59
CA LYS D 392 -8.24 -61.53 -71.42
C LYS D 392 -8.77 -60.94 -72.74
N ALA D 393 -10.03 -60.51 -72.75
CA ALA D 393 -10.71 -60.04 -73.95
C ALA D 393 -10.17 -58.72 -74.44
N PHE D 394 -10.04 -58.59 -75.77
CA PHE D 394 -9.59 -57.36 -76.42
C PHE D 394 -8.22 -56.90 -75.91
N LEU D 395 -7.56 -57.73 -75.10
CA LEU D 395 -6.30 -57.36 -74.47
C LEU D 395 -5.19 -57.11 -75.50
N HIS D 396 -5.27 -57.73 -76.68
CA HIS D 396 -4.18 -57.64 -77.64
C HIS D 396 -3.94 -56.20 -78.10
N TRP D 397 -5.00 -55.37 -78.20
CA TRP D 397 -4.80 -53.99 -78.64
C TRP D 397 -3.88 -53.22 -77.68
N TYR D 398 -3.83 -53.60 -76.40
CA TYR D 398 -3.01 -52.87 -75.44
C TYR D 398 -1.61 -53.47 -75.35
N THR D 399 -1.53 -54.80 -75.18
CA THR D 399 -0.24 -55.47 -75.27
C THR D 399 0.43 -55.15 -76.61
N GLY D 400 -0.38 -54.92 -77.65
CA GLY D 400 0.13 -54.51 -78.94
C GLY D 400 0.80 -53.16 -78.96
N GLU D 401 0.69 -52.36 -77.91
CA GLU D 401 1.42 -51.11 -77.88
C GLU D 401 2.55 -51.13 -76.88
N GLY D 402 2.78 -52.27 -76.22
CA GLY D 402 3.90 -52.46 -75.32
C GLY D 402 3.55 -52.65 -73.86
N MET D 403 2.27 -52.78 -73.52
CA MET D 403 1.85 -52.84 -72.13
C MET D 403 1.73 -54.28 -71.65
N ASP D 404 1.97 -54.47 -70.36
CA ASP D 404 1.80 -55.76 -69.73
C ASP D 404 0.43 -55.87 -69.08
N GLU D 405 0.01 -57.11 -68.81
CA GLU D 405 -1.25 -57.33 -68.11
C GLU D 405 -1.17 -56.90 -66.66
N MET D 406 0.06 -56.81 -66.10
CA MET D 406 0.22 -56.34 -64.73
C MET D 406 -0.31 -54.93 -64.58
N GLU D 407 -0.07 -54.08 -65.57
CA GLU D 407 -0.59 -52.71 -65.54
C GLU D 407 -2.10 -52.72 -65.45
N PHE D 408 -2.74 -53.63 -66.18
CA PHE D 408 -4.18 -53.82 -66.03
C PHE D 408 -4.51 -54.30 -64.63
N THR D 409 -3.76 -55.29 -64.12
CA THR D 409 -3.98 -55.78 -62.77
C THR D 409 -3.78 -54.68 -61.74
N GLU D 410 -2.70 -53.93 -61.87
CA GLU D 410 -2.40 -52.85 -60.92
C GLU D 410 -3.50 -51.80 -60.91
N ALA D 411 -3.87 -51.28 -62.09
CA ALA D 411 -4.93 -50.29 -62.19
C ALA D 411 -6.23 -50.79 -61.56
N GLU D 412 -6.61 -52.03 -61.83
CA GLU D 412 -7.84 -52.57 -61.26
C GLU D 412 -7.82 -52.57 -59.73
N SER D 413 -6.77 -53.13 -59.13
CA SER D 413 -6.71 -53.20 -57.67
C SER D 413 -6.61 -51.81 -57.04
N ASN D 414 -5.97 -50.85 -57.72
CA ASN D 414 -5.98 -49.49 -57.20
C ASN D 414 -7.40 -48.94 -57.10
N MET D 415 -8.25 -49.24 -58.08
CA MET D 415 -9.63 -48.75 -58.06
C MET D 415 -10.49 -49.50 -57.04
N ASN D 416 -10.24 -50.79 -56.85
CA ASN D 416 -10.93 -51.50 -55.77
C ASN D 416 -10.46 -50.98 -54.43
N ASP D 417 -9.18 -50.61 -54.34
CA ASP D 417 -8.67 -49.93 -53.16
C ASP D 417 -9.42 -48.63 -52.89
N LEU D 418 -9.55 -47.77 -53.91
CA LEU D 418 -10.29 -46.53 -53.77
C LEU D 418 -11.68 -46.77 -53.22
N VAL D 419 -12.38 -47.79 -53.77
CA VAL D 419 -13.75 -48.10 -53.36
C VAL D 419 -13.78 -48.53 -51.90
N SER D 420 -12.86 -49.42 -51.51
CA SER D 420 -12.87 -49.89 -50.13
C SER D 420 -12.46 -48.77 -49.17
N GLU D 421 -11.64 -47.82 -49.64
CA GLU D 421 -11.30 -46.65 -48.84
C GLU D 421 -12.52 -45.76 -48.64
N TYR D 422 -13.35 -45.60 -49.68
CA TYR D 422 -14.61 -44.89 -49.48
C TYR D 422 -15.47 -45.62 -48.47
N GLN D 423 -15.41 -46.95 -48.46
CA GLN D 423 -16.17 -47.72 -47.49
C GLN D 423 -15.62 -47.57 -46.07
N GLN D 424 -14.28 -47.52 -45.93
CA GLN D 424 -13.67 -47.33 -44.62
C GLN D 424 -14.22 -46.09 -43.94
N TYR D 425 -14.26 -44.98 -44.67
CA TYR D 425 -14.69 -43.72 -44.08
C TYR D 425 -16.20 -43.61 -43.96
N GLN D 426 -16.95 -44.34 -44.77
CA GLN D 426 -18.40 -44.35 -44.61
C GLN D 426 -18.79 -45.10 -43.34
N ASP D 427 -17.97 -46.07 -42.92
CA ASP D 427 -18.23 -46.87 -41.73
C ASP D 427 -17.55 -46.33 -40.48
N ALA D 428 -16.69 -45.34 -40.60
CA ALA D 428 -16.01 -44.83 -39.42
C ALA D 428 -16.98 -44.01 -38.59
N THR D 429 -16.71 -43.95 -37.28
CA THR D 429 -17.53 -43.19 -36.33
C THR D 429 -16.64 -42.30 -35.47
N ALA D 430 -17.27 -41.31 -34.83
CA ALA D 430 -16.54 -40.44 -33.92
C ALA D 430 -16.06 -41.20 -32.68
N ASP D 431 -16.91 -42.03 -32.10
CA ASP D 431 -16.53 -42.80 -30.91
C ASP D 431 -15.86 -44.14 -31.27
N MET E 1 18.81 29.96 72.14
CA MET E 1 19.50 30.64 73.24
C MET E 1 20.73 31.43 72.78
N GLU E 2 21.90 30.78 72.73
CA GLU E 2 23.16 31.49 72.60
C GLU E 2 23.36 32.09 71.21
N VAL E 3 23.88 33.32 71.17
CA VAL E 3 24.09 34.09 69.93
C VAL E 3 25.57 34.42 69.85
N ILE E 4 26.23 33.97 68.79
CA ILE E 4 27.68 34.04 68.71
C ILE E 4 28.07 34.55 67.34
N GLU E 5 29.22 35.23 67.29
CA GLU E 5 29.87 35.64 66.04
C GLU E 5 29.13 36.77 65.34
N LEU E 6 28.61 37.72 66.13
CA LEU E 6 27.95 38.91 65.58
C LEU E 6 28.91 39.81 64.81
N ASN E 7 28.79 39.87 63.47
CA ASN E 7 29.55 40.78 62.61
C ASN E 7 28.64 41.86 62.02
N LYS E 8 28.87 43.11 62.40
CA LYS E 8 28.13 44.25 61.88
C LYS E 8 28.93 44.97 60.81
N CYS E 9 28.27 45.38 59.75
CA CYS E 9 28.85 46.37 58.84
C CYS E 9 27.74 47.31 58.39
N THR E 10 28.11 48.30 57.60
CA THR E 10 27.09 49.23 57.12
C THR E 10 26.04 48.51 56.27
N SER E 11 26.46 47.47 55.54
CA SER E 11 25.57 46.74 54.64
C SER E 11 24.59 45.82 55.36
N GLY E 12 24.91 45.38 56.58
CA GLY E 12 24.06 44.42 57.25
C GLY E 12 24.79 43.78 58.42
N GLN E 13 24.28 42.63 58.85
CA GLN E 13 24.99 41.88 59.88
C GLN E 13 24.73 40.39 59.73
N SER E 14 25.56 39.62 60.43
CA SER E 14 25.50 38.16 60.46
C SER E 14 25.85 37.70 61.86
N PHE E 15 25.48 36.47 62.17
CA PHE E 15 25.67 35.88 63.50
C PHE E 15 25.18 34.44 63.45
N GLU E 16 25.56 33.67 64.46
CA GLU E 16 25.13 32.29 64.61
C GLU E 16 24.30 32.17 65.87
N VAL E 17 23.17 31.48 65.76
CA VAL E 17 22.36 31.17 66.94
C VAL E 17 22.36 29.66 67.11
N ILE E 18 22.47 29.21 68.35
CA ILE E 18 22.60 27.80 68.67
C ILE E 18 21.54 27.45 69.69
N LEU E 19 20.70 26.46 69.37
CA LEU E 19 19.56 26.11 70.22
C LEU E 19 19.81 24.87 71.07
N LYS E 20 20.83 24.08 70.75
CA LYS E 20 21.18 22.84 71.42
C LYS E 20 22.46 22.29 70.79
N PRO E 21 23.51 22.03 71.58
CA PRO E 21 24.75 21.41 71.01
C PRO E 21 24.49 19.99 70.52
N PRO E 22 25.46 19.37 69.81
CA PRO E 22 25.26 18.02 69.24
C PRO E 22 25.16 16.89 70.27
N PRO E 40 40.03 12.21 38.25
CA PRO E 40 39.99 11.89 36.81
C PRO E 40 40.96 12.80 36.02
N SER E 41 41.71 12.27 35.05
CA SER E 41 42.68 13.10 34.35
C SER E 41 42.18 13.51 32.97
N LEU E 42 42.89 14.47 32.38
CA LEU E 42 42.61 14.88 31.00
C LEU E 42 42.80 13.73 30.03
N GLU E 43 43.56 12.73 30.41
CA GLU E 43 43.75 11.57 29.55
C GLU E 43 42.59 10.60 29.66
N GLU E 44 42.23 10.20 30.89
CA GLU E 44 41.15 9.24 31.02
C GLU E 44 39.85 9.79 30.44
N ILE E 45 39.67 11.12 30.50
CA ILE E 45 38.50 11.70 29.86
C ILE E 45 38.62 11.57 28.35
N GLN E 46 39.75 12.00 27.80
CA GLN E 46 39.98 11.90 26.36
C GLN E 46 39.75 10.47 25.86
N LYS E 47 40.19 9.47 26.63
CA LYS E 47 39.94 8.08 26.26
C LYS E 47 38.44 7.82 26.14
N LYS E 48 37.69 8.10 27.20
CA LYS E 48 36.22 7.95 27.14
C LYS E 48 35.65 8.60 25.90
N LEU E 49 35.96 9.89 25.69
CA LEU E 49 35.45 10.61 24.52
C LEU E 49 35.79 9.88 23.22
N GLU E 50 37.04 9.43 23.08
CA GLU E 50 37.45 8.79 21.83
C GLU E 50 36.86 7.40 21.68
N ALA E 51 36.69 6.66 22.78
CA ALA E 51 36.03 5.35 22.69
C ALA E 51 34.61 5.49 22.16
N ALA E 52 33.86 6.44 22.71
CA ALA E 52 32.53 6.69 22.19
C ALA E 52 32.59 7.00 20.71
N GLU E 53 33.50 7.89 20.30
CA GLU E 53 33.57 8.24 18.89
C GLU E 53 33.90 7.04 18.03
N GLU E 54 34.67 6.10 18.56
CA GLU E 54 34.98 4.92 17.77
C GLU E 54 33.76 4.01 17.64
N ARG E 55 32.99 3.83 18.73
CA ARG E 55 31.76 3.05 18.61
C ARG E 55 30.78 3.69 17.62
N ARG E 56 30.73 5.02 17.55
CA ARG E 56 29.93 5.67 16.51
C ARG E 56 30.47 5.31 15.13
N LYS E 57 31.79 5.41 14.97
CA LYS E 57 32.41 5.11 13.70
C LYS E 57 32.11 3.67 13.29
N TYR E 58 32.22 2.74 14.25
CA TYR E 58 31.93 1.34 13.95
C TYR E 58 30.50 1.14 13.49
N GLN E 59 29.54 1.81 14.14
CA GLN E 59 28.13 1.64 13.81
C GLN E 59 27.81 2.22 12.42
N GLU E 60 28.47 3.32 12.05
CA GLU E 60 28.30 3.85 10.70
C GLU E 60 28.92 2.94 9.66
N ALA E 61 30.02 2.28 10.01
CA ALA E 61 30.65 1.37 9.06
C ALA E 61 29.74 0.19 8.77
N GLU E 62 29.11 -0.39 9.80
CA GLU E 62 28.16 -1.46 9.56
C GLU E 62 26.99 -0.97 8.71
N LEU E 63 26.58 0.28 8.91
CA LEU E 63 25.46 0.80 8.14
C LEU E 63 25.84 0.90 6.67
N LEU E 64 26.95 1.59 6.34
CA LEU E 64 27.33 1.72 4.95
C LEU E 64 27.67 0.37 4.33
N LYS E 65 28.14 -0.58 5.15
CA LYS E 65 28.42 -1.92 4.66
C LYS E 65 27.12 -2.63 4.30
N HIS E 66 26.09 -2.47 5.12
CA HIS E 66 24.77 -2.99 4.80
C HIS E 66 24.21 -2.32 3.54
N LEU E 67 24.32 -0.99 3.44
CA LEU E 67 23.76 -0.30 2.29
C LEU E 67 24.50 -0.67 1.01
N ALA E 68 25.78 -0.98 1.11
CA ALA E 68 26.50 -1.39 -0.08
C ALA E 68 26.05 -2.77 -0.53
N GLU E 69 25.72 -3.66 0.41
CA GLU E 69 25.07 -4.93 0.06
C GLU E 69 23.77 -4.68 -0.69
N LYS E 70 23.01 -3.65 -0.31
CA LYS E 70 21.78 -3.34 -1.02
C LYS E 70 22.07 -2.93 -2.47
N ARG E 71 23.06 -2.07 -2.70
CA ARG E 71 23.35 -1.67 -4.07
C ARG E 71 23.80 -2.86 -4.92
N GLU E 72 24.51 -3.81 -4.34
CA GLU E 72 24.89 -4.95 -5.16
C GLU E 72 23.67 -5.82 -5.46
N HIS E 73 22.69 -5.87 -4.56
CA HIS E 73 21.47 -6.60 -4.88
C HIS E 73 20.66 -5.89 -5.96
N GLU E 74 20.57 -4.56 -5.87
CA GLU E 74 19.98 -3.74 -6.94
C GLU E 74 20.63 -4.02 -8.29
N ARG E 75 21.94 -4.25 -8.29
CA ARG E 75 22.65 -4.50 -9.54
C ARG E 75 22.32 -5.90 -10.07
N GLU E 76 22.18 -6.88 -9.17
CA GLU E 76 21.86 -8.23 -9.62
C GLU E 76 20.45 -8.29 -10.22
N VAL E 77 19.50 -7.56 -9.65
CA VAL E 77 18.12 -7.67 -10.13
C VAL E 77 18.00 -7.11 -11.55
N ILE E 78 18.50 -5.90 -11.79
CA ILE E 78 18.43 -5.37 -13.15
C ILE E 78 19.27 -6.21 -14.10
N GLN E 79 20.33 -6.84 -13.60
CA GLN E 79 21.10 -7.76 -14.44
C GLN E 79 20.28 -8.98 -14.82
N LYS E 80 19.52 -9.52 -13.86
CA LYS E 80 18.70 -10.69 -14.14
C LYS E 80 17.60 -10.34 -15.14
N ALA E 81 17.02 -9.15 -15.01
CA ALA E 81 15.99 -8.71 -15.95
C ALA E 81 16.53 -8.57 -17.37
N ILE E 82 17.79 -8.15 -17.51
CA ILE E 82 18.37 -8.07 -18.84
C ILE E 82 18.63 -9.47 -19.37
N GLU E 83 19.18 -10.35 -18.52
CA GLU E 83 19.48 -11.73 -18.92
C GLU E 83 18.21 -12.48 -19.32
N GLU E 84 17.07 -12.18 -18.70
CA GLU E 84 15.86 -12.91 -19.01
C GLU E 84 15.19 -12.38 -20.28
N ASN E 85 15.17 -11.05 -20.46
CA ASN E 85 14.73 -10.50 -21.74
C ASN E 85 15.63 -11.00 -22.87
N ASN E 86 16.94 -11.11 -22.63
CA ASN E 86 17.85 -11.48 -23.69
C ASN E 86 17.75 -12.95 -24.03
N ASN E 87 17.51 -13.78 -23.02
CA ASN E 87 17.41 -15.21 -23.26
C ASN E 87 16.07 -15.53 -23.92
N PHE E 88 15.04 -14.75 -23.62
CA PHE E 88 13.79 -14.88 -24.34
C PHE E 88 14.00 -14.60 -25.81
N ILE E 89 14.63 -13.46 -26.14
CA ILE E 89 14.89 -13.14 -27.54
C ILE E 89 15.71 -14.26 -28.19
N LYS E 90 16.74 -14.72 -27.52
CA LYS E 90 17.63 -15.73 -28.10
C LYS E 90 16.88 -17.01 -28.42
N MET E 91 16.09 -17.50 -27.46
CA MET E 91 15.42 -18.78 -27.66
C MET E 91 14.30 -18.68 -28.68
N ALA E 92 13.63 -17.54 -28.77
CA ALA E 92 12.68 -17.35 -29.86
C ALA E 92 13.40 -17.40 -31.20
N LYS E 93 14.55 -16.73 -31.29
CA LYS E 93 15.27 -16.65 -32.55
C LYS E 93 15.61 -18.04 -33.05
N GLU E 94 16.02 -18.92 -32.15
CA GLU E 94 16.48 -20.24 -32.57
C GLU E 94 15.31 -21.15 -32.87
N LYS E 95 14.33 -21.18 -31.97
CA LYS E 95 13.11 -21.95 -32.23
C LYS E 95 12.57 -21.64 -33.61
N LEU E 96 12.39 -20.36 -33.92
CA LEU E 96 11.96 -19.98 -35.25
C LEU E 96 12.91 -20.53 -36.31
N ALA E 97 14.23 -20.44 -36.07
CA ALA E 97 15.21 -20.83 -37.07
C ALA E 97 15.16 -22.33 -37.33
N GLN E 98 15.07 -23.15 -36.30
CA GLN E 98 14.97 -24.58 -36.49
C GLN E 98 13.65 -24.97 -37.15
N LYS E 99 12.53 -24.37 -36.70
CA LYS E 99 11.24 -24.60 -37.32
C LYS E 99 11.27 -24.31 -38.82
N MET E 100 11.79 -23.13 -39.22
CA MET E 100 11.80 -22.81 -40.65
C MET E 100 12.74 -23.71 -41.43
N GLU E 101 13.77 -24.28 -40.80
CA GLU E 101 14.65 -25.16 -41.55
C GLU E 101 14.05 -26.56 -41.67
N SER E 102 13.52 -27.09 -40.57
CA SER E 102 12.80 -28.36 -40.62
C SER E 102 11.65 -28.29 -41.62
N ASN E 103 10.99 -27.15 -41.71
CA ASN E 103 9.88 -27.01 -42.66
C ASN E 103 10.37 -26.96 -44.09
N LYS E 104 11.41 -26.18 -44.36
CA LYS E 104 11.98 -26.15 -45.70
C LYS E 104 12.41 -27.56 -46.13
N GLU E 105 13.10 -28.29 -45.26
CA GLU E 105 13.53 -29.63 -45.64
C GLU E 105 12.32 -30.50 -45.93
N ASN E 106 11.31 -30.45 -45.05
CA ASN E 106 10.19 -31.37 -45.18
C ASN E 106 9.47 -31.14 -46.50
N ARG E 107 9.12 -29.88 -46.79
CA ARG E 107 8.43 -29.56 -48.03
C ARG E 107 9.25 -29.94 -49.26
N GLU E 108 10.55 -29.65 -49.25
CA GLU E 108 11.40 -30.02 -50.39
C GLU E 108 11.42 -31.53 -50.59
N ALA E 109 11.47 -32.29 -49.49
CA ALA E 109 11.45 -33.74 -49.59
C ALA E 109 10.14 -34.25 -50.19
N HIS E 110 9.02 -33.65 -49.83
CA HIS E 110 7.77 -34.10 -50.43
C HIS E 110 7.73 -33.83 -51.94
N LEU E 111 8.16 -32.63 -52.37
CA LEU E 111 8.27 -32.35 -53.80
C LEU E 111 9.23 -33.32 -54.48
N ALA E 112 10.36 -33.63 -53.83
CA ALA E 112 11.31 -34.59 -54.38
C ALA E 112 10.65 -35.93 -54.63
N ALA E 113 9.89 -36.42 -53.65
CA ALA E 113 9.25 -37.72 -53.78
C ALA E 113 8.21 -37.73 -54.87
N MET E 114 7.44 -36.64 -55.00
CA MET E 114 6.44 -36.56 -56.05
C MET E 114 7.08 -36.53 -57.43
N LEU E 115 8.10 -35.71 -57.61
CA LEU E 115 8.80 -35.63 -58.90
C LEU E 115 9.43 -36.98 -59.26
N GLU E 116 10.12 -37.61 -58.29
CA GLU E 116 10.69 -38.93 -58.53
C GLU E 116 9.64 -39.95 -58.93
N ARG E 117 8.48 -39.96 -58.26
CA ARG E 117 7.41 -40.85 -58.69
C ARG E 117 7.04 -40.59 -60.13
N LEU E 118 6.96 -39.32 -60.51
CA LEU E 118 6.67 -38.99 -61.90
C LEU E 118 7.79 -39.42 -62.84
N GLN E 119 9.05 -39.38 -62.39
CA GLN E 119 10.14 -39.86 -63.21
C GLN E 119 10.00 -41.36 -63.48
N GLU E 120 9.57 -42.11 -62.47
CA GLU E 120 9.40 -43.54 -62.65
C GLU E 120 8.30 -43.84 -63.66
N LYS E 121 7.30 -42.98 -63.75
CA LYS E 121 6.29 -43.10 -64.80
C LYS E 121 6.91 -42.89 -66.17
N ASP E 122 7.88 -41.98 -66.29
CA ASP E 122 8.53 -41.75 -67.57
C ASP E 122 9.43 -42.93 -67.96
N LYS E 123 10.23 -43.40 -67.01
CA LYS E 123 11.02 -44.61 -67.22
C LYS E 123 10.14 -45.77 -67.67
N HIS E 124 8.87 -45.76 -67.28
CA HIS E 124 7.96 -46.83 -67.68
C HIS E 124 7.38 -46.59 -69.06
N ALA E 125 7.14 -45.32 -69.43
CA ALA E 125 6.68 -45.03 -70.79
C ALA E 125 7.77 -45.24 -71.82
N GLU E 126 9.04 -45.06 -71.42
CA GLU E 126 10.15 -45.44 -72.28
C GLU E 126 10.24 -46.94 -72.40
N GLU E 127 10.12 -47.65 -71.28
CA GLU E 127 10.19 -49.12 -71.30
C GLU E 127 9.03 -49.73 -72.08
N VAL E 128 7.87 -49.08 -72.09
CA VAL E 128 6.71 -49.59 -72.83
C VAL E 128 6.91 -49.41 -74.35
N ARG E 129 7.41 -48.25 -74.77
CA ARG E 129 7.67 -48.04 -76.19
C ARG E 129 8.75 -48.99 -76.69
N LYS E 130 9.76 -49.25 -75.85
CA LYS E 130 10.80 -50.20 -76.20
C LYS E 130 10.22 -51.59 -76.40
N ASN E 131 9.34 -52.03 -75.50
CA ASN E 131 8.76 -53.36 -75.61
C ASN E 131 7.96 -53.54 -76.89
N LYS E 132 7.37 -52.46 -77.42
CA LYS E 132 6.63 -52.53 -78.67
C LYS E 132 7.57 -52.66 -79.86
N GLU E 133 8.55 -51.77 -79.96
CA GLU E 133 9.48 -51.83 -81.08
C GLU E 133 10.26 -53.14 -81.12
N LEU E 134 10.27 -53.91 -80.04
CA LEU E 134 10.81 -55.28 -80.09
C LEU E 134 9.73 -56.30 -80.45
N LYS E 135 8.92 -56.02 -81.48
CA LYS E 135 7.92 -56.97 -81.99
C LYS E 135 7.76 -56.79 -83.49
N MET F 1 -15.88 11.78 36.57
CA MET F 1 -15.46 10.44 36.98
C MET F 1 -14.10 10.45 37.67
N TYR F 2 -14.13 10.16 38.97
CA TYR F 2 -12.90 10.07 39.75
C TYR F 2 -12.23 8.70 39.56
N THR F 3 -10.95 8.63 39.89
CA THR F 3 -10.15 7.44 39.68
C THR F 3 -9.39 7.08 40.96
N PHE F 4 -9.32 5.77 41.26
CA PHE F 4 -8.61 5.32 42.44
C PHE F 4 -7.87 4.01 42.14
N VAL F 5 -6.84 3.75 42.93
CA VAL F 5 -6.07 2.51 42.86
C VAL F 5 -6.14 1.85 44.22
N VAL F 6 -5.88 0.54 44.23
CA VAL F 6 -6.01 -0.27 45.44
C VAL F 6 -4.69 -0.98 45.65
N ARG F 7 -4.03 -0.70 46.78
CA ARG F 7 -2.72 -1.25 47.05
C ARG F 7 -2.64 -2.06 48.35
N ASP F 8 -3.79 -2.32 48.99
CA ASP F 8 -3.87 -3.20 50.16
C ASP F 8 -5.00 -4.20 49.97
N GLU F 9 -4.65 -5.41 49.54
CA GLU F 9 -5.66 -6.41 49.25
C GLU F 9 -6.24 -7.04 50.51
N ASN F 10 -5.49 -7.05 51.62
CA ASN F 10 -5.95 -7.69 52.85
C ASN F 10 -6.85 -6.79 53.69
N SER F 11 -6.98 -5.52 53.31
CA SER F 11 -7.84 -4.59 54.03
C SER F 11 -9.29 -4.96 53.80
N SER F 12 -9.97 -5.40 54.86
CA SER F 12 -11.40 -5.63 54.73
C SER F 12 -12.18 -4.32 54.66
N VAL F 13 -11.75 -3.31 55.43
CA VAL F 13 -12.45 -2.02 55.44
C VAL F 13 -12.43 -1.37 54.06
N TYR F 14 -11.28 -1.35 53.39
CA TYR F 14 -11.18 -0.66 52.10
C TYR F 14 -11.51 -1.56 50.93
N ALA F 15 -11.59 -2.87 51.14
CA ALA F 15 -12.30 -3.73 50.18
C ALA F 15 -13.77 -3.30 50.10
N GLU F 16 -14.40 -3.01 51.24
CA GLU F 16 -15.78 -2.54 51.23
C GLU F 16 -15.86 -1.11 50.70
N VAL F 17 -14.88 -0.26 51.03
CA VAL F 17 -14.89 1.14 50.57
C VAL F 17 -14.76 1.22 49.05
N SER F 18 -13.86 0.43 48.47
CA SER F 18 -13.79 0.36 47.01
C SER F 18 -15.07 -0.20 46.42
N ARG F 19 -15.62 -1.26 47.03
CA ARG F 19 -16.86 -1.86 46.54
C ARG F 19 -18.01 -0.86 46.57
N LEU F 20 -17.98 0.07 47.52
CA LEU F 20 -18.98 1.15 47.56
C LEU F 20 -18.70 2.24 46.51
N LEU F 21 -17.43 2.64 46.35
CA LEU F 21 -17.10 3.73 45.43
C LEU F 21 -17.47 3.38 44.00
N LEU F 22 -17.11 2.16 43.56
CA LEU F 22 -17.55 1.66 42.27
C LEU F 22 -19.07 1.68 42.17
N ALA F 23 -19.74 1.31 43.27
CA ALA F 23 -21.20 1.24 43.33
C ALA F 23 -21.89 2.59 43.20
N THR F 24 -21.17 3.69 42.99
CA THR F 24 -21.81 4.96 42.68
C THR F 24 -21.65 5.33 41.22
N GLY F 25 -20.98 4.48 40.44
CA GLY F 25 -20.83 4.68 39.00
C GLY F 25 -20.03 5.91 38.63
N GLN F 26 -19.59 6.68 39.64
CA GLN F 26 -18.78 7.87 39.47
C GLN F 26 -17.31 7.68 39.86
N TRP F 27 -16.90 6.46 40.23
CA TRP F 27 -15.52 6.18 40.57
C TRP F 27 -15.03 5.00 39.74
N LYS F 28 -13.77 5.06 39.34
CA LYS F 28 -13.19 4.13 38.37
C LYS F 28 -11.87 3.61 38.95
N ARG F 29 -11.80 2.29 39.16
CA ARG F 29 -10.58 1.69 39.69
C ARG F 29 -9.58 1.45 38.57
N LEU F 30 -8.33 1.85 38.80
CA LEU F 30 -7.20 1.66 37.91
C LEU F 30 -6.29 0.56 38.45
N ARG F 31 -5.34 0.16 37.60
CA ARG F 31 -4.37 -0.86 37.96
C ARG F 31 -3.49 -0.35 39.09
N LYS F 32 -2.91 -1.29 39.83
CA LYS F 32 -2.06 -0.99 40.99
C LYS F 32 -1.18 0.24 40.79
N ASP F 33 -0.42 0.29 39.68
CA ASP F 33 0.71 1.21 39.53
C ASP F 33 0.44 2.32 38.52
N ASN F 34 -0.83 2.61 38.22
CA ASN F 34 -1.18 3.83 37.51
C ASN F 34 -0.96 5.02 38.44
N PRO F 35 -0.11 5.98 38.08
CA PRO F 35 0.06 7.18 38.91
C PRO F 35 -1.05 8.20 38.73
N ARG F 36 -1.90 8.06 37.72
CA ARG F 36 -2.84 9.12 37.39
C ARG F 36 -4.14 9.02 38.18
N PHE F 37 -4.03 8.76 39.48
CA PHE F 37 -5.18 8.47 40.34
C PHE F 37 -5.56 9.68 41.19
N ASN F 38 -6.85 9.73 41.58
CA ASN F 38 -7.34 10.72 42.54
C ASN F 38 -7.17 10.24 43.98
N LEU F 39 -7.33 8.95 44.23
CA LEU F 39 -7.32 8.41 45.57
C LEU F 39 -6.47 7.15 45.59
N MET F 40 -5.65 7.02 46.62
CA MET F 40 -4.85 5.82 46.85
C MET F 40 -5.35 5.14 48.11
N LEU F 41 -5.79 3.90 47.98
CA LEU F 41 -6.01 3.04 49.14
C LEU F 41 -4.71 2.24 49.26
N GLY F 42 -3.76 2.80 50.05
CA GLY F 42 -2.37 2.38 50.00
C GLY F 42 -2.03 1.19 50.89
N GLU F 43 -0.80 0.72 50.71
CA GLU F 43 -0.26 -0.44 51.43
C GLU F 43 0.15 -0.07 52.85
N ARG F 44 0.01 -1.03 53.77
CA ARG F 44 0.34 -0.80 55.18
C ARG F 44 1.79 -0.39 55.38
N ASN F 45 2.70 -0.88 54.51
CA ASN F 45 4.14 -0.78 54.72
C ASN F 45 4.82 -0.17 53.50
N ARG F 46 5.72 0.78 53.77
CA ARG F 46 6.55 1.46 52.76
C ARG F 46 5.71 2.17 51.70
N LEU F 47 4.56 2.71 52.11
CA LEU F 47 3.75 3.51 51.23
C LEU F 47 4.57 4.68 50.69
N PRO F 48 4.65 4.87 49.37
CA PRO F 48 5.52 5.91 48.78
C PRO F 48 4.93 7.31 48.84
N PHE F 49 4.85 7.86 50.05
CA PHE F 49 4.36 9.24 50.22
C PHE F 49 5.14 10.22 49.34
N GLY F 50 6.44 9.99 49.16
CA GLY F 50 7.27 10.90 48.40
C GLY F 50 6.87 11.05 46.95
N ARG F 51 6.08 10.11 46.43
CA ARG F 51 5.62 10.18 45.05
C ARG F 51 4.19 10.71 44.94
N LEU F 52 3.55 11.02 46.05
CA LEU F 52 2.22 11.59 45.98
C LEU F 52 2.28 13.11 45.82
N GLY F 53 1.30 13.64 45.09
CA GLY F 53 1.15 15.07 44.92
C GLY F 53 2.01 15.71 43.86
N HIS F 54 2.41 14.95 42.82
CA HIS F 54 3.27 15.49 41.78
C HIS F 54 2.70 15.23 40.39
N GLU F 55 1.40 15.06 40.26
CA GLU F 55 0.80 14.79 38.96
C GLU F 55 0.00 16.00 38.53
N PRO F 56 0.36 16.64 37.42
CA PRO F 56 -0.30 17.91 37.05
C PRO F 56 -1.80 17.75 36.89
N GLY F 57 -2.55 18.66 37.49
CA GLY F 57 -3.99 18.67 37.40
C GLY F 57 -4.69 17.50 38.09
N LEU F 58 -4.09 16.95 39.14
CA LEU F 58 -4.71 15.86 39.91
C LEU F 58 -4.65 16.19 41.39
N VAL F 59 -5.81 16.38 42.00
CA VAL F 59 -5.90 16.35 43.46
C VAL F 59 -5.80 14.89 43.92
N GLN F 60 -4.81 14.61 44.75
CA GLN F 60 -4.50 13.25 45.18
C GLN F 60 -4.69 13.11 46.68
N LEU F 61 -5.31 12.00 47.08
CA LEU F 61 -5.71 11.75 48.46
C LEU F 61 -5.30 10.32 48.79
N VAL F 62 -4.81 10.11 50.01
CA VAL F 62 -4.36 8.80 50.45
C VAL F 62 -4.96 8.53 51.83
N ASN F 63 -5.15 7.25 52.15
CA ASN F 63 -5.86 6.86 53.36
C ASN F 63 -4.95 6.59 54.55
N TYR F 64 -3.72 7.09 54.50
CA TYR F 64 -2.76 6.93 55.58
C TYR F 64 -2.02 8.23 55.85
N TYR F 65 -1.91 8.58 57.14
CA TYR F 65 -1.14 9.75 57.58
C TYR F 65 0.31 9.35 57.76
N ARG F 66 1.19 9.86 56.90
CA ARG F 66 2.62 9.68 57.08
C ARG F 66 3.07 10.27 58.41
N GLY F 67 3.72 9.44 59.22
CA GLY F 67 4.09 9.80 60.57
C GLY F 67 3.13 9.31 61.64
N ALA F 68 1.96 8.77 61.24
CA ALA F 68 0.99 8.30 62.23
C ALA F 68 1.47 7.06 62.98
N ASP F 69 2.46 6.35 62.45
CA ASP F 69 3.07 5.22 63.14
C ASP F 69 3.58 5.59 64.53
N LYS F 70 3.99 6.85 64.73
CA LYS F 70 4.48 7.24 66.05
C LYS F 70 3.44 7.00 67.13
N LEU F 71 2.17 6.94 66.74
CA LEU F 71 1.08 6.61 67.66
C LEU F 71 0.78 5.12 67.67
N CYS F 72 0.99 4.43 66.55
CA CYS F 72 0.45 3.09 66.34
C CYS F 72 1.46 1.98 66.55
N ARG F 73 2.70 2.30 66.86
CA ARG F 73 3.69 1.32 67.26
C ARG F 73 3.88 1.42 68.77
N LYS F 74 3.95 0.26 69.45
CA LYS F 74 3.88 0.24 70.90
C LYS F 74 5.06 0.93 71.56
N ALA F 75 6.27 0.69 71.04
CA ALA F 75 7.44 1.39 71.55
C ALA F 75 7.32 2.89 71.32
N SER F 76 6.81 3.27 70.14
CA SER F 76 6.70 4.67 69.76
C SER F 76 5.65 5.40 70.61
N LEU F 77 4.51 4.75 70.87
CA LEU F 77 3.50 5.38 71.69
C LEU F 77 4.05 5.72 73.06
N VAL F 78 4.78 4.78 73.68
CA VAL F 78 5.35 5.04 75.00
C VAL F 78 6.30 6.22 74.94
N LYS F 79 7.19 6.21 73.95
CA LYS F 79 8.13 7.33 73.80
C LYS F 79 7.38 8.64 73.55
N LEU F 80 6.35 8.61 72.70
CA LEU F 80 5.62 9.82 72.39
C LEU F 80 4.90 10.38 73.62
N ILE F 81 4.22 9.53 74.38
CA ILE F 81 3.53 10.00 75.58
C ILE F 81 4.52 10.54 76.61
N LYS F 82 5.66 9.86 76.77
CA LYS F 82 6.59 10.23 77.83
C LYS F 82 7.24 11.59 77.55
N THR F 83 7.70 11.80 76.32
CA THR F 83 8.48 12.99 75.97
C THR F 83 7.64 14.12 75.38
N SER F 84 6.34 13.95 75.18
CA SER F 84 5.62 15.11 74.68
C SER F 84 5.19 15.98 75.86
N PRO F 85 5.48 17.30 75.83
CA PRO F 85 4.98 18.19 76.90
C PRO F 85 3.46 18.18 77.08
N GLU F 86 2.70 18.08 75.97
CA GLU F 86 1.23 18.08 75.96
C GLU F 86 0.63 16.78 76.46
N LEU F 87 1.44 15.71 76.62
CA LEU F 87 1.00 14.43 77.16
C LEU F 87 1.58 14.09 78.54
N SER F 88 2.79 14.57 78.88
CA SER F 88 3.43 14.34 80.19
C SER F 88 3.39 12.86 80.62
N CYS F 91 -0.10 12.66 82.06
CA CYS F 91 -0.84 11.53 81.52
C CYS F 91 -1.38 10.54 82.55
N THR F 92 -2.62 10.79 82.98
CA THR F 92 -3.30 9.99 84.00
C THR F 92 -4.01 8.77 83.42
N TRP F 93 -3.96 8.56 82.10
CA TRP F 93 -4.74 7.50 81.49
C TRP F 93 -3.88 6.48 80.73
N PHE F 94 -2.56 6.65 80.74
CA PHE F 94 -1.65 5.69 80.14
C PHE F 94 -0.94 4.91 81.24
N PRO F 95 -1.04 3.59 81.24
CA PRO F 95 -0.35 2.79 82.27
C PRO F 95 1.15 3.04 82.23
N GLU F 96 1.77 2.93 83.40
CA GLU F 96 3.22 3.02 83.48
C GLU F 96 3.86 2.07 82.48
N SER F 97 4.78 2.59 81.70
CA SER F 97 5.37 1.81 80.63
C SER F 97 6.85 2.13 80.54
N TYR F 98 7.63 1.11 80.17
CA TYR F 98 9.06 1.26 79.96
C TYR F 98 9.40 0.50 78.67
N VAL F 99 10.23 1.10 77.82
CA VAL F 99 10.70 0.43 76.60
C VAL F 99 12.09 -0.13 76.89
N ILE F 100 12.30 -1.41 76.55
CA ILE F 100 13.52 -2.15 76.83
C ILE F 100 13.91 -2.90 75.56
N TYR F 101 15.21 -2.94 75.27
CA TYR F 101 15.71 -3.55 74.03
C TYR F 101 16.29 -4.96 74.25
N GLU F 129 16.10 -0.57 83.27
CA GLU F 129 16.76 -0.01 84.44
C GLU F 129 15.85 0.89 85.28
N VAL F 130 15.34 1.98 84.69
CA VAL F 130 14.33 2.79 85.37
C VAL F 130 13.14 1.93 85.77
N PHE F 131 12.77 0.96 84.92
CA PHE F 131 11.81 -0.08 85.27
C PHE F 131 12.10 -0.65 86.67
N LEU F 132 13.21 -1.36 86.82
CA LEU F 132 13.69 -1.89 88.09
C LEU F 132 13.50 -0.92 89.27
N ALA F 133 13.96 0.33 89.10
CA ALA F 133 13.78 1.40 90.07
C ALA F 133 12.35 1.46 90.61
N ALA F 134 11.37 1.81 89.76
CA ALA F 134 9.97 1.84 90.17
C ALA F 134 9.46 0.46 90.65
N TYR F 135 9.95 -0.63 90.05
CA TYR F 135 9.59 -1.98 90.50
C TYR F 135 9.89 -2.19 91.98
N ASN F 136 11.05 -1.72 92.44
CA ASN F 136 11.41 -1.87 93.85
C ASN F 136 10.50 -1.01 94.72
N ARG F 137 10.19 0.22 94.28
CA ARG F 137 9.24 1.04 95.01
C ARG F 137 7.88 0.37 95.14
N ARG F 138 7.59 -0.62 94.30
CA ARG F 138 6.43 -1.48 94.48
C ARG F 138 6.71 -2.69 95.36
N ARG F 139 7.96 -3.18 95.37
CA ARG F 139 8.37 -4.20 96.34
C ARG F 139 8.34 -3.66 97.77
N GLU F 140 8.58 -2.36 97.95
CA GLU F 140 8.60 -1.71 99.26
C GLU F 140 7.30 -1.96 100.02
N GLY F 141 6.21 -1.38 99.53
CA GLY F 141 4.88 -1.58 100.09
C GLY F 141 4.17 -2.82 99.60
N ARG F 142 4.85 -3.63 98.77
CA ARG F 142 4.33 -4.89 98.25
C ARG F 142 2.99 -4.73 97.53
N GLU F 143 2.66 -3.51 97.11
CA GLU F 143 1.43 -3.32 96.36
C GLU F 143 1.54 -3.98 94.99
N GLY F 144 0.38 -4.29 94.41
CA GLY F 144 0.26 -5.00 93.15
C GLY F 144 1.38 -4.72 92.16
N ASN F 145 2.17 -5.75 91.88
CA ASN F 145 3.44 -5.58 91.19
C ASN F 145 3.54 -6.54 90.01
N VAL F 146 2.44 -6.70 89.29
CA VAL F 146 2.40 -7.51 88.08
C VAL F 146 2.55 -6.59 86.88
N TRP F 147 3.25 -7.06 85.85
CA TRP F 147 3.54 -6.30 84.65
C TRP F 147 3.32 -7.20 83.45
N ILE F 148 3.36 -6.60 82.26
CA ILE F 148 3.03 -7.33 81.04
C ILE F 148 4.06 -7.02 79.96
N ALA F 149 4.25 -7.98 79.06
CA ALA F 149 5.14 -7.83 77.93
C ALA F 149 4.80 -8.89 76.91
N ILE F 162 2.47 -11.92 80.64
CA ILE F 162 2.15 -11.42 81.98
C ILE F 162 2.89 -12.20 83.05
N SER F 163 3.66 -11.50 83.89
CA SER F 163 4.43 -12.14 84.93
C SER F 163 4.36 -11.30 86.20
N SER F 164 4.76 -11.92 87.32
CA SER F 164 4.72 -11.28 88.64
C SER F 164 6.07 -10.77 89.12
N GLU F 165 7.17 -11.41 88.69
CA GLU F 165 8.52 -11.03 89.05
C GLU F 165 9.28 -10.60 87.80
N ALA F 166 10.20 -9.63 87.97
CA ALA F 166 10.92 -9.04 86.83
C ALA F 166 11.71 -10.05 86.01
N SER F 167 12.78 -10.59 86.61
CA SER F 167 13.79 -11.35 85.90
C SER F 167 13.18 -12.46 85.05
N GLU F 168 11.92 -12.84 85.31
CA GLU F 168 11.26 -13.76 84.39
C GLU F 168 10.76 -13.05 83.14
N LEU F 169 10.50 -11.74 83.22
CA LEU F 169 10.08 -10.97 82.05
C LEU F 169 11.27 -10.65 81.14
N LEU F 170 12.33 -10.06 81.70
CA LEU F 170 13.51 -9.71 80.92
C LEU F 170 14.15 -10.93 80.27
N ASP F 171 14.03 -12.11 80.90
CA ASP F 171 14.58 -13.31 80.27
C ASP F 171 13.75 -13.73 79.07
N PHE F 172 12.45 -13.44 79.09
CA PHE F 172 11.57 -13.69 77.95
C PHE F 172 11.90 -12.73 76.83
N HIS F 180 10.39 -4.27 72.72
CA HIS F 180 9.28 -4.59 73.60
C HIS F 180 9.02 -3.47 74.61
N VAL F 181 7.86 -3.50 75.23
CA VAL F 181 7.51 -2.56 76.31
C VAL F 181 7.03 -3.36 77.51
N ILE F 182 7.54 -3.01 78.70
CA ILE F 182 6.99 -3.50 79.96
C ILE F 182 6.00 -2.47 80.45
N GLN F 183 4.77 -2.93 80.69
CA GLN F 183 3.64 -2.06 81.00
C GLN F 183 2.93 -2.61 82.22
N LYS F 184 2.65 -1.73 83.18
CA LYS F 184 1.93 -2.13 84.38
C LYS F 184 0.64 -2.84 83.99
N TYR F 185 0.46 -4.04 84.54
CA TYR F 185 -0.77 -4.80 84.37
C TYR F 185 -1.84 -4.23 85.29
N LEU F 186 -3.05 -4.10 84.76
CA LEU F 186 -4.16 -3.51 85.48
C LEU F 186 -4.84 -4.62 86.27
N GLU F 187 -4.46 -4.76 87.53
CA GLU F 187 -4.89 -5.90 88.32
C GLU F 187 -6.35 -5.83 88.74
N LYS F 188 -6.90 -4.62 88.85
CA LYS F 188 -8.29 -4.45 89.22
C LYS F 188 -9.12 -3.98 88.02
N PRO F 189 -9.40 -4.83 87.03
CA PRO F 189 -10.28 -4.39 85.94
C PRO F 189 -11.72 -4.29 86.41
N LEU F 190 -12.55 -3.73 85.54
CA LEU F 190 -13.99 -3.86 85.70
C LEU F 190 -14.39 -5.19 85.08
N LEU F 191 -15.16 -5.98 85.83
CA LEU F 191 -15.58 -7.30 85.40
C LEU F 191 -17.08 -7.31 85.14
N LEU F 192 -17.47 -7.86 84.00
CA LEU F 192 -18.88 -7.95 83.67
C LEU F 192 -19.56 -9.06 84.46
N GLU F 193 -20.85 -8.91 84.70
CA GLU F 193 -21.65 -9.91 85.41
C GLU F 193 -22.95 -10.15 84.66
N PRO F 194 -23.35 -11.40 84.45
CA PRO F 194 -22.76 -12.63 84.99
C PRO F 194 -21.52 -13.06 84.22
N GLY F 195 -20.54 -13.62 84.93
CA GLY F 195 -19.42 -14.23 84.26
C GLY F 195 -18.07 -13.83 84.79
N HIS F 196 -18.02 -12.82 85.66
CA HIS F 196 -16.76 -12.27 86.18
C HIS F 196 -15.73 -12.11 85.06
N ARG F 197 -16.15 -11.50 83.95
CA ARG F 197 -15.39 -11.47 82.71
C ARG F 197 -14.65 -10.16 82.51
N LYS F 198 -13.54 -10.24 81.79
CA LYS F 198 -12.76 -9.08 81.34
C LYS F 198 -13.25 -8.63 79.97
N PHE F 199 -12.87 -7.41 79.59
CA PHE F 199 -13.20 -6.88 78.27
C PHE F 199 -12.24 -5.74 77.95
N ASP F 200 -12.27 -5.32 76.69
CA ASP F 200 -11.66 -4.07 76.27
C ASP F 200 -12.59 -3.39 75.27
N ILE F 201 -12.42 -2.09 75.12
CA ILE F 201 -13.26 -1.31 74.21
C ILE F 201 -12.41 -0.89 73.01
N ARG F 202 -12.94 -1.11 71.82
CA ARG F 202 -12.35 -0.64 70.59
C ARG F 202 -13.22 0.49 70.07
N SER F 203 -12.62 1.67 69.90
CA SER F 203 -13.27 2.82 69.31
C SER F 203 -12.71 3.04 67.91
N TRP F 204 -13.58 3.39 66.97
CA TRP F 204 -13.14 3.66 65.61
C TRP F 204 -13.17 5.18 65.41
N VAL F 205 -12.03 5.73 64.99
CA VAL F 205 -11.83 7.18 64.92
C VAL F 205 -11.32 7.51 63.53
N LEU F 206 -11.97 8.47 62.87
CA LEU F 206 -11.62 8.87 61.52
C LEU F 206 -11.08 10.30 61.56
N VAL F 207 -9.86 10.49 61.07
CA VAL F 207 -9.28 11.81 60.88
C VAL F 207 -9.31 12.12 59.38
N ASP F 208 -9.95 13.22 59.02
CA ASP F 208 -10.07 13.61 57.62
C ASP F 208 -8.96 14.60 57.24
N HIS F 209 -8.95 15.02 55.97
CA HIS F 209 -7.87 15.86 55.47
C HIS F 209 -7.86 17.25 56.11
N LEU F 210 -8.97 17.70 56.70
CA LEU F 210 -8.97 18.95 57.41
C LEU F 210 -8.48 18.80 58.84
N TYR F 211 -8.08 17.57 59.20
CA TYR F 211 -7.74 17.17 60.57
C TYR F 211 -8.91 17.35 61.53
N ASN F 212 -10.12 17.17 61.03
CA ASN F 212 -11.28 16.98 61.89
C ASN F 212 -11.26 15.56 62.44
N ILE F 213 -11.56 15.40 63.73
CA ILE F 213 -11.46 14.12 64.41
C ILE F 213 -12.85 13.62 64.72
N TYR F 214 -13.25 12.55 64.02
CA TYR F 214 -14.58 11.95 64.11
C TYR F 214 -14.50 10.61 64.82
N LEU F 215 -15.28 10.46 65.90
CA LEU F 215 -15.43 9.19 66.60
C LEU F 215 -16.72 8.50 66.13
N TYR F 216 -16.59 7.29 65.58
CA TYR F 216 -17.75 6.49 65.23
C TYR F 216 -18.59 6.19 66.49
N ARG F 217 -19.92 6.35 66.37
CA ARG F 217 -20.83 6.21 67.50
C ARG F 217 -21.02 4.76 67.94
N GLU F 218 -20.65 3.79 67.10
CA GLU F 218 -20.63 2.38 67.46
C GLU F 218 -19.22 1.98 67.83
N GLY F 219 -19.03 1.54 69.07
CA GLY F 219 -17.84 0.85 69.49
C GLY F 219 -18.10 -0.65 69.59
N VAL F 220 -17.11 -1.35 70.13
CA VAL F 220 -17.28 -2.78 70.38
C VAL F 220 -16.56 -3.15 71.66
N LEU F 221 -17.21 -3.97 72.49
CA LEU F 221 -16.57 -4.64 73.60
C LEU F 221 -16.11 -6.02 73.15
N ARG F 222 -14.84 -6.30 73.36
CA ARG F 222 -14.26 -7.57 72.98
C ARG F 222 -14.00 -8.30 74.29
N THR F 223 -14.91 -9.20 74.63
CA THR F 223 -15.00 -9.74 75.98
C THR F 223 -14.31 -11.09 76.10
N SER F 224 -13.85 -11.38 77.31
CA SER F 224 -13.40 -12.72 77.70
C SER F 224 -14.60 -13.58 78.08
N SER F 225 -14.51 -14.88 77.79
CA SER F 225 -15.57 -15.81 78.15
C SER F 225 -15.26 -16.67 79.38
N GLU F 226 -13.98 -16.89 79.67
CA GLU F 226 -13.66 -17.55 80.94
C GLU F 226 -13.46 -16.50 82.03
N PRO F 227 -14.11 -16.65 83.18
CA PRO F 227 -13.96 -15.65 84.26
C PRO F 227 -12.53 -15.28 84.64
N TYR F 228 -12.36 -14.14 85.29
CA TYR F 228 -11.05 -13.55 85.51
C TYR F 228 -10.40 -14.13 86.77
N ASN F 229 -9.18 -14.63 86.62
CA ASN F 229 -8.44 -15.29 87.69
C ASN F 229 -7.37 -14.35 88.25
N SER F 230 -7.60 -13.83 89.45
CA SER F 230 -6.65 -12.89 90.06
C SER F 230 -5.36 -13.59 90.44
N ASP F 235 -2.09 -19.06 82.66
CA ASP F 235 -3.32 -19.08 81.88
C ASP F 235 -3.69 -17.65 81.49
N LYS F 236 -4.27 -17.48 80.28
CA LYS F 236 -4.45 -16.15 79.71
C LYS F 236 -5.74 -15.94 78.90
N THR F 237 -6.54 -16.98 78.64
CA THR F 237 -7.77 -16.78 77.86
C THR F 237 -8.73 -15.80 78.54
N CYS F 238 -8.72 -15.75 79.89
CA CYS F 238 -9.44 -14.78 80.71
C CYS F 238 -8.70 -13.46 80.90
N HIS F 239 -7.43 -13.37 80.48
CA HIS F 239 -6.58 -12.19 80.63
C HIS F 239 -6.37 -11.43 79.33
N LEU F 240 -6.29 -12.13 78.20
CA LEU F 240 -6.21 -11.55 76.87
C LEU F 240 -7.57 -11.66 76.20
N THR F 241 -8.12 -10.52 75.77
CA THR F 241 -9.48 -10.41 75.26
C THR F 241 -9.56 -10.45 73.75
N ASN F 242 -8.46 -10.77 73.07
CA ASN F 242 -8.41 -10.75 71.62
C ASN F 242 -9.52 -11.62 71.03
N HIS F 243 -10.07 -11.17 69.89
CA HIS F 243 -11.19 -11.87 69.29
C HIS F 243 -10.78 -13.24 68.75
N CYS F 244 -9.52 -13.38 68.37
CA CYS F 244 -9.02 -14.68 67.93
C CYS F 244 -8.73 -15.59 69.12
N ILE F 245 -8.06 -15.04 70.15
CA ILE F 245 -7.55 -15.83 71.27
C ILE F 245 -8.66 -16.56 72.03
N GLN F 246 -9.90 -16.10 71.91
CA GLN F 246 -11.00 -16.77 72.61
C GLN F 246 -11.45 -18.04 71.89
N LYS F 247 -11.43 -18.03 70.56
CA LYS F 247 -11.82 -19.18 69.75
C LYS F 247 -10.62 -19.98 69.27
N ASN F 252 -15.78 -22.41 75.69
CA ASN F 252 -16.42 -21.31 76.43
C ASN F 252 -16.76 -20.10 75.54
N TYR F 253 -16.08 -20.01 74.39
CA TYR F 253 -16.30 -18.90 73.46
C TYR F 253 -17.74 -18.87 72.96
N GLY F 254 -18.32 -17.66 72.92
CA GLY F 254 -19.64 -17.45 72.35
C GLY F 254 -20.81 -17.59 73.29
N ARG F 255 -20.57 -17.76 74.59
CA ARG F 255 -21.63 -18.02 75.56
C ARG F 255 -22.59 -16.84 75.72
N TYR F 256 -22.06 -15.72 76.23
CA TYR F 256 -22.90 -14.62 76.70
C TYR F 256 -23.34 -13.70 75.58
N GLU F 257 -22.49 -13.50 74.56
CA GLU F 257 -22.82 -12.65 73.43
C GLU F 257 -22.22 -13.24 72.17
N GLU F 258 -22.94 -13.08 71.05
CA GLU F 258 -22.52 -13.66 69.78
C GLU F 258 -21.13 -13.17 69.36
N GLY F 259 -20.13 -14.03 69.52
CA GLY F 259 -18.79 -13.73 69.08
C GLY F 259 -17.92 -13.00 70.08
N ASN F 260 -18.25 -13.06 71.37
CA ASN F 260 -17.52 -12.31 72.40
C ASN F 260 -17.49 -10.82 72.06
N GLU F 261 -18.60 -10.33 71.54
CA GLU F 261 -18.75 -8.94 71.11
C GLU F 261 -20.02 -8.37 71.72
N MET F 262 -19.87 -7.47 72.68
CA MET F 262 -20.97 -6.70 73.23
C MET F 262 -20.95 -5.30 72.61
N PHE F 263 -22.09 -4.86 72.09
CA PHE F 263 -22.19 -3.56 71.46
C PHE F 263 -22.71 -2.54 72.48
N PHE F 264 -22.80 -1.28 72.04
CA PHE F 264 -22.92 -0.17 72.98
C PHE F 264 -24.30 -0.11 73.61
N GLU F 265 -25.35 -0.43 72.86
CA GLU F 265 -26.70 -0.39 73.41
C GLU F 265 -26.81 -1.26 74.65
N GLU F 266 -26.16 -2.43 74.64
CA GLU F 266 -26.25 -3.37 75.74
C GLU F 266 -25.27 -3.08 76.86
N PHE F 267 -24.05 -2.64 76.53
CA PHE F 267 -23.14 -2.23 77.59
C PHE F 267 -23.73 -1.05 78.36
N ASN F 268 -24.42 -0.16 77.66
CA ASN F 268 -25.05 0.97 78.33
C ASN F 268 -26.24 0.51 79.18
N GLN F 269 -27.07 -0.39 78.64
CA GLN F 269 -28.12 -0.98 79.46
C GLN F 269 -27.53 -1.70 80.66
N TYR F 270 -26.43 -2.41 80.47
CA TYR F 270 -25.80 -3.10 81.60
C TYR F 270 -25.35 -2.12 82.66
N LEU F 271 -24.61 -1.07 82.27
CA LEU F 271 -24.08 -0.12 83.24
C LEU F 271 -25.21 0.61 83.96
N MET F 272 -26.27 0.97 83.22
CA MET F 272 -27.45 1.57 83.83
C MET F 272 -28.00 0.66 84.92
N ASP F 273 -28.19 -0.62 84.60
CA ASP F 273 -28.81 -1.58 85.52
C ASP F 273 -27.88 -1.94 86.67
N ALA F 274 -26.61 -2.19 86.40
CA ALA F 274 -25.73 -2.66 87.47
C ALA F 274 -25.15 -1.51 88.28
N LEU F 275 -24.73 -0.43 87.62
CA LEU F 275 -23.94 0.61 88.27
C LEU F 275 -24.61 1.97 88.38
N ASN F 276 -25.83 2.14 87.85
CA ASN F 276 -26.56 3.40 87.97
C ASN F 276 -25.77 4.56 87.37
N THR F 277 -25.40 4.38 86.11
CA THR F 277 -24.59 5.35 85.37
C THR F 277 -24.74 5.00 83.90
N THR F 278 -24.20 5.85 83.04
CA THR F 278 -24.35 5.65 81.60
C THR F 278 -23.01 5.38 80.94
N LEU F 279 -23.08 4.84 79.72
CA LEU F 279 -21.87 4.68 78.93
C LEU F 279 -21.21 6.04 78.67
N GLU F 280 -22.02 7.06 78.35
CA GLU F 280 -21.49 8.40 78.13
C GLU F 280 -20.82 8.95 79.38
N ASN F 281 -21.52 8.96 80.51
CA ASN F 281 -20.98 9.67 81.66
C ASN F 281 -19.76 8.98 82.25
N SER F 282 -19.81 7.64 82.38
CA SER F 282 -18.77 6.94 83.12
C SER F 282 -17.52 6.67 82.27
N ILE F 283 -17.67 6.51 80.96
CA ILE F 283 -16.58 5.99 80.17
C ILE F 283 -16.29 6.87 78.95
N LEU F 284 -17.35 7.35 78.27
CA LEU F 284 -17.16 7.96 76.95
C LEU F 284 -16.60 9.38 77.03
N LEU F 285 -16.80 10.10 78.13
CA LEU F 285 -16.11 11.37 78.29
C LEU F 285 -14.60 11.17 78.34
N GLN F 286 -14.16 10.06 78.94
CA GLN F 286 -12.73 9.77 79.03
C GLN F 286 -12.16 9.30 77.69
N ILE F 287 -12.93 8.54 76.93
CA ILE F 287 -12.46 8.07 75.64
C ILE F 287 -12.29 9.24 74.67
N LYS F 288 -13.29 10.12 74.61
CA LYS F 288 -13.18 11.30 73.76
C LYS F 288 -12.00 12.17 74.16
N HIS F 289 -11.66 12.17 75.45
CA HIS F 289 -10.52 12.93 75.93
C HIS F 289 -9.19 12.33 75.45
N ILE F 290 -9.05 11.02 75.55
CA ILE F 290 -7.80 10.37 75.18
C ILE F 290 -7.57 10.46 73.67
N ILE F 291 -8.60 10.22 72.88
CA ILE F 291 -8.46 10.33 71.43
C ILE F 291 -7.97 11.71 71.04
N ARG F 292 -8.55 12.74 71.66
CA ARG F 292 -8.20 14.11 71.29
C ARG F 292 -6.78 14.46 71.75
N SER F 293 -6.42 14.07 72.96
CA SER F 293 -5.05 14.30 73.43
C SER F 293 -4.04 13.64 72.49
N CYS F 294 -4.26 12.37 72.13
CA CYS F 294 -3.29 11.66 71.33
C CYS F 294 -3.11 12.33 69.95
N LEU F 295 -4.22 12.68 69.28
CA LEU F 295 -4.15 13.13 67.88
C LEU F 295 -3.84 14.61 67.75
N MET F 296 -4.25 15.42 68.72
CA MET F 296 -3.82 16.81 68.70
C MET F 296 -2.33 16.92 69.03
N CYS F 297 -1.79 15.94 69.78
CA CYS F 297 -0.37 15.97 70.11
C CYS F 297 0.51 15.83 68.88
N ILE F 298 0.16 14.95 67.95
CA ILE F 298 0.97 14.75 66.76
C ILE F 298 0.50 15.57 65.57
N GLU F 299 -0.56 16.38 65.73
CA GLU F 299 -1.12 17.10 64.58
C GLU F 299 -0.08 17.91 63.83
N PRO F 300 0.84 18.65 64.48
CA PRO F 300 1.87 19.38 63.71
C PRO F 300 2.76 18.48 62.88
N ALA F 301 3.11 17.30 63.38
CA ALA F 301 4.07 16.45 62.68
C ALA F 301 3.49 15.77 61.45
N ILE F 302 2.19 15.53 61.41
CA ILE F 302 1.62 14.68 60.38
C ILE F 302 0.58 15.37 59.52
N SER F 303 0.09 16.55 59.92
CA SER F 303 -0.99 17.22 59.21
C SER F 303 -0.61 17.54 57.77
N THR F 304 -1.61 17.54 56.88
CA THR F 304 -1.39 17.80 55.46
C THR F 304 -2.07 19.09 55.01
N LYS F 305 -2.15 20.08 55.91
CA LYS F 305 -2.93 21.29 55.68
C LYS F 305 -2.44 22.07 54.46
N HIS F 306 -1.15 22.38 54.40
CA HIS F 306 -0.58 23.12 53.27
C HIS F 306 0.39 22.25 52.48
N LEU F 307 -0.01 21.02 52.23
CA LEU F 307 0.82 20.01 51.58
C LEU F 307 0.30 19.76 50.17
N HIS F 308 1.18 19.21 49.34
CA HIS F 308 0.87 18.96 47.94
C HIS F 308 0.02 17.72 47.73
N TYR F 309 -0.24 16.95 48.80
CA TYR F 309 -1.17 15.84 48.80
C TYR F 309 -1.87 15.81 50.15
N GLN F 310 -3.09 15.28 50.18
CA GLN F 310 -3.90 15.27 51.39
C GLN F 310 -4.01 13.85 51.96
N SER F 311 -4.27 13.76 53.25
CA SER F 311 -4.33 12.50 53.96
C SER F 311 -5.61 12.41 54.78
N PHE F 312 -6.15 11.19 54.90
CA PHE F 312 -7.10 10.86 55.96
C PHE F 312 -6.70 9.52 56.55
N GLN F 313 -7.28 9.16 57.70
CA GLN F 313 -6.97 7.84 58.24
C GLN F 313 -7.97 7.41 59.30
N LEU F 314 -8.34 6.12 59.24
CA LEU F 314 -9.15 5.44 60.24
C LEU F 314 -8.23 4.79 61.27
N PHE F 315 -8.56 4.97 62.55
CA PHE F 315 -7.80 4.43 63.66
C PHE F 315 -8.71 3.59 64.56
N GLY F 316 -8.11 2.58 65.16
CA GLY F 316 -8.76 1.84 66.22
C GLY F 316 -8.04 2.08 67.52
N PHE F 317 -8.68 2.78 68.45
CA PHE F 317 -8.15 2.94 69.79
C PHE F 317 -8.67 1.80 70.65
N ASP F 318 -7.79 1.26 71.50
CA ASP F 318 -8.12 0.17 72.41
C ASP F 318 -8.05 0.71 73.84
N PHE F 319 -9.14 0.59 74.58
CA PHE F 319 -9.19 1.09 75.94
C PHE F 319 -9.46 -0.06 76.92
N MET F 320 -9.12 0.20 78.20
CA MET F 320 -9.46 -0.68 79.31
C MET F 320 -10.11 0.14 80.40
N VAL F 321 -11.18 -0.38 80.99
CA VAL F 321 -11.89 0.26 82.09
C VAL F 321 -11.58 -0.49 83.38
N ASP F 322 -11.08 0.20 84.40
CA ASP F 322 -10.85 -0.44 85.68
C ASP F 322 -12.13 -0.35 86.53
N GLU F 323 -12.08 -0.87 87.76
CA GLU F 323 -13.31 -1.00 88.55
C GLU F 323 -13.74 0.31 89.21
N GLU F 324 -12.93 1.37 89.14
CA GLU F 324 -13.37 2.70 89.52
C GLU F 324 -13.98 3.48 88.35
N LEU F 325 -14.28 2.80 87.24
CA LEU F 325 -14.83 3.42 86.01
C LEU F 325 -13.90 4.48 85.46
N LYS F 326 -12.61 4.20 85.52
CA LYS F 326 -11.57 4.99 84.87
C LYS F 326 -11.14 4.29 83.60
N VAL F 327 -10.90 5.06 82.55
CA VAL F 327 -10.51 4.52 81.24
C VAL F 327 -9.01 4.70 81.04
N TRP F 328 -8.35 3.64 80.59
CA TRP F 328 -6.95 3.64 80.26
C TRP F 328 -6.78 3.30 78.79
N LEU F 329 -5.76 3.89 78.17
CA LEU F 329 -5.43 3.64 76.78
C LEU F 329 -4.47 2.45 76.67
N ILE F 330 -4.89 1.39 75.98
CA ILE F 330 -4.02 0.24 75.77
C ILE F 330 -3.05 0.51 74.64
N GLU F 331 -3.59 0.78 73.45
CA GLU F 331 -2.77 1.01 72.26
C GLU F 331 -3.66 1.55 71.13
N VAL F 332 -3.01 2.07 70.10
CA VAL F 332 -3.67 2.72 68.96
C VAL F 332 -3.33 1.92 67.72
N ASN F 333 -4.35 1.47 67.00
CA ASN F 333 -4.18 0.60 65.86
C ASN F 333 -4.35 1.41 64.57
N GLY F 334 -3.32 1.37 63.71
CA GLY F 334 -3.29 2.16 62.50
C GLY F 334 -3.98 1.58 61.28
N ALA F 335 -4.12 0.25 61.24
CA ALA F 335 -4.82 -0.44 60.15
C ALA F 335 -5.85 -1.40 60.72
N PRO F 336 -6.86 -0.89 61.42
CA PRO F 336 -7.80 -1.77 62.10
C PRO F 336 -8.83 -2.37 61.14
N ALA F 337 -9.45 -3.45 61.58
CA ALA F 337 -10.62 -4.01 60.93
C ALA F 337 -11.88 -3.49 61.65
N CYS F 338 -13.04 -4.00 61.24
CA CYS F 338 -14.30 -3.58 61.84
C CYS F 338 -15.05 -4.80 62.35
N ALA F 339 -16.04 -4.57 63.22
CA ALA F 339 -16.99 -5.62 63.57
C ALA F 339 -17.91 -5.86 62.37
N GLN F 340 -18.18 -7.13 62.08
CA GLN F 340 -18.95 -7.51 60.89
C GLN F 340 -20.29 -6.78 60.83
N LYS F 341 -20.95 -6.62 61.98
CA LYS F 341 -22.25 -5.97 61.99
C LYS F 341 -22.15 -4.50 61.61
N LEU F 342 -20.99 -3.87 61.79
CA LEU F 342 -20.80 -2.44 61.59
C LEU F 342 -20.08 -2.10 60.29
N TYR F 343 -19.55 -3.09 59.57
CA TYR F 343 -18.80 -2.82 58.35
C TYR F 343 -19.56 -1.91 57.39
N ALA F 344 -20.83 -2.23 57.16
CA ALA F 344 -21.63 -1.45 56.22
C ALA F 344 -21.64 0.01 56.60
N GLU F 345 -22.14 0.31 57.80
CA GLU F 345 -22.35 1.69 58.23
C GLU F 345 -21.02 2.48 58.29
N LEU F 346 -19.98 1.87 58.86
CA LEU F 346 -18.73 2.61 59.04
C LEU F 346 -18.05 2.89 57.70
N CYS F 347 -18.09 1.93 56.78
CA CYS F 347 -17.40 2.12 55.52
C CYS F 347 -18.08 3.19 54.67
N GLN F 348 -19.41 3.25 54.73
CA GLN F 348 -20.14 4.31 54.04
C GLN F 348 -19.77 5.68 54.59
N GLY F 349 -19.60 5.79 55.92
CA GLY F 349 -19.24 7.07 56.51
C GLY F 349 -17.83 7.53 56.13
N ILE F 350 -16.89 6.59 56.01
CA ILE F 350 -15.58 6.92 55.45
C ILE F 350 -15.73 7.59 54.09
N VAL F 351 -16.56 7.00 53.23
CA VAL F 351 -16.81 7.57 51.90
C VAL F 351 -17.48 8.94 52.03
N ASP F 352 -18.38 9.08 53.00
CA ASP F 352 -19.18 10.31 53.10
C ASP F 352 -18.32 11.51 53.49
N VAL F 353 -17.52 11.37 54.57
CA VAL F 353 -16.86 12.51 55.17
C VAL F 353 -15.37 12.61 54.85
N ALA F 354 -14.73 11.53 54.41
CA ALA F 354 -13.30 11.55 54.12
C ALA F 354 -12.98 11.68 52.64
N ILE F 355 -13.77 11.02 51.78
CA ILE F 355 -13.47 10.90 50.36
C ILE F 355 -14.33 11.84 49.53
N SER F 356 -15.63 11.90 49.81
CA SER F 356 -16.51 12.78 49.06
C SER F 356 -16.32 14.24 49.45
N SER F 357 -15.88 14.51 50.68
CA SER F 357 -15.57 15.89 51.05
C SER F 357 -14.48 16.50 50.17
N VAL F 358 -13.65 15.67 49.54
CA VAL F 358 -12.58 16.14 48.66
C VAL F 358 -13.03 15.97 47.21
N PHE F 359 -13.87 14.98 46.97
CA PHE F 359 -14.30 14.63 45.62
C PHE F 359 -15.82 14.49 45.63
N PRO F 360 -16.54 15.61 45.60
CA PRO F 360 -18.01 15.54 45.73
C PRO F 360 -18.64 14.86 44.53
N LEU F 361 -19.73 14.13 44.80
CA LEU F 361 -20.51 13.42 43.78
C LEU F 361 -21.63 14.31 43.20
N SER F 373 -25.48 12.23 61.11
CA SER F 373 -24.11 11.71 61.08
C SER F 373 -23.95 10.53 62.05
N ILE F 374 -23.31 9.47 61.57
CA ILE F 374 -22.95 8.32 62.40
C ILE F 374 -21.70 8.64 63.22
N PHE F 375 -21.32 9.91 63.29
CA PHE F 375 -20.07 10.31 63.92
C PHE F 375 -20.31 11.37 64.98
N ILE F 376 -19.47 11.32 66.02
CA ILE F 376 -19.38 12.37 67.02
C ILE F 376 -18.18 13.24 66.67
N LYS F 377 -18.41 14.56 66.51
CA LYS F 377 -17.32 15.48 66.22
C LYS F 377 -16.54 15.76 67.49
N LEU F 378 -15.28 15.31 67.51
CA LEU F 378 -14.36 15.67 68.56
C LEU F 378 -13.57 16.92 68.22
N HIS F 379 -13.65 17.36 66.96
CA HIS F 379 -12.76 18.40 66.45
C HIS F 379 -13.28 19.01 65.15
N HIS F 380 -13.40 20.34 65.10
CA HIS F 380 -13.78 21.11 63.89
C HIS F 380 -12.97 22.41 63.77
#